data_4WSB
#
_entry.id   4WSB
#
_cell.length_a   268.190
_cell.length_b   149.320
_cell.length_c   88.620
_cell.angle_alpha   90.00
_cell.angle_beta   98.00
_cell.angle_gamma   90.00
#
_symmetry.space_group_name_H-M   'C 1 2 1'
#
loop_
_entity.id
_entity.type
_entity.pdbx_description
1 polymer 'Polymerase PA'
2 polymer 'RNA-directed RNA polymerase catalytic subunit'
3 polymer 'Polymerase PB2'
4 polymer "Influenza A polymerase vRNA promoter 3' end"
5 polymer "Influenza A polymerase vRNA promoter 5' end"
6 non-polymer 'ZINC ION'
7 non-polymer 'PHOSPHATE ION'
8 water water
#
loop_
_entity_poly.entity_id
_entity_poly.type
_entity_poly.pdbx_seq_one_letter_code
_entity_poly.pdbx_strand_id
1 'polypeptide(L)'
;GSHHHHHHHHGSGSMENFVRTNFNPMILERAEKTMKEYGENPQNEGNKFAAISTHMEVCFMYSDFHFIDLEGNTIVKEND
DDNAMLKHRFEIIEGQERNIAWTIVNSICNMTENSKPRFLPDLYDYKTNKFIEIGVTRRKVEDYYYEKASKLKGENVYIH
IFSFDGEEMATDDEYILDEESRARIKTRLFVLRQELATAGLWDSFRQSEKGEETLEEEFSYPPTFQRLANQSLPPSFKDY
HQFKAYVSSFKANGNIEAKLGAMSEKVNAQIESFDPRTIRELELPEGKFCTQRSKFLLMDAMKLSVLNPAHEGEGIPMKD
AKACLDTFWGWKKATIIKKHEKGVNTNYLMIWEQLLESIKEMEGKFLNLKKTNHLKWGLGEGQAPEKMDFEDCKEVPDLF
QYKSEPPEKRKLASWIQSEFNKASELTNSNWIEFDELGNDVAPIEHIASRRRNFFTAEVSQCRASEYIMKAVYINTALLN
SSCTAMEEYQVIPIITKCRDTSGQRRTNLYGFIIKGRSHLRNDTDVVNFISLEFSLTDPRNEIHKWEKYCVLEIGDMEIR
TSISTIMKPVYLYVRTNGTSKIKMKWGMEMRRCLLQSLQQVESMIEAESAVKEKDMTEPFFRNRENDWPIGESPQGIEKG
TIGKVCRVLLAKSVFNSIYASAQLEGFSAESRKLLLLIQAFRDNLDPGTFDLKGLYEAIEECIINDPWVLLNASWFNSFL
KAVQLSMGSGSGENLYFQ
;
A
2 'polypeptide(L)'
;GSGSGSGSGMDVNPMLIFLKVPVQNAISTTFPYTGDPPYSHGTGTGYTMDTVIRTHDYSSRGIWKTNSETGAQQLNPIDG
PLPEDNEPSGYAQTDCVLELIEGLDRSHPGLFETACQETIDAIQQTRVDKLTQGRQTYDWTLNRNQPAATALANTIEVFR
KNGYKLNESGRLIDFLKDVLLSFENDSMEVTTHFQKKKRIRDNHSKKMITQRTIGKKRVKLTKKNYLIRALTLNTMTKDA
ERGKLKRRAIATPGMQIRGFVYFVELLARNICERLEQSGLPVGGNEKKAKLANVIKKMMAKSTDEELSYTITGDNTKWNE
NQNPRIFLAMVLRITAGQPEWFRDLLAVAPIMFSNKVARLGRGYMFESKSMHLRTQISAENLSDINLRYFNEDTKKKIEK
IRHLMVEGTASLSPGMMMGMFNMLSTVLGVSVLNLGQREILKRTYWWDGLQSSDDFALIINGHFKEDIQQGVNHFYRTCK
LVGINMSQKKSYINKTGTFEFTSFFYRYGFVANFSMELPSFGVAGNNESADMSIGTTVIKTNMINNDLGPATAQMAIQLF
IKDYRYTYRCHRGDTNLETRRTKSIKRLWTETISKAGLLVADGGPNPYNLRNLHIPEVCLKWSLMDPDYRGRLCNPNNPF
VHHMEVESTNLAVVMPAHGPAKSLEYDAVATTHSWTPKRNRSILNTNQRGILEDERIYQKCCQVFEKFFPSSTYRRPIGM
ASMLDAMLSRARIDARIDLESGRISSQDFSEITNTCKAIEALKRQGSGSGENLYFQ
;
B
3 'polypeptide(L)'
;GSGSGSGSMERIKELMEMVKNSRMREILTTTSVDHMAVIKKYTSGRQEKNPALRMKWMMAMKYPISASSRIREMIPEKDE
DGNTLWTNTKDAGSNRVLVSPNAVTWWNRAGPVSDVVHYPRVYKMYFDRLERLTHGTFGPVKFYNQVKVRKRVDINPGHK
DLTSREAQEVIMEVVFPNEVGARTLSSDAQLTITKEKKEELKNCKISPIMVAYMLERELVRRTRFLPIAGATSSTYVEVL
HLTQGTCWEQQYTPGGEAENDDLDQTLIIASRNIVRRSIVAIDPLASLLSMCHTTSISSEPLVEILRSNPTDEQAVNICK
AALGIRINNSFSFGGYNFKRVKGSSQRTEKAVLTGNLQTLTMTIFEGYEEFNVSGKRASAVLKKGAQRLIQAIIGGRTLE
DILNLMITLMVFSQEEKMLKAVRGDLNFVNRANQRLNPMYQLLRHFQKDSSTLLKNWGTEEIDPIMGIAGIMPDGTINKT
QTLMGVRLSQGGVDEYSFNERIRVNIDKYLRVRNEKGELLISPEEVSEAQGQEKLPINYNSSLMWEVNGPESILTNTYHW
IIKNWELLKTQWMTDPTVLYNRIEFEPFQTLIPKGNRAIYSGFTRTLFQQMRDVEGTFDSIQIIKLLPFSAHPPSLGRTQ
FSSFTLNIRGAPLRLLIRGNSQVFNYNQMENVIIVLGKSVGSPERSILTESSSIESAVLRGFLILGKANSKYGPVLTIGE
LDKLGRGEKANVLIGQGDTVLVMKRKRDSSILTDSQTALKRIRLEESKGWSHPQFEKGSGSENLYFQ
;
C
4 'polyribonucleotide' UAUACCUCUGCUUCUGCU R
5 'polyribonucleotide' AGUAGUAACAAGAGGG V
#
loop_
_chem_comp.id
_chem_comp.type
_chem_comp.name
_chem_comp.formula
A RNA linking ADENOSINE-5'-MONOPHOSPHATE 'C10 H14 N5 O7 P'
C RNA linking CYTIDINE-5'-MONOPHOSPHATE 'C9 H14 N3 O8 P'
G RNA linking GUANOSINE-5'-MONOPHOSPHATE 'C10 H14 N5 O8 P'
PO4 non-polymer 'PHOSPHATE ION' 'O4 P -3'
U RNA linking URIDINE-5'-MONOPHOSPHATE 'C9 H13 N2 O9 P'
ZN non-polymer 'ZINC ION' 'Zn 2'
#
# COMPACT_ATOMS: atom_id res chain seq x y z
N MET A 15 57.29 8.36 -6.52
CA MET A 15 57.38 8.37 -5.03
C MET A 15 56.61 9.56 -4.45
N GLU A 16 55.93 9.33 -3.34
CA GLU A 16 55.11 10.35 -2.69
C GLU A 16 55.88 11.65 -2.45
N ASN A 17 57.06 11.53 -1.87
CA ASN A 17 57.89 12.70 -1.61
C ASN A 17 58.45 13.30 -2.90
N PHE A 18 58.73 12.44 -3.88
CA PHE A 18 59.25 12.90 -5.17
C PHE A 18 58.23 13.77 -5.90
N VAL A 19 56.97 13.33 -5.89
CA VAL A 19 55.90 14.09 -6.52
C VAL A 19 55.59 15.36 -5.71
N ARG A 20 55.53 15.20 -4.39
CA ARG A 20 55.23 16.33 -3.52
C ARG A 20 56.33 17.38 -3.53
N THR A 21 57.53 16.98 -3.96
CA THR A 21 58.65 17.90 -4.09
C THR A 21 58.69 18.54 -5.47
N ASN A 22 58.38 17.76 -6.50
CA ASN A 22 58.55 18.19 -7.89
C ASN A 22 57.29 18.77 -8.54
N PHE A 23 56.15 18.70 -7.83
CA PHE A 23 54.89 19.24 -8.34
C PHE A 23 54.30 20.26 -7.37
N ASN A 24 53.38 21.08 -7.86
CA ASN A 24 52.85 22.21 -7.09
C ASN A 24 51.55 21.86 -6.35
N PRO A 25 51.23 22.62 -5.29
CA PRO A 25 50.05 22.39 -4.44
C PRO A 25 48.74 22.18 -5.21
N MET A 26 48.53 22.93 -6.29
CA MET A 26 47.31 22.79 -7.09
C MET A 26 47.20 21.40 -7.69
N ILE A 27 48.27 20.95 -8.34
CA ILE A 27 48.30 19.64 -8.97
C ILE A 27 48.30 18.53 -7.91
N LEU A 28 48.98 18.77 -6.80
CA LEU A 28 48.99 17.81 -5.69
C LEU A 28 47.61 17.64 -5.11
N GLU A 29 46.93 18.77 -4.86
CA GLU A 29 45.59 18.76 -4.28
C GLU A 29 44.58 18.16 -5.26
N ARG A 30 44.70 18.54 -6.53
CA ARG A 30 43.81 18.03 -7.57
C ARG A 30 44.01 16.52 -7.76
N ALA A 31 45.27 16.09 -7.76
CA ALA A 31 45.57 14.67 -7.86
C ALA A 31 45.07 13.94 -6.62
N GLU A 32 45.26 14.55 -5.46
CA GLU A 32 44.79 13.97 -4.21
C GLU A 32 43.28 13.80 -4.21
N LYS A 33 42.57 14.74 -4.83
CA LYS A 33 41.12 14.66 -4.98
C LYS A 33 40.73 13.55 -5.95
N THR A 34 41.11 13.72 -7.21
CA THR A 34 40.70 12.84 -8.30
C THR A 34 41.04 11.38 -8.04
N MET A 35 42.15 11.14 -7.35
CA MET A 35 42.61 9.79 -7.09
C MET A 35 41.78 9.13 -5.99
N LYS A 36 41.23 9.95 -5.10
CA LYS A 36 40.38 9.45 -4.02
C LYS A 36 38.97 9.14 -4.55
N GLU A 37 38.81 7.97 -5.16
CA GLU A 37 37.52 7.56 -5.69
C GLU A 37 37.40 6.03 -5.69
N TYR A 38 38.41 5.35 -6.21
CA TYR A 38 38.45 3.89 -6.20
C TYR A 38 38.63 3.39 -4.78
N GLY A 39 39.59 3.99 -4.07
CA GLY A 39 39.93 3.58 -2.72
C GLY A 39 41.42 3.67 -2.47
N GLU A 40 42.20 3.67 -3.56
CA GLU A 40 43.66 3.72 -3.47
C GLU A 40 44.14 5.05 -2.91
N ASN A 41 45.43 5.11 -2.59
CA ASN A 41 46.04 6.33 -2.06
C ASN A 41 47.51 6.45 -2.48
N PRO A 42 48.08 7.66 -2.41
CA PRO A 42 49.46 7.89 -2.88
C PRO A 42 50.53 7.12 -2.11
N GLN A 43 50.21 6.67 -0.90
CA GLN A 43 51.20 5.95 -0.09
C GLN A 43 51.41 4.53 -0.62
N ASN A 44 50.32 3.89 -1.04
CA ASN A 44 50.38 2.53 -1.55
C ASN A 44 50.55 2.46 -3.07
N GLU A 45 49.77 3.29 -3.78
CA GLU A 45 49.75 3.28 -5.25
C GLU A 45 50.37 4.54 -5.82
N GLY A 46 51.67 4.69 -5.63
CA GLY A 46 52.38 5.88 -6.09
C GLY A 46 52.39 6.05 -7.60
N ASN A 47 52.49 4.95 -8.33
CA ASN A 47 52.53 4.99 -9.79
C ASN A 47 51.42 5.81 -10.42
N LYS A 48 50.18 5.56 -10.00
CA LYS A 48 49.04 6.24 -10.58
C LYS A 48 48.90 7.67 -10.05
N PHE A 49 49.44 7.92 -8.86
CA PHE A 49 49.45 9.27 -8.31
C PHE A 49 50.35 10.17 -9.12
N ALA A 50 51.57 9.69 -9.39
CA ALA A 50 52.52 10.43 -10.21
C ALA A 50 52.02 10.54 -11.65
N ALA A 51 51.42 9.45 -12.15
CA ALA A 51 50.88 9.42 -13.51
C ALA A 51 49.78 10.46 -13.67
N ILE A 52 48.85 10.49 -12.72
CA ILE A 52 47.76 11.46 -12.75
C ILE A 52 48.28 12.87 -12.52
N SER A 53 49.31 13.00 -11.69
CA SER A 53 49.93 14.29 -11.43
C SER A 53 50.58 14.86 -12.69
N THR A 54 51.35 14.02 -13.38
CA THR A 54 51.97 14.42 -14.64
C THR A 54 50.91 14.66 -15.69
N HIS A 55 49.95 13.75 -15.78
CA HIS A 55 48.82 13.89 -16.69
C HIS A 55 48.11 15.22 -16.45
N MET A 56 48.06 15.62 -15.19
CA MET A 56 47.47 16.90 -14.81
C MET A 56 48.37 18.05 -15.25
N GLU A 57 49.66 17.92 -14.96
CA GLU A 57 50.64 18.97 -15.27
C GLU A 57 50.65 19.27 -16.77
N VAL A 58 50.56 18.22 -17.58
CA VAL A 58 50.50 18.40 -19.02
C VAL A 58 49.21 19.10 -19.42
N CYS A 59 48.11 18.72 -18.79
CA CYS A 59 46.82 19.36 -19.03
C CYS A 59 46.90 20.85 -18.73
N PHE A 60 47.68 21.21 -17.72
CA PHE A 60 47.90 22.61 -17.39
C PHE A 60 48.78 23.30 -18.44
N MET A 61 49.98 22.76 -18.62
CA MET A 61 50.95 23.34 -19.55
C MET A 61 50.37 23.48 -20.97
N TYR A 62 49.49 22.57 -21.35
CA TYR A 62 48.89 22.59 -22.67
C TYR A 62 47.90 23.74 -22.82
N SER A 63 47.15 24.02 -21.75
CA SER A 63 46.04 24.97 -21.80
C SER A 63 46.42 26.37 -21.34
N ASP A 64 47.46 26.48 -20.51
CA ASP A 64 47.85 27.77 -19.93
C ASP A 64 48.38 28.74 -20.99
N PHE A 65 48.15 30.02 -20.75
CA PHE A 65 48.74 31.11 -21.54
C PHE A 65 48.17 31.24 -22.96
N HIS A 66 47.25 30.37 -23.35
CA HIS A 66 46.73 30.38 -24.73
C HIS A 66 45.35 31.04 -24.81
N PHE A 67 45.25 32.10 -25.62
CA PHE A 67 44.01 32.84 -25.77
C PHE A 67 43.60 33.02 -27.24
N ILE A 68 42.38 33.50 -27.45
CA ILE A 68 41.88 33.81 -28.79
C ILE A 68 41.54 35.30 -28.90
N ASP A 69 41.86 35.89 -30.04
CA ASP A 69 41.64 37.32 -30.28
C ASP A 69 40.22 37.59 -30.80
N LEU A 70 39.82 38.85 -30.76
CA LEU A 70 38.49 39.26 -31.22
C LEU A 70 38.31 38.98 -32.71
N GLU A 71 39.40 39.03 -33.46
CA GLU A 71 39.34 38.75 -34.90
C GLU A 71 39.18 37.25 -35.15
N GLY A 72 39.57 36.44 -34.17
CA GLY A 72 39.47 34.99 -34.26
C GLY A 72 40.83 34.32 -34.35
N ASN A 73 41.89 35.09 -34.11
CA ASN A 73 43.24 34.58 -34.20
C ASN A 73 43.69 33.92 -32.90
N THR A 74 44.58 32.94 -33.02
CA THR A 74 45.14 32.25 -31.87
C THR A 74 46.40 32.96 -31.38
N ILE A 75 46.49 33.18 -30.06
CA ILE A 75 47.59 33.93 -29.48
C ILE A 75 48.03 33.36 -28.12
N VAL A 76 49.29 33.57 -27.79
CA VAL A 76 49.86 33.19 -26.50
C VAL A 76 50.33 34.46 -25.77
N LYS A 77 50.27 34.45 -24.44
CA LYS A 77 50.64 35.62 -23.65
C LYS A 77 51.28 35.23 -22.30
N GLU A 78 51.90 36.21 -21.65
CA GLU A 78 52.62 36.02 -20.39
C GLU A 78 51.75 36.10 -19.13
N ASN A 79 50.96 37.16 -19.01
CA ASN A 79 50.24 37.47 -17.77
C ASN A 79 49.22 36.40 -17.36
N ASP A 80 48.35 36.02 -18.29
CA ASP A 80 47.33 35.01 -18.03
C ASP A 80 46.30 35.49 -17.01
N ASP A 81 45.51 36.49 -17.39
CA ASP A 81 44.40 36.95 -16.57
C ASP A 81 43.21 37.40 -17.43
N ASP A 82 43.22 36.95 -18.69
CA ASP A 82 42.07 37.12 -19.59
C ASP A 82 41.68 38.59 -19.78
N ASN A 83 40.78 39.09 -18.92
CA ASN A 83 40.31 40.47 -18.95
C ASN A 83 39.67 40.88 -20.29
N ALA A 84 38.40 40.52 -20.44
CA ALA A 84 37.54 41.04 -21.50
C ALA A 84 38.01 40.71 -22.93
N MET A 85 39.08 41.37 -23.37
CA MET A 85 39.46 41.35 -24.78
C MET A 85 39.98 40.00 -25.28
N LEU A 86 40.30 39.10 -24.37
CA LEU A 86 40.80 37.77 -24.73
C LEU A 86 39.99 36.65 -24.09
N LYS A 87 40.01 35.49 -24.72
CA LYS A 87 39.29 34.31 -24.24
C LYS A 87 40.23 33.12 -24.20
N HIS A 88 40.07 32.25 -23.21
CA HIS A 88 40.87 31.03 -23.15
C HIS A 88 40.58 30.14 -24.35
N ARG A 89 41.62 29.61 -24.96
CA ARG A 89 41.50 28.80 -26.15
C ARG A 89 41.13 27.36 -25.82
N PHE A 90 41.78 26.82 -24.78
CA PHE A 90 41.49 25.47 -24.33
C PHE A 90 40.74 25.48 -23.00
N GLU A 91 39.75 24.60 -22.87
CA GLU A 91 39.08 24.37 -21.59
C GLU A 91 39.70 23.15 -20.93
N ILE A 92 39.91 23.23 -19.62
CA ILE A 92 40.54 22.15 -18.88
C ILE A 92 39.48 21.27 -18.22
N ILE A 93 39.13 20.17 -18.89
CA ILE A 93 38.12 19.25 -18.40
C ILE A 93 38.68 18.38 -17.28
N GLU A 94 39.79 17.71 -17.54
CA GLU A 94 40.44 16.87 -16.54
C GLU A 94 40.87 17.72 -15.34
N GLY A 95 40.67 17.19 -14.14
CA GLY A 95 41.00 17.88 -12.91
C GLY A 95 39.75 18.29 -12.16
N GLN A 96 38.70 18.66 -12.90
CA GLN A 96 37.43 19.02 -12.30
C GLN A 96 36.73 17.78 -11.76
N GLU A 97 35.63 17.97 -11.05
CA GLU A 97 34.85 16.85 -10.53
C GLU A 97 34.02 16.21 -11.65
N ARG A 98 33.92 14.89 -11.59
CA ARG A 98 33.18 14.09 -12.57
C ARG A 98 31.88 14.73 -13.03
N ASN A 99 31.05 15.15 -12.07
CA ASN A 99 29.78 15.76 -12.38
C ASN A 99 29.97 17.02 -13.21
N ILE A 100 30.85 17.88 -12.75
CA ILE A 100 31.18 19.07 -13.49
C ILE A 100 31.66 18.62 -14.86
N ALA A 101 32.71 17.81 -14.89
CA ALA A 101 33.34 17.37 -16.13
C ALA A 101 32.34 16.95 -17.20
N TRP A 102 31.37 16.13 -16.83
CA TRP A 102 30.32 15.72 -17.75
C TRP A 102 29.41 16.89 -18.08
N THR A 103 29.21 17.79 -17.12
CA THR A 103 28.44 19.00 -17.36
C THR A 103 29.19 19.88 -18.36
N ILE A 104 30.52 19.86 -18.29
CA ILE A 104 31.33 20.57 -19.27
C ILE A 104 31.13 19.95 -20.66
N VAL A 105 31.33 18.64 -20.73
CA VAL A 105 31.14 17.89 -21.96
C VAL A 105 29.77 18.19 -22.58
N ASN A 106 28.72 18.03 -21.79
CA ASN A 106 27.36 18.28 -22.26
C ASN A 106 27.16 19.72 -22.67
N SER A 107 27.71 20.64 -21.88
CA SER A 107 27.56 22.06 -22.16
C SER A 107 28.23 22.41 -23.48
N ILE A 108 29.37 21.79 -23.75
CA ILE A 108 30.10 22.01 -25.00
C ILE A 108 29.35 21.43 -26.20
N CYS A 109 28.93 20.18 -26.06
CA CYS A 109 28.25 19.47 -27.14
C CYS A 109 26.87 20.04 -27.43
N ASN A 110 26.28 20.71 -26.44
CA ASN A 110 24.94 21.29 -26.62
C ASN A 110 24.97 22.58 -27.44
N MET A 111 26.07 23.32 -27.36
CA MET A 111 26.22 24.57 -28.11
C MET A 111 27.07 24.37 -29.36
N THR A 112 27.25 23.11 -29.75
CA THR A 112 27.89 22.76 -31.00
C THR A 112 27.17 21.55 -31.59
N GLU A 113 27.65 21.06 -32.73
CA GLU A 113 27.10 19.87 -33.34
C GLU A 113 28.02 18.68 -33.08
N ASN A 114 28.67 18.70 -31.92
CA ASN A 114 29.58 17.63 -31.53
C ASN A 114 28.86 16.51 -30.80
N SER A 115 29.25 15.27 -31.09
CA SER A 115 28.69 14.11 -30.42
C SER A 115 29.26 13.95 -29.03
N LYS A 116 28.47 13.37 -28.13
CA LYS A 116 28.88 13.18 -26.74
C LYS A 116 29.83 12.00 -26.61
N PRO A 117 31.08 12.26 -26.17
CA PRO A 117 32.06 11.16 -26.08
C PRO A 117 31.71 10.15 -24.99
N ARG A 118 32.10 8.90 -25.20
CA ARG A 118 31.80 7.82 -24.25
C ARG A 118 32.60 7.98 -22.96
N PHE A 119 33.88 8.26 -23.09
CA PHE A 119 34.76 8.47 -21.94
C PHE A 119 35.09 9.96 -21.80
N LEU A 120 35.58 10.34 -20.62
CA LEU A 120 35.88 11.74 -20.34
C LEU A 120 37.16 12.21 -21.02
N PRO A 121 37.08 13.22 -21.89
CA PRO A 121 38.31 13.80 -22.44
C PRO A 121 39.00 14.69 -21.41
N ASP A 122 40.15 15.25 -21.76
CA ASP A 122 40.96 16.01 -20.81
C ASP A 122 40.90 17.52 -21.07
N LEU A 123 40.93 17.92 -22.34
CA LEU A 123 40.80 19.32 -22.71
C LEU A 123 39.82 19.50 -23.87
N TYR A 124 39.63 20.75 -24.30
CA TYR A 124 38.79 21.05 -25.45
C TYR A 124 39.21 22.36 -26.13
N ASP A 125 39.58 22.27 -27.40
CA ASP A 125 40.00 23.45 -28.16
C ASP A 125 38.79 24.18 -28.74
N TYR A 126 38.72 25.49 -28.53
CA TYR A 126 37.56 26.27 -28.94
C TYR A 126 37.63 26.72 -30.40
N LYS A 127 38.84 27.04 -30.86
CA LYS A 127 39.01 27.53 -32.23
C LYS A 127 38.64 26.46 -33.25
N THR A 128 39.16 25.26 -33.06
CA THR A 128 38.89 24.14 -33.97
C THR A 128 37.70 23.30 -33.48
N ASN A 129 37.23 23.58 -32.27
CA ASN A 129 36.11 22.85 -31.68
C ASN A 129 36.39 21.35 -31.62
N LYS A 130 37.46 20.97 -30.91
CA LYS A 130 37.89 19.58 -30.81
C LYS A 130 38.10 19.15 -29.36
N PHE A 131 37.48 18.05 -28.97
CA PHE A 131 37.75 17.44 -27.67
C PHE A 131 39.13 16.82 -27.69
N ILE A 132 39.88 17.00 -26.60
CA ILE A 132 41.28 16.57 -26.54
C ILE A 132 41.51 15.54 -25.44
N GLU A 133 42.07 14.39 -25.83
CA GLU A 133 42.45 13.34 -24.88
C GLU A 133 43.97 13.21 -24.86
N ILE A 134 44.58 13.69 -23.78
CA ILE A 134 46.03 13.67 -23.64
C ILE A 134 46.50 12.30 -23.17
N GLY A 135 47.64 11.87 -23.71
CA GLY A 135 48.20 10.55 -23.40
C GLY A 135 49.70 10.57 -23.18
N VAL A 136 50.10 10.48 -21.91
CA VAL A 136 51.51 10.40 -21.55
C VAL A 136 51.84 8.95 -21.19
N THR A 137 53.07 8.53 -21.48
CA THR A 137 53.47 7.16 -21.19
C THR A 137 54.99 6.98 -21.20
N ARG A 138 55.47 5.99 -20.44
CA ARG A 138 56.88 5.66 -20.42
C ARG A 138 57.25 4.79 -21.61
N ARG A 139 56.26 4.09 -22.15
CA ARG A 139 56.46 3.29 -23.36
C ARG A 139 56.72 4.22 -24.56
N LYS A 140 56.74 3.64 -25.76
CA LYS A 140 57.06 4.40 -26.97
C LYS A 140 55.99 5.44 -27.29
N VAL A 141 55.20 5.22 -28.33
CA VAL A 141 54.16 6.15 -28.74
C VAL A 141 53.07 5.46 -29.56
N GLU A 142 53.48 4.68 -30.55
CA GLU A 142 52.55 3.97 -31.40
C GLU A 142 51.73 2.97 -30.60
N ASP A 143 52.34 2.36 -29.60
CA ASP A 143 51.65 1.41 -28.73
C ASP A 143 50.45 2.05 -28.04
N TYR A 144 50.71 3.16 -27.35
CA TYR A 144 49.66 3.84 -26.60
C TYR A 144 48.69 4.56 -27.53
N TYR A 145 49.20 5.04 -28.67
CA TYR A 145 48.38 5.72 -29.66
C TYR A 145 47.34 4.76 -30.23
N TYR A 146 47.79 3.58 -30.64
CA TYR A 146 46.89 2.58 -31.22
C TYR A 146 46.16 1.78 -30.15
N GLU A 147 46.57 1.97 -28.89
CA GLU A 147 45.84 1.40 -27.77
C GLU A 147 44.61 2.26 -27.47
N LYS A 148 44.81 3.57 -27.46
CA LYS A 148 43.74 4.52 -27.20
C LYS A 148 42.84 4.69 -28.41
N ALA A 149 43.42 4.65 -29.60
CA ALA A 149 42.65 4.80 -30.83
C ALA A 149 41.69 3.63 -31.03
N SER A 150 42.24 2.42 -31.05
CA SER A 150 41.41 1.22 -31.16
C SER A 150 40.62 1.02 -29.88
N LYS A 151 39.74 1.97 -29.59
CA LYS A 151 39.00 2.04 -28.34
C LYS A 151 38.18 3.33 -28.36
N LEU A 152 38.79 4.37 -28.94
CA LEU A 152 38.13 5.65 -29.15
C LEU A 152 37.65 5.80 -30.60
N LYS A 153 37.71 4.70 -31.35
CA LYS A 153 37.24 4.71 -32.74
C LYS A 153 35.74 4.95 -32.78
N GLY A 154 35.28 5.60 -33.85
CA GLY A 154 33.89 5.99 -33.99
C GLY A 154 33.71 7.46 -33.62
N GLU A 155 33.95 7.78 -32.35
CA GLU A 155 33.92 9.16 -31.89
C GLU A 155 35.18 9.90 -32.35
N ASN A 156 35.01 11.11 -32.85
CA ASN A 156 36.12 11.87 -33.43
C ASN A 156 36.84 12.73 -32.40
N VAL A 157 37.41 12.08 -31.39
CA VAL A 157 38.15 12.78 -30.35
C VAL A 157 39.61 12.99 -30.77
N TYR A 158 40.15 14.17 -30.46
CA TYR A 158 41.53 14.49 -30.80
C TYR A 158 42.48 13.82 -29.82
N ILE A 159 43.37 12.98 -30.35
CA ILE A 159 44.31 12.23 -29.52
C ILE A 159 45.74 12.79 -29.69
N HIS A 160 46.37 13.10 -28.56
CA HIS A 160 47.75 13.59 -28.56
C HIS A 160 48.59 12.74 -27.61
N ILE A 161 49.58 12.06 -28.16
CA ILE A 161 50.39 11.13 -27.38
C ILE A 161 51.84 11.61 -27.24
N PHE A 162 52.24 11.91 -26.00
CA PHE A 162 53.60 12.34 -25.70
C PHE A 162 54.41 11.20 -25.09
N SER A 163 55.66 11.47 -24.76
CA SER A 163 56.53 10.48 -24.12
C SER A 163 57.59 11.15 -23.26
N PHE A 164 58.14 10.41 -22.31
CA PHE A 164 59.17 10.91 -21.43
C PHE A 164 60.48 11.18 -22.16
N ASP A 165 60.70 10.44 -23.24
CA ASP A 165 61.97 10.53 -23.97
C ASP A 165 62.08 11.82 -24.77
N GLY A 166 61.07 12.12 -25.57
CA GLY A 166 61.07 13.32 -26.38
C GLY A 166 60.20 13.19 -27.62
N GLU A 167 60.03 11.97 -28.11
CA GLU A 167 59.23 11.74 -29.31
C GLU A 167 57.76 12.06 -29.04
N GLU A 168 56.98 12.17 -30.11
CA GLU A 168 55.62 12.67 -30.02
C GLU A 168 54.76 12.16 -31.18
N MET A 169 53.46 12.04 -30.95
CA MET A 169 52.54 11.61 -31.99
C MET A 169 51.11 12.08 -31.72
N ALA A 170 50.62 12.98 -32.56
CA ALA A 170 49.25 13.48 -32.46
C ALA A 170 48.39 12.85 -33.56
N THR A 171 47.11 13.21 -33.57
CA THR A 171 46.19 12.69 -34.57
C THR A 171 46.49 13.26 -35.95
N ASP A 172 46.83 12.38 -36.88
CA ASP A 172 47.10 12.75 -38.27
C ASP A 172 48.27 13.72 -38.41
N ASP A 173 49.08 13.81 -37.36
CA ASP A 173 50.26 14.68 -37.36
C ASP A 173 49.94 16.13 -37.74
N GLU A 174 48.74 16.57 -37.35
CA GLU A 174 48.37 17.98 -37.48
C GLU A 174 48.34 18.62 -36.10
N TYR A 175 49.48 19.16 -35.69
CA TYR A 175 49.65 19.69 -34.34
C TYR A 175 49.08 21.09 -34.20
N ILE A 176 47.93 21.17 -33.55
CA ILE A 176 47.21 22.42 -33.36
C ILE A 176 47.94 23.36 -32.39
N LEU A 177 48.59 22.79 -31.39
CA LEU A 177 49.35 23.57 -30.41
C LEU A 177 50.65 24.09 -31.03
N ASP A 178 51.02 25.33 -30.69
CA ASP A 178 52.22 25.95 -31.25
C ASP A 178 53.47 25.21 -30.79
N GLU A 179 54.57 25.44 -31.50
CA GLU A 179 55.79 24.65 -31.34
C GLU A 179 56.51 24.89 -30.01
N GLU A 180 56.47 26.13 -29.53
CA GLU A 180 57.20 26.49 -28.30
C GLU A 180 56.63 25.77 -27.09
N SER A 181 55.30 25.68 -27.02
CA SER A 181 54.64 25.02 -25.90
C SER A 181 54.88 23.51 -25.95
N ARG A 182 54.71 22.93 -27.13
CA ARG A 182 54.92 21.50 -27.33
C ARG A 182 56.37 21.12 -27.03
N ALA A 183 57.29 22.04 -27.31
CA ALA A 183 58.70 21.85 -26.96
C ALA A 183 58.89 21.91 -25.45
N ARG A 184 58.29 22.92 -24.83
CA ARG A 184 58.38 23.13 -23.38
C ARG A 184 57.84 21.94 -22.60
N ILE A 185 56.76 21.35 -23.11
CA ILE A 185 56.20 20.14 -22.52
C ILE A 185 57.20 19.01 -22.60
N LYS A 186 57.79 18.83 -23.78
CA LYS A 186 58.78 17.78 -24.00
C LYS A 186 60.04 18.01 -23.19
N THR A 187 60.27 19.27 -22.80
CA THR A 187 61.38 19.59 -21.90
C THR A 187 61.03 19.16 -20.48
N ARG A 188 59.85 19.58 -20.01
CA ARG A 188 59.36 19.23 -18.68
C ARG A 188 59.32 17.72 -18.49
N LEU A 189 58.81 17.01 -19.49
CA LEU A 189 58.71 15.56 -19.44
C LEU A 189 60.11 14.92 -19.44
N PHE A 190 61.06 15.59 -20.08
CA PHE A 190 62.44 15.11 -20.07
C PHE A 190 63.04 15.30 -18.69
N VAL A 191 62.89 16.51 -18.15
CA VAL A 191 63.36 16.82 -16.80
C VAL A 191 62.76 15.87 -15.77
N LEU A 192 61.51 15.47 -15.99
CA LEU A 192 60.85 14.49 -15.12
C LEU A 192 61.52 13.13 -15.22
N ARG A 193 61.89 12.73 -16.43
CA ARG A 193 62.55 11.45 -16.65
C ARG A 193 63.97 11.46 -16.08
N GLN A 194 64.62 12.62 -16.12
CA GLN A 194 65.94 12.77 -15.52
C GLN A 194 65.84 12.75 -14.00
N GLU A 195 64.93 13.56 -13.46
CA GLU A 195 64.70 13.62 -12.01
C GLU A 195 64.31 12.25 -11.46
N LEU A 196 63.46 11.53 -12.19
CA LEU A 196 63.04 10.19 -11.79
C LEU A 196 64.21 9.22 -11.74
N ALA A 197 65.22 9.47 -12.56
CA ALA A 197 66.41 8.62 -12.60
C ALA A 197 67.39 9.00 -11.49
N THR A 198 67.68 10.28 -11.37
CA THR A 198 68.66 10.76 -10.39
C THR A 198 68.12 10.68 -8.96
N ALA A 199 66.80 10.56 -8.82
CA ALA A 199 66.19 10.41 -7.51
C ALA A 199 66.40 9.00 -6.98
N LEU A 215 39.08 -5.76 -6.72
CA LEU A 215 39.97 -5.09 -5.76
C LEU A 215 39.74 -5.54 -4.30
N GLU A 216 38.72 -5.01 -3.62
CA GLU A 216 38.39 -5.43 -2.23
C GLU A 216 37.11 -4.82 -1.66
N GLU A 217 36.71 -5.35 -0.49
CA GLU A 217 35.61 -4.85 0.34
C GLU A 217 35.70 -5.53 1.70
N GLU A 218 35.65 -4.75 2.80
CA GLU A 218 35.90 -5.29 4.13
C GLU A 218 35.08 -4.63 5.24
N PHE A 219 34.86 -5.39 6.32
CA PHE A 219 34.12 -4.93 7.48
C PHE A 219 34.39 -5.88 8.65
N SER A 220 34.71 -5.33 9.81
CA SER A 220 35.11 -6.16 10.95
C SER A 220 34.76 -5.53 12.30
N TYR A 221 34.52 -6.38 13.29
CA TYR A 221 34.19 -5.93 14.63
C TYR A 221 35.42 -5.43 15.38
N PRO A 222 35.40 -4.18 15.86
CA PRO A 222 36.49 -3.76 16.75
C PRO A 222 36.28 -4.35 18.15
N PRO A 223 37.29 -4.23 19.03
CA PRO A 223 37.30 -4.97 20.31
C PRO A 223 36.03 -4.78 21.14
N THR A 224 35.62 -3.54 21.35
CA THR A 224 34.46 -3.26 22.20
C THR A 224 33.23 -4.00 21.71
N PHE A 225 32.99 -3.97 20.40
CA PHE A 225 31.82 -4.64 19.83
C PHE A 225 32.02 -6.14 19.72
N GLN A 226 33.26 -6.55 19.46
CA GLN A 226 33.60 -7.97 19.40
C GLN A 226 33.25 -8.66 20.71
N ARG A 227 33.58 -8.01 21.83
CA ARG A 227 33.23 -8.54 23.14
C ARG A 227 31.73 -8.58 23.28
N LEU A 228 31.06 -7.58 22.73
CA LEU A 228 29.60 -7.50 22.80
C LEU A 228 28.97 -8.60 21.97
N ALA A 229 29.60 -8.93 20.84
CA ALA A 229 29.15 -10.04 20.02
C ALA A 229 29.32 -11.36 20.77
N ASN A 230 30.44 -11.50 21.46
CA ASN A 230 30.70 -12.71 22.25
C ASN A 230 29.70 -12.83 23.39
N GLN A 231 29.25 -11.68 23.88
CA GLN A 231 28.32 -11.64 25.01
C GLN A 231 26.91 -12.07 24.60
N SER A 232 26.52 -11.70 23.39
CA SER A 232 25.12 -11.80 22.95
C SER A 232 24.61 -13.24 22.81
N LEU A 233 25.39 -14.06 22.09
CA LEU A 233 24.99 -15.37 21.58
C LEU A 233 24.41 -16.37 22.63
N PRO A 234 23.90 -17.54 22.19
CA PRO A 234 23.26 -18.47 23.14
C PRO A 234 24.21 -19.10 24.16
N PRO A 235 23.64 -19.72 25.21
CA PRO A 235 24.46 -20.37 26.23
C PRO A 235 25.07 -21.66 25.68
N SER A 236 26.20 -22.07 26.24
CA SER A 236 26.96 -23.22 25.74
C SER A 236 27.71 -22.82 24.48
N PHE A 237 28.04 -21.54 24.39
CA PHE A 237 28.88 -21.02 23.32
C PHE A 237 29.74 -19.90 23.91
N LYS A 238 30.97 -19.78 23.44
CA LYS A 238 31.94 -18.87 24.06
C LYS A 238 32.28 -17.68 23.16
N ASP A 239 32.28 -17.93 21.85
CA ASP A 239 32.78 -16.96 20.89
C ASP A 239 31.82 -16.78 19.72
N TYR A 240 31.74 -15.57 19.20
CA TYR A 240 30.95 -15.28 18.01
C TYR A 240 31.49 -16.07 16.82
N HIS A 241 32.80 -16.23 16.79
CA HIS A 241 33.45 -17.03 15.75
C HIS A 241 33.04 -18.50 15.90
N GLN A 242 32.96 -18.96 17.13
CA GLN A 242 32.57 -20.34 17.41
C GLN A 242 31.13 -20.61 17.00
N PHE A 243 30.24 -19.70 17.39
CA PHE A 243 28.82 -19.82 17.05
C PHE A 243 28.63 -19.72 15.55
N LYS A 244 29.33 -18.78 14.92
CA LYS A 244 29.31 -18.64 13.47
C LYS A 244 29.70 -19.95 12.80
N ALA A 245 30.77 -20.56 13.30
CA ALA A 245 31.23 -21.84 12.77
C ALA A 245 30.19 -22.93 12.96
N TYR A 246 29.55 -22.93 14.12
CA TYR A 246 28.50 -23.89 14.42
C TYR A 246 27.33 -23.75 13.45
N VAL A 247 26.90 -22.51 13.22
CA VAL A 247 25.79 -22.25 12.32
C VAL A 247 26.15 -22.66 10.89
N SER A 248 27.34 -22.27 10.46
CA SER A 248 27.80 -22.57 9.10
C SER A 248 27.93 -24.06 8.86
N SER A 249 28.25 -24.79 9.92
CA SER A 249 28.48 -26.23 9.84
C SER A 249 27.32 -27.04 10.39
N PHE A 250 26.18 -26.39 10.60
CA PHE A 250 25.01 -27.08 11.14
C PHE A 250 24.28 -27.85 10.07
N LYS A 251 23.84 -29.06 10.42
CA LYS A 251 23.00 -29.86 9.55
C LYS A 251 22.02 -30.65 10.41
N ALA A 252 20.75 -30.54 10.09
CA ALA A 252 19.71 -31.18 10.89
C ALA A 252 19.75 -32.68 10.73
N ASN A 253 19.87 -33.39 11.86
CA ASN A 253 19.78 -34.83 11.87
C ASN A 253 18.36 -35.26 12.21
N GLY A 254 17.79 -34.61 13.22
CA GLY A 254 16.42 -34.87 13.64
C GLY A 254 16.17 -34.27 15.01
N ASN A 255 16.34 -32.97 15.13
CA ASN A 255 16.31 -32.30 16.44
C ASN A 255 14.90 -32.04 16.96
N ILE A 256 14.07 -31.44 16.11
CA ILE A 256 12.72 -31.04 16.52
C ILE A 256 11.92 -32.23 17.03
N GLU A 257 12.12 -33.40 16.43
CA GLU A 257 11.43 -34.60 16.88
C GLU A 257 11.96 -35.05 18.24
N ALA A 258 13.26 -34.87 18.45
CA ALA A 258 13.88 -35.23 19.71
C ALA A 258 13.39 -34.31 20.82
N LYS A 259 13.46 -33.01 20.56
CA LYS A 259 12.99 -32.02 21.53
C LYS A 259 11.49 -32.15 21.75
N LEU A 260 10.77 -32.53 20.70
CA LEU A 260 9.32 -32.76 20.81
C LEU A 260 9.06 -33.91 21.78
N GLY A 261 9.81 -35.00 21.60
CA GLY A 261 9.70 -36.14 22.49
C GLY A 261 10.05 -35.77 23.92
N ALA A 262 11.08 -34.95 24.06
CA ALA A 262 11.55 -34.53 25.37
C ALA A 262 10.52 -33.66 26.09
N MET A 263 9.91 -32.74 25.35
CA MET A 263 8.99 -31.75 25.91
C MET A 263 7.82 -32.40 26.65
N SER A 264 7.37 -31.73 27.70
CA SER A 264 6.25 -32.20 28.51
C SER A 264 4.97 -32.35 27.69
N GLU A 265 4.14 -33.31 28.08
CA GLU A 265 2.88 -33.56 27.39
C GLU A 265 1.80 -32.57 27.82
N LYS A 266 2.05 -31.85 28.89
CA LYS A 266 1.10 -30.86 29.38
C LYS A 266 0.93 -29.72 28.37
N VAL A 267 1.98 -29.49 27.58
CA VAL A 267 1.94 -28.46 26.54
C VAL A 267 1.20 -28.98 25.31
N ASN A 268 -0.11 -28.84 25.31
CA ASN A 268 -0.95 -29.29 24.20
C ASN A 268 -1.95 -28.23 23.78
N ALA A 269 -2.57 -28.46 22.63
CA ALA A 269 -3.62 -27.59 22.14
C ALA A 269 -4.88 -28.42 21.92
N GLN A 270 -5.55 -28.75 23.01
CA GLN A 270 -6.71 -29.63 22.96
C GLN A 270 -7.94 -28.90 22.42
N ILE A 271 -8.47 -29.38 21.31
CA ILE A 271 -9.68 -28.81 20.74
C ILE A 271 -10.91 -29.28 21.49
N GLU A 272 -11.60 -28.33 22.13
CA GLU A 272 -12.90 -28.61 22.71
C GLU A 272 -13.99 -28.15 21.75
N SER A 273 -14.80 -29.10 21.28
CA SER A 273 -15.83 -28.79 20.31
C SER A 273 -16.79 -27.74 20.85
N PHE A 274 -17.28 -26.89 19.95
CA PHE A 274 -18.10 -25.75 20.32
C PHE A 274 -19.57 -25.99 20.01
N ASP A 275 -20.43 -25.72 21.00
CA ASP A 275 -21.87 -25.90 20.84
C ASP A 275 -22.63 -24.80 21.58
N PRO A 276 -23.22 -23.84 20.84
CA PRO A 276 -23.95 -22.71 21.44
C PRO A 276 -25.03 -23.11 22.44
N ARG A 277 -25.72 -24.22 22.18
CA ARG A 277 -26.77 -24.70 23.06
C ARG A 277 -26.24 -24.96 24.47
N THR A 278 -24.94 -25.23 24.57
CA THR A 278 -24.32 -25.51 25.86
C THR A 278 -23.88 -24.24 26.57
N ILE A 279 -23.30 -23.30 25.81
CA ILE A 279 -22.55 -22.19 26.42
C ILE A 279 -23.47 -21.21 27.15
N ARG A 280 -22.88 -20.53 28.14
CA ARG A 280 -23.62 -19.67 29.05
C ARG A 280 -23.75 -18.24 28.51
N GLU A 281 -24.57 -17.44 29.16
CA GLU A 281 -24.71 -16.02 28.81
C GLU A 281 -23.57 -15.20 29.38
N LEU A 282 -23.33 -14.02 28.82
CA LEU A 282 -22.27 -13.16 29.32
C LEU A 282 -22.63 -12.65 30.71
N GLU A 283 -21.60 -12.34 31.49
CA GLU A 283 -21.78 -11.87 32.86
C GLU A 283 -21.78 -10.34 32.92
N LEU A 284 -22.95 -9.77 33.10
CA LEU A 284 -23.09 -8.32 33.26
C LEU A 284 -22.69 -7.91 34.67
N PRO A 285 -22.03 -6.74 34.82
CA PRO A 285 -21.57 -6.29 36.15
C PRO A 285 -22.71 -5.81 37.06
N GLU A 286 -22.42 -5.69 38.35
CA GLU A 286 -23.37 -5.19 39.33
C GLU A 286 -22.80 -3.94 40.00
N GLY A 287 -23.68 -3.12 40.55
CA GLY A 287 -23.29 -1.86 41.15
C GLY A 287 -24.41 -0.87 41.01
N LYS A 288 -24.10 0.40 41.26
CA LYS A 288 -25.07 1.47 40.97
C LYS A 288 -25.41 1.45 39.47
N PHE A 289 -26.59 1.96 39.13
CA PHE A 289 -27.02 1.99 37.73
C PHE A 289 -26.22 3.01 36.92
N CYS A 290 -26.02 2.71 35.64
CA CYS A 290 -25.28 3.61 34.76
C CYS A 290 -26.05 4.90 34.52
N THR A 291 -25.34 6.02 34.59
CA THR A 291 -25.90 7.35 34.34
C THR A 291 -25.80 7.73 32.85
N GLN A 292 -26.64 8.65 32.42
CA GLN A 292 -26.48 9.29 31.11
C GLN A 292 -25.11 9.97 31.10
N ARG A 293 -24.45 9.94 29.94
CA ARG A 293 -23.11 10.52 29.81
C ARG A 293 -22.93 11.22 28.46
N SER A 294 -24.02 11.39 27.72
CA SER A 294 -23.98 12.10 26.44
C SER A 294 -23.64 13.57 26.65
N LYS A 295 -23.33 14.27 25.56
CA LYS A 295 -22.99 15.68 25.63
C LYS A 295 -24.22 16.55 25.45
N PHE A 296 -25.35 15.92 25.12
CA PHE A 296 -26.61 16.65 24.97
C PHE A 296 -27.79 15.69 25.10
N LEU A 297 -28.97 16.23 25.41
CA LEU A 297 -30.13 15.40 25.65
C LEU A 297 -30.60 14.74 24.37
N LEU A 298 -30.81 13.43 24.44
CA LEU A 298 -31.28 12.65 23.30
C LEU A 298 -32.81 12.68 23.20
N MET A 299 -33.48 11.69 23.78
CA MET A 299 -34.93 11.58 23.64
C MET A 299 -35.67 12.63 24.45
N ASP A 300 -35.04 13.11 25.52
CA ASP A 300 -35.70 14.01 26.46
C ASP A 300 -35.55 15.48 26.07
N ALA A 301 -34.90 15.75 24.95
CA ALA A 301 -34.67 17.12 24.54
C ALA A 301 -35.98 17.79 24.12
N MET A 302 -36.02 19.11 24.24
CA MET A 302 -37.17 19.91 23.82
C MET A 302 -36.69 21.09 23.00
N LYS A 303 -37.42 21.40 21.93
CA LYS A 303 -37.05 22.50 21.04
C LYS A 303 -38.04 23.66 21.12
N LEU A 304 -37.50 24.87 21.27
CA LEU A 304 -38.23 26.08 20.94
C LEU A 304 -37.89 26.44 19.50
N SER A 305 -38.84 26.29 18.59
CA SER A 305 -38.57 26.45 17.17
C SER A 305 -39.23 27.68 16.55
N VAL A 306 -38.72 28.12 15.40
CA VAL A 306 -39.35 29.16 14.60
C VAL A 306 -39.29 28.85 13.11
N LEU A 307 -40.29 29.32 12.37
CA LEU A 307 -40.29 29.21 10.91
C LEU A 307 -39.27 30.19 10.34
N ASN A 308 -38.40 29.70 9.46
CA ASN A 308 -37.28 30.49 8.96
C ASN A 308 -36.78 29.95 7.62
N PRO A 309 -36.89 30.75 6.53
CA PRO A 309 -36.52 30.24 5.21
C PRO A 309 -35.01 30.14 4.95
N ALA A 310 -34.19 30.45 5.96
CA ALA A 310 -32.74 30.49 5.77
C ALA A 310 -32.15 29.13 5.45
N HIS A 311 -30.92 29.13 4.94
CA HIS A 311 -30.21 27.89 4.62
C HIS A 311 -29.81 27.15 5.89
N GLU A 312 -29.12 26.03 5.72
CA GLU A 312 -28.56 25.28 6.84
C GLU A 312 -27.27 25.92 7.33
N GLY A 313 -27.38 26.81 8.32
CA GLY A 313 -26.22 27.42 8.93
C GLY A 313 -26.11 28.91 8.70
N GLU A 314 -27.15 29.50 8.11
CA GLU A 314 -27.15 30.94 7.86
C GLU A 314 -27.80 31.68 9.02
N GLY A 315 -27.45 32.95 9.18
CA GLY A 315 -27.99 33.77 10.24
C GLY A 315 -27.15 33.71 11.50
N ILE A 316 -27.24 34.76 12.30
CA ILE A 316 -26.51 34.83 13.56
C ILE A 316 -27.19 33.89 14.56
N PRO A 317 -26.46 32.86 15.05
CA PRO A 317 -27.06 31.89 15.97
C PRO A 317 -27.75 32.51 17.18
N MET A 318 -27.14 33.52 17.79
CA MET A 318 -27.74 34.15 18.97
C MET A 318 -29.00 34.91 18.61
N LYS A 319 -29.04 35.49 17.42
CA LYS A 319 -30.23 36.17 16.95
C LYS A 319 -31.35 35.16 16.72
N ASP A 320 -30.99 34.02 16.14
CA ASP A 320 -31.93 32.91 15.96
C ASP A 320 -32.39 32.37 17.30
N ALA A 321 -31.50 32.40 18.30
CA ALA A 321 -31.84 31.91 19.63
C ALA A 321 -32.85 32.83 20.31
N LYS A 322 -32.58 34.13 20.27
CA LYS A 322 -33.51 35.12 20.80
C LYS A 322 -34.87 34.98 20.13
N ALA A 323 -34.86 34.68 18.84
CA ALA A 323 -36.08 34.51 18.07
C ALA A 323 -36.89 33.34 18.61
N CYS A 324 -36.19 32.26 18.96
CA CYS A 324 -36.84 31.06 19.44
C CYS A 324 -37.33 31.24 20.87
N LEU A 325 -36.53 31.93 21.67
CA LEU A 325 -36.90 32.23 23.06
C LEU A 325 -38.27 32.89 23.14
N ASP A 326 -38.61 33.69 22.14
CA ASP A 326 -39.86 34.45 22.15
C ASP A 326 -41.09 33.57 21.94
N THR A 327 -40.93 32.47 21.22
CA THR A 327 -42.06 31.60 20.93
C THR A 327 -42.63 30.91 22.17
N PHE A 328 -41.90 30.97 23.28
CA PHE A 328 -42.36 30.40 24.54
C PHE A 328 -42.85 31.49 25.49
N TRP A 329 -44.13 31.42 25.85
CA TRP A 329 -44.77 32.45 26.65
C TRP A 329 -44.66 32.18 28.15
N GLY A 330 -44.97 30.94 28.54
CA GLY A 330 -45.17 30.61 29.95
C GLY A 330 -43.93 30.32 30.75
N TRP A 331 -43.09 31.33 30.97
CA TRP A 331 -41.92 31.19 31.82
C TRP A 331 -42.31 31.25 33.30
N LYS A 332 -41.37 30.91 34.17
CA LYS A 332 -41.56 31.04 35.61
C LYS A 332 -40.25 31.44 36.28
N LYS A 333 -40.33 31.78 37.56
CA LYS A 333 -39.14 31.91 38.37
C LYS A 333 -38.53 30.53 38.51
N ALA A 334 -37.21 30.45 38.43
CA ALA A 334 -36.53 29.15 38.40
C ALA A 334 -36.38 28.54 39.80
N THR A 335 -36.82 27.29 39.92
CA THR A 335 -36.67 26.53 41.16
C THR A 335 -36.01 25.17 40.88
N ILE A 336 -35.29 24.67 41.87
CA ILE A 336 -34.60 23.39 41.76
C ILE A 336 -35.54 22.24 42.16
N ILE A 337 -35.72 21.27 41.27
CA ILE A 337 -36.63 20.15 41.50
C ILE A 337 -35.89 18.82 41.59
N LYS A 338 -34.69 18.76 41.02
CA LYS A 338 -33.85 17.59 41.12
C LYS A 338 -32.40 18.05 41.25
N LYS A 339 -31.77 17.63 42.34
CA LYS A 339 -30.49 18.18 42.74
C LYS A 339 -29.32 17.43 42.12
N HIS A 340 -28.17 18.08 42.02
CA HIS A 340 -26.92 17.43 41.62
C HIS A 340 -26.09 17.13 42.86
N GLU A 341 -26.30 15.94 43.41
CA GLU A 341 -25.85 15.57 44.75
C GLU A 341 -24.45 16.07 45.14
N LYS A 342 -23.56 16.20 44.16
CA LYS A 342 -22.17 16.52 44.46
C LYS A 342 -21.79 17.97 44.16
N GLY A 343 -22.77 18.79 43.82
CA GLY A 343 -22.50 20.16 43.40
C GLY A 343 -23.19 21.25 44.18
N VAL A 344 -22.59 22.44 44.16
CA VAL A 344 -23.19 23.64 44.74
C VAL A 344 -24.35 24.10 43.86
N ASN A 345 -25.49 23.46 44.02
CA ASN A 345 -26.61 23.61 43.10
C ASN A 345 -27.11 25.05 42.94
N THR A 346 -26.91 25.87 43.96
CA THR A 346 -27.31 27.27 43.88
C THR A 346 -26.56 27.98 42.75
N ASN A 347 -25.33 27.57 42.49
CA ASN A 347 -24.54 28.16 41.41
C ASN A 347 -25.17 27.93 40.04
N TYR A 348 -25.72 26.74 39.82
CA TYR A 348 -26.45 26.46 38.58
C TYR A 348 -27.62 27.41 38.39
N LEU A 349 -28.36 27.63 39.47
CA LEU A 349 -29.53 28.51 39.43
C LEU A 349 -29.10 29.93 39.11
N MET A 350 -27.99 30.37 39.71
CA MET A 350 -27.46 31.70 39.45
C MET A 350 -26.98 31.83 38.01
N ILE A 351 -26.35 30.78 37.50
CA ILE A 351 -25.83 30.75 36.14
C ILE A 351 -26.96 30.89 35.11
N TRP A 352 -28.04 30.16 35.31
CA TRP A 352 -29.20 30.23 34.41
C TRP A 352 -29.74 31.64 34.31
N GLU A 353 -29.97 32.27 35.45
CA GLU A 353 -30.47 33.63 35.48
C GLU A 353 -29.45 34.58 34.86
N GLN A 354 -28.17 34.37 35.18
CA GLN A 354 -27.11 35.18 34.61
C GLN A 354 -27.12 35.10 33.09
N LEU A 355 -27.14 33.88 32.59
CA LEU A 355 -27.20 33.63 31.15
C LEU A 355 -28.41 34.32 30.54
N LEU A 356 -29.57 34.06 31.13
CA LEU A 356 -30.83 34.55 30.59
C LEU A 356 -30.88 36.08 30.57
N GLU A 357 -30.16 36.71 31.48
CA GLU A 357 -30.10 38.15 31.54
C GLU A 357 -29.07 38.67 30.53
N SER A 358 -27.90 38.05 30.52
CA SER A 358 -26.83 38.42 29.59
C SER A 358 -27.33 38.39 28.15
N ILE A 359 -28.22 37.44 27.86
CA ILE A 359 -28.85 37.36 26.56
C ILE A 359 -29.74 38.58 26.33
N LYS A 360 -30.67 38.81 27.24
CA LYS A 360 -31.62 39.92 27.13
C LYS A 360 -30.92 41.27 26.94
N GLU A 361 -29.67 41.37 27.35
CA GLU A 361 -28.94 42.65 27.36
C GLU A 361 -27.85 42.77 26.29
N MET A 362 -27.72 41.76 25.42
CA MET A 362 -26.61 41.72 24.47
C MET A 362 -26.89 42.40 23.14
N GLU A 363 -25.80 42.78 22.46
CA GLU A 363 -25.84 43.15 21.05
C GLU A 363 -24.68 42.47 20.34
N GLY A 364 -24.81 42.30 19.02
CA GLY A 364 -23.75 41.72 18.21
C GLY A 364 -23.92 40.24 18.01
N LYS A 365 -22.88 39.60 17.46
CA LYS A 365 -22.91 38.17 17.17
C LYS A 365 -22.51 37.34 18.38
N PHE A 366 -21.26 37.48 18.79
CA PHE A 366 -20.73 36.73 19.91
C PHE A 366 -21.22 37.27 21.26
N LEU A 367 -21.28 36.39 22.25
CA LEU A 367 -21.68 36.74 23.62
C LEU A 367 -20.78 36.06 24.63
N ASN A 368 -19.98 36.87 25.34
CA ASN A 368 -19.12 36.35 26.40
C ASN A 368 -19.64 36.71 27.79
N LEU A 369 -19.82 35.70 28.63
CA LEU A 369 -20.32 35.91 29.99
C LEU A 369 -19.21 36.40 30.93
N LYS A 370 -19.58 37.28 31.85
CA LYS A 370 -18.65 37.81 32.83
C LYS A 370 -18.25 36.71 33.80
N LYS A 371 -16.99 36.72 34.23
CA LYS A 371 -16.46 35.66 35.06
C LYS A 371 -16.89 35.75 36.52
N THR A 372 -18.16 35.44 36.77
CA THR A 372 -18.68 35.40 38.13
C THR A 372 -18.16 34.14 38.82
N ASN A 373 -18.04 34.20 40.14
CA ASN A 373 -17.50 33.06 40.88
C ASN A 373 -18.38 31.82 40.75
N HIS A 374 -19.69 31.99 40.63
CA HIS A 374 -20.58 30.84 40.51
C HIS A 374 -20.49 30.22 39.12
N LEU A 375 -20.02 31.02 38.16
CA LEU A 375 -19.77 30.50 36.83
C LEU A 375 -18.38 29.87 36.80
N LYS A 376 -17.40 30.57 37.35
CA LYS A 376 -16.05 30.04 37.52
C LYS A 376 -16.09 28.64 38.13
N TRP A 377 -16.94 28.45 39.14
CA TRP A 377 -17.04 27.16 39.80
C TRP A 377 -17.53 26.10 38.81
N GLY A 378 -18.60 26.42 38.08
CA GLY A 378 -19.19 25.49 37.14
C GLY A 378 -18.29 25.14 35.97
N LEU A 379 -17.36 26.04 35.65
CA LEU A 379 -16.43 25.85 34.53
C LEU A 379 -15.03 25.46 34.98
N GLY A 380 -14.88 25.19 36.27
CA GLY A 380 -13.64 24.66 36.82
C GLY A 380 -12.46 25.61 36.76
N GLU A 381 -12.73 26.91 36.91
CA GLU A 381 -11.66 27.90 36.93
C GLU A 381 -10.70 27.63 38.10
N GLY A 382 -9.41 27.62 37.80
CA GLY A 382 -8.38 27.52 38.82
C GLY A 382 -8.25 26.16 39.51
N GLN A 383 -9.05 25.19 39.08
CA GLN A 383 -9.04 23.87 39.70
C GLN A 383 -7.81 23.04 39.37
N ALA A 384 -6.91 23.57 38.55
CA ALA A 384 -5.65 22.88 38.28
C ALA A 384 -4.67 23.12 39.42
N PRO A 385 -4.20 22.03 40.08
CA PRO A 385 -3.15 22.26 41.07
C PRO A 385 -1.95 22.96 40.46
N GLU A 386 -1.34 23.89 41.18
CA GLU A 386 -0.22 24.64 40.63
C GLU A 386 0.98 23.72 40.51
N LYS A 387 1.73 23.88 39.42
CA LYS A 387 2.85 23.00 39.14
C LYS A 387 4.10 23.47 39.88
N MET A 388 4.83 22.51 40.44
CA MET A 388 6.03 22.80 41.23
C MET A 388 7.15 21.83 40.95
N ASP A 389 8.39 22.31 41.08
CA ASP A 389 9.54 21.43 41.02
C ASP A 389 9.48 20.46 42.18
N PHE A 390 9.82 19.19 41.92
CA PHE A 390 9.72 18.14 42.92
C PHE A 390 10.48 18.49 44.19
N GLU A 391 11.64 19.12 44.03
CA GLU A 391 12.46 19.54 45.16
C GLU A 391 11.67 20.35 46.17
N ASP A 392 10.85 21.28 45.67
CA ASP A 392 10.15 22.23 46.53
C ASP A 392 8.91 21.64 47.19
N CYS A 393 8.62 20.37 46.95
CA CYS A 393 7.47 19.71 47.56
C CYS A 393 7.75 18.23 47.82
N LYS A 394 9.03 17.87 47.94
CA LYS A 394 9.43 16.50 48.21
C LYS A 394 8.73 15.89 49.43
N GLU A 395 8.61 16.70 50.49
CA GLU A 395 8.27 16.18 51.79
C GLU A 395 6.87 16.59 52.25
N VAL A 396 5.89 16.42 51.37
CA VAL A 396 4.50 16.64 51.74
C VAL A 396 3.86 15.29 52.05
N PRO A 397 3.07 15.19 53.15
CA PRO A 397 2.56 13.88 53.54
C PRO A 397 1.63 13.20 52.52
N ASP A 398 0.66 13.93 51.98
CA ASP A 398 -0.39 13.32 51.15
C ASP A 398 -0.06 13.35 49.66
N LEU A 399 1.20 13.63 49.34
CA LEU A 399 1.63 13.64 47.95
C LEU A 399 1.68 12.22 47.39
N PHE A 400 0.79 11.91 46.46
CA PHE A 400 0.74 10.60 45.82
C PHE A 400 0.69 10.75 44.30
N GLN A 401 0.77 9.62 43.60
CA GLN A 401 0.52 9.59 42.17
C GLN A 401 -0.99 9.66 41.95
N TYR A 402 -1.42 10.19 40.81
CA TYR A 402 -2.83 10.35 40.52
C TYR A 402 -3.55 9.00 40.56
N LYS A 403 -4.79 9.03 41.06
CA LYS A 403 -5.62 7.83 41.09
C LYS A 403 -5.60 7.12 39.74
N SER A 404 -5.24 5.84 39.75
CA SER A 404 -5.06 5.07 38.52
C SER A 404 -5.71 3.70 38.59
N GLU A 405 -6.84 3.63 39.29
CA GLU A 405 -7.56 2.38 39.41
C GLU A 405 -8.50 2.21 38.23
N PRO A 406 -8.95 0.98 37.97
CA PRO A 406 -9.96 0.79 36.92
C PRO A 406 -11.27 1.49 37.27
N PRO A 407 -12.14 1.71 36.27
CA PRO A 407 -13.39 2.43 36.54
C PRO A 407 -14.30 1.67 37.51
N GLU A 408 -15.13 2.41 38.22
CA GLU A 408 -16.11 1.80 39.10
C GLU A 408 -17.19 1.13 38.27
N LYS A 409 -17.43 -0.16 38.54
CA LYS A 409 -18.45 -0.91 37.82
C LYS A 409 -19.82 -0.25 37.99
N ARG A 410 -20.68 -0.44 36.98
CA ARG A 410 -22.05 0.07 37.01
C ARG A 410 -23.00 -0.96 36.40
N LYS A 411 -24.30 -0.79 36.65
CA LYS A 411 -25.31 -1.76 36.24
C LYS A 411 -26.13 -1.26 35.05
N LEU A 412 -26.70 -2.20 34.30
CA LEU A 412 -27.51 -1.87 33.12
C LEU A 412 -28.91 -1.40 33.49
N ALA A 413 -29.25 -0.18 33.07
CA ALA A 413 -30.57 0.40 33.31
C ALA A 413 -31.44 0.30 32.06
N SER A 414 -32.73 0.57 32.23
CA SER A 414 -33.70 0.41 31.15
C SER A 414 -33.66 1.54 30.14
N TRP A 415 -33.09 2.69 30.52
CA TRP A 415 -33.22 3.88 29.72
C TRP A 415 -32.38 3.84 28.45
N ILE A 416 -31.20 3.23 28.52
CA ILE A 416 -30.31 3.19 27.37
C ILE A 416 -30.93 2.40 26.22
N GLN A 417 -31.74 1.40 26.54
CA GLN A 417 -32.48 0.66 25.52
C GLN A 417 -33.63 1.50 24.99
N SER A 418 -34.22 2.30 25.87
CA SER A 418 -35.31 3.17 25.49
C SER A 418 -34.83 4.23 24.50
N GLU A 419 -33.64 4.78 24.79
CA GLU A 419 -33.01 5.77 23.92
C GLU A 419 -32.82 5.23 22.52
N PHE A 420 -32.29 4.01 22.43
CA PHE A 420 -32.03 3.38 21.14
C PHE A 420 -33.33 3.09 20.41
N ASN A 421 -34.37 2.78 21.17
CA ASN A 421 -35.68 2.54 20.60
C ASN A 421 -36.23 3.79 19.92
N LYS A 422 -36.03 4.96 20.54
CA LYS A 422 -36.47 6.21 19.97
C LYS A 422 -35.54 6.70 18.86
N ALA A 423 -34.24 6.54 19.07
CA ALA A 423 -33.24 6.92 18.07
C ALA A 423 -33.46 6.17 16.76
N SER A 424 -34.09 5.00 16.86
CA SER A 424 -34.30 4.13 15.72
C SER A 424 -35.62 4.42 15.01
N GLU A 425 -36.28 5.52 15.38
CA GLU A 425 -37.60 5.85 14.85
C GLU A 425 -37.60 7.01 13.86
N LEU A 426 -38.64 7.06 13.02
CA LEU A 426 -38.86 8.18 12.12
C LEU A 426 -39.40 9.40 12.86
N THR A 427 -39.28 10.57 12.22
CA THR A 427 -39.88 11.80 12.73
C THR A 427 -40.58 12.50 11.57
N ASN A 428 -41.10 13.69 11.82
CA ASN A 428 -41.82 14.44 10.80
C ASN A 428 -41.02 15.66 10.34
N SER A 429 -39.70 15.52 10.32
CA SER A 429 -38.81 16.59 9.90
C SER A 429 -37.59 16.04 9.18
N ASN A 430 -37.25 16.68 8.06
CA ASN A 430 -36.01 16.36 7.34
C ASN A 430 -34.81 16.97 8.04
N TRP A 431 -33.93 16.12 8.57
CA TRP A 431 -32.80 16.56 9.36
C TRP A 431 -31.51 16.76 8.54
N ILE A 432 -31.37 16.03 7.44
CA ILE A 432 -30.14 16.08 6.66
C ILE A 432 -30.33 16.75 5.30
N GLU A 433 -29.50 17.77 5.01
CA GLU A 433 -29.51 18.45 3.72
C GLU A 433 -28.22 18.18 2.94
N PHE A 434 -28.31 17.36 1.90
CA PHE A 434 -27.14 16.95 1.11
C PHE A 434 -26.72 17.96 0.05
N ASP A 435 -25.41 18.19 -0.06
CA ASP A 435 -24.87 19.08 -1.08
C ASP A 435 -25.02 18.49 -2.49
N GLU A 436 -24.81 19.32 -3.50
CA GLU A 436 -25.13 18.94 -4.86
C GLU A 436 -24.13 17.96 -5.45
N LEU A 437 -24.49 17.44 -6.61
CA LEU A 437 -23.76 16.37 -7.24
C LEU A 437 -23.65 16.66 -8.74
N GLY A 438 -22.59 16.16 -9.37
CA GLY A 438 -22.48 16.26 -10.80
C GLY A 438 -23.62 15.50 -11.44
N ASN A 439 -24.19 16.07 -12.50
CA ASN A 439 -25.33 15.46 -13.19
C ASN A 439 -25.09 13.99 -13.49
N ASP A 440 -26.15 13.20 -13.45
CA ASP A 440 -26.06 11.79 -13.83
C ASP A 440 -25.94 11.66 -15.34
N VAL A 441 -25.09 10.73 -15.78
CA VAL A 441 -24.91 10.46 -17.18
C VAL A 441 -24.99 8.97 -17.46
N ALA A 442 -24.13 8.20 -16.79
CA ALA A 442 -24.17 6.75 -16.95
C ALA A 442 -25.48 6.19 -16.39
N PRO A 443 -26.01 5.10 -17.00
CA PRO A 443 -27.21 4.48 -16.44
C PRO A 443 -27.07 4.11 -14.96
N ILE A 444 -25.90 3.62 -14.57
CA ILE A 444 -25.68 3.21 -13.20
C ILE A 444 -25.77 4.39 -12.24
N GLU A 445 -25.51 5.59 -12.76
CA GLU A 445 -25.63 6.80 -11.94
C GLU A 445 -27.10 7.18 -11.75
N HIS A 446 -27.92 6.82 -12.72
CA HIS A 446 -29.36 7.04 -12.60
C HIS A 446 -29.92 6.03 -11.59
N ILE A 447 -29.50 4.78 -11.74
CA ILE A 447 -29.86 3.73 -10.81
C ILE A 447 -29.45 4.11 -9.38
N ALA A 448 -28.23 4.62 -9.25
CA ALA A 448 -27.71 5.06 -7.96
C ALA A 448 -28.62 6.10 -7.32
N SER A 449 -28.92 7.16 -8.07
CA SER A 449 -29.73 8.26 -7.57
C SER A 449 -31.14 7.81 -7.23
N ARG A 450 -31.64 6.84 -8.00
CA ARG A 450 -32.95 6.27 -7.73
C ARG A 450 -32.91 5.55 -6.39
N ARG A 451 -31.88 4.73 -6.19
CA ARG A 451 -31.65 4.02 -4.93
C ARG A 451 -31.33 5.00 -3.81
N ARG A 452 -30.62 6.06 -4.15
CA ARG A 452 -30.19 7.04 -3.16
C ARG A 452 -31.38 7.82 -2.59
N ASN A 453 -32.38 8.06 -3.41
CA ASN A 453 -33.57 8.78 -2.97
C ASN A 453 -34.30 8.02 -1.87
N PHE A 454 -34.44 6.71 -2.05
CA PHE A 454 -35.03 5.85 -1.03
C PHE A 454 -34.27 5.94 0.29
N PHE A 455 -32.96 5.72 0.23
CA PHE A 455 -32.11 5.83 1.41
C PHE A 455 -32.31 7.16 2.11
N THR A 456 -32.24 8.24 1.35
CA THR A 456 -32.38 9.58 1.91
C THR A 456 -33.73 9.75 2.58
N ALA A 457 -34.75 9.12 2.02
CA ALA A 457 -36.09 9.20 2.58
C ALA A 457 -36.14 8.53 3.94
N GLU A 458 -35.78 7.25 3.98
CA GLU A 458 -35.82 6.47 5.21
C GLU A 458 -34.92 7.03 6.31
N VAL A 459 -33.85 7.72 5.89
CA VAL A 459 -32.79 8.13 6.81
C VAL A 459 -32.90 9.57 7.32
N SER A 460 -33.22 10.50 6.43
CA SER A 460 -33.20 11.92 6.77
C SER A 460 -34.21 12.28 7.85
N GLN A 461 -35.25 11.47 7.98
CA GLN A 461 -36.29 11.69 8.97
C GLN A 461 -36.03 10.91 10.26
N CYS A 462 -35.09 9.98 10.23
CA CYS A 462 -34.75 9.17 11.40
C CYS A 462 -34.16 10.04 12.52
N ARG A 463 -34.62 9.81 13.74
CA ARG A 463 -34.23 10.64 14.88
C ARG A 463 -32.72 10.61 15.14
N ALA A 464 -32.09 9.51 14.78
CA ALA A 464 -30.64 9.41 14.90
C ALA A 464 -29.94 10.48 14.06
N SER A 465 -30.54 10.87 12.94
CA SER A 465 -29.95 11.91 12.09
C SER A 465 -30.03 13.27 12.78
N GLU A 466 -31.06 13.47 13.58
CA GLU A 466 -31.16 14.71 14.35
C GLU A 466 -30.02 14.80 15.33
N TYR A 467 -29.68 13.68 15.95
CA TYR A 467 -28.56 13.62 16.89
C TYR A 467 -27.26 13.91 16.14
N ILE A 468 -27.10 13.34 14.95
CA ILE A 468 -25.95 13.63 14.10
C ILE A 468 -25.75 15.13 13.91
N MET A 469 -26.81 15.84 13.53
CA MET A 469 -26.74 17.27 13.31
C MET A 469 -26.47 18.06 14.59
N LYS A 470 -27.10 17.68 15.70
CA LYS A 470 -26.79 18.33 16.98
C LYS A 470 -25.31 18.13 17.28
N ALA A 471 -24.83 16.89 17.09
CA ALA A 471 -23.43 16.59 17.38
C ALA A 471 -22.50 17.39 16.50
N VAL A 472 -22.77 17.41 15.20
CA VAL A 472 -21.92 18.16 14.26
C VAL A 472 -21.93 19.65 14.58
N TYR A 473 -23.11 20.19 14.84
CA TYR A 473 -23.23 21.60 15.18
C TYR A 473 -22.46 21.93 16.45
N ILE A 474 -22.82 21.26 17.54
CA ILE A 474 -22.20 21.50 18.83
C ILE A 474 -20.68 21.37 18.77
N ASN A 475 -20.19 20.25 18.26
CA ASN A 475 -18.76 19.99 18.25
C ASN A 475 -18.00 20.97 17.35
N THR A 476 -18.62 21.37 16.24
CA THR A 476 -18.02 22.35 15.35
C THR A 476 -17.95 23.70 16.05
N ALA A 477 -19.07 24.13 16.61
CA ALA A 477 -19.14 25.40 17.32
C ALA A 477 -18.13 25.42 18.45
N LEU A 478 -18.06 24.33 19.22
CA LEU A 478 -17.14 24.28 20.35
C LEU A 478 -15.69 24.33 19.89
N LEU A 479 -15.33 23.54 18.90
CA LEU A 479 -13.96 23.53 18.41
C LEU A 479 -13.53 24.92 17.95
N ASN A 480 -14.34 25.54 17.10
CA ASN A 480 -14.03 26.86 16.58
C ASN A 480 -13.92 27.88 17.71
N SER A 481 -14.92 27.87 18.59
CA SER A 481 -14.95 28.78 19.73
C SER A 481 -13.76 28.53 20.66
N SER A 482 -13.50 27.26 20.96
CA SER A 482 -12.35 26.87 21.77
C SER A 482 -11.06 27.46 21.20
N CYS A 483 -10.86 27.31 19.90
CA CYS A 483 -9.62 27.74 19.28
C CYS A 483 -9.47 29.26 19.26
N THR A 484 -10.54 29.95 18.88
CA THR A 484 -10.50 31.40 18.71
C THR A 484 -10.56 32.17 20.04
N ALA A 485 -11.52 31.83 20.89
CA ALA A 485 -11.74 32.57 22.13
C ALA A 485 -11.30 31.78 23.36
N MET A 486 -9.98 31.68 23.55
CA MET A 486 -9.43 30.78 24.55
C MET A 486 -9.71 31.24 25.98
N GLU A 487 -9.76 32.54 26.20
CA GLU A 487 -9.88 33.08 27.56
C GLU A 487 -11.30 33.47 27.95
N GLU A 488 -12.20 33.60 26.97
CA GLU A 488 -13.55 34.07 27.23
C GLU A 488 -14.51 32.90 27.50
N TYR A 489 -15.55 33.18 28.28
CA TYR A 489 -16.65 32.22 28.46
C TYR A 489 -17.72 32.47 27.42
N GLN A 490 -17.62 31.82 26.27
CA GLN A 490 -18.52 32.10 25.16
C GLN A 490 -19.81 31.29 25.20
N VAL A 491 -20.93 31.97 24.98
CA VAL A 491 -22.22 31.30 24.88
C VAL A 491 -22.45 30.75 23.47
N ILE A 492 -22.83 29.49 23.39
CA ILE A 492 -23.11 28.82 22.13
C ILE A 492 -24.52 28.23 22.16
N PRO A 493 -25.45 28.83 21.42
CA PRO A 493 -26.82 28.27 21.43
C PRO A 493 -26.86 26.93 20.72
N ILE A 494 -27.68 26.01 21.22
CA ILE A 494 -27.79 24.69 20.64
C ILE A 494 -28.88 24.70 19.57
N ILE A 495 -28.45 24.93 18.33
CA ILE A 495 -29.36 25.12 17.20
C ILE A 495 -29.29 24.00 16.17
N THR A 496 -30.43 23.70 15.55
CA THR A 496 -30.48 22.89 14.35
C THR A 496 -31.47 23.47 13.36
N LYS A 497 -31.27 23.15 12.09
CA LYS A 497 -32.18 23.55 11.03
C LYS A 497 -32.83 22.29 10.48
N CYS A 498 -34.08 22.37 10.05
CA CYS A 498 -34.73 21.25 9.40
C CYS A 498 -35.85 21.71 8.48
N ARG A 499 -36.54 20.75 7.87
CA ARG A 499 -37.66 21.02 7.00
C ARG A 499 -38.86 20.19 7.40
N ASP A 500 -40.03 20.83 7.48
CA ASP A 500 -41.25 20.11 7.79
C ASP A 500 -41.56 19.11 6.69
N THR A 501 -42.59 18.29 6.91
CA THR A 501 -43.06 17.39 5.87
C THR A 501 -43.57 18.17 4.67
N SER A 502 -43.84 19.46 4.90
CA SER A 502 -44.29 20.37 3.85
C SER A 502 -43.13 21.03 3.10
N GLY A 503 -41.90 20.74 3.53
CA GLY A 503 -40.74 21.35 2.93
C GLY A 503 -40.50 22.75 3.48
N GLN A 504 -41.24 23.10 4.52
CA GLN A 504 -41.11 24.42 5.16
C GLN A 504 -39.91 24.41 6.10
N ARG A 505 -39.02 25.40 5.95
CA ARG A 505 -37.77 25.42 6.71
C ARG A 505 -37.98 25.96 8.12
N ARG A 506 -37.30 25.33 9.08
CA ARG A 506 -37.54 25.58 10.50
C ARG A 506 -36.23 25.61 11.30
N THR A 507 -36.15 26.51 12.27
CA THR A 507 -34.98 26.62 13.13
C THR A 507 -35.30 26.22 14.57
N ASN A 508 -34.58 25.23 15.09
CA ASN A 508 -34.86 24.69 16.41
C ASN A 508 -33.80 25.06 17.44
N LEU A 509 -34.23 25.48 18.62
CA LEU A 509 -33.31 25.78 19.74
C LEU A 509 -33.55 24.81 20.89
N TYR A 510 -32.50 24.09 21.28
CA TYR A 510 -32.63 23.07 22.32
C TYR A 510 -32.23 23.60 23.68
N GLY A 511 -31.36 24.62 23.69
CA GLY A 511 -30.83 25.14 24.92
C GLY A 511 -29.57 25.93 24.66
N PHE A 512 -28.67 25.98 25.63
CA PHE A 512 -27.43 26.73 25.47
C PHE A 512 -26.23 25.93 25.97
N ILE A 513 -25.05 26.40 25.58
CA ILE A 513 -23.80 25.85 26.06
C ILE A 513 -22.88 27.01 26.42
N ILE A 514 -22.18 26.88 27.54
CA ILE A 514 -21.29 27.95 27.99
C ILE A 514 -19.88 27.40 28.11
N LYS A 515 -19.04 27.81 27.17
CA LYS A 515 -17.69 27.32 27.04
C LYS A 515 -16.80 27.87 28.16
N GLY A 516 -15.90 27.02 28.66
CA GLY A 516 -14.91 27.46 29.63
C GLY A 516 -13.67 27.98 28.92
N ARG A 517 -12.56 28.09 29.65
CA ARG A 517 -11.30 28.44 29.03
C ARG A 517 -10.86 27.22 28.22
N SER A 518 -10.06 27.45 27.19
CA SER A 518 -9.76 26.40 26.22
C SER A 518 -8.36 26.53 25.62
N HIS A 519 -7.35 26.56 26.49
CA HIS A 519 -5.96 26.53 26.05
C HIS A 519 -5.55 25.10 25.73
N LEU A 520 -6.29 24.47 24.82
CA LEU A 520 -6.08 23.08 24.48
C LEU A 520 -4.75 22.87 23.76
N ARG A 521 -3.93 21.98 24.31
CA ARG A 521 -2.63 21.66 23.73
C ARG A 521 -2.64 20.21 23.21
N ASN A 522 -2.60 19.25 24.12
CA ASN A 522 -2.70 17.85 23.74
C ASN A 522 -4.10 17.56 23.23
N ASP A 523 -4.23 16.56 22.37
CA ASP A 523 -5.51 16.23 21.78
C ASP A 523 -6.50 15.70 22.83
N THR A 524 -5.98 15.30 24.00
CA THR A 524 -6.81 14.83 25.11
C THR A 524 -7.26 15.94 26.05
N ASP A 525 -6.54 17.07 26.01
CA ASP A 525 -6.83 18.20 26.90
C ASP A 525 -8.31 18.55 26.90
N VAL A 526 -8.80 19.01 28.04
CA VAL A 526 -10.23 19.13 28.26
C VAL A 526 -10.70 20.57 28.22
N VAL A 527 -11.84 20.77 27.55
CA VAL A 527 -12.60 22.00 27.68
C VAL A 527 -13.75 21.70 28.62
N ASN A 528 -13.91 22.50 29.68
CA ASN A 528 -15.11 22.40 30.51
C ASN A 528 -16.18 23.29 29.92
N PHE A 529 -17.43 22.88 30.05
CA PHE A 529 -18.54 23.73 29.63
C PHE A 529 -19.79 23.40 30.41
N ILE A 530 -20.80 24.25 30.28
CA ILE A 530 -22.08 24.04 30.94
C ILE A 530 -23.18 23.86 29.90
N SER A 531 -23.83 22.71 29.95
CA SER A 531 -25.01 22.45 29.14
C SER A 531 -26.26 22.94 29.87
N LEU A 532 -27.16 23.60 29.14
CA LEU A 532 -28.44 24.02 29.69
C LEU A 532 -29.56 23.73 28.70
N GLU A 533 -30.25 22.61 28.89
CA GLU A 533 -31.20 22.10 27.91
C GLU A 533 -32.64 21.97 28.40
N PHE A 534 -33.57 22.37 27.54
CA PHE A 534 -35.00 22.27 27.80
C PHE A 534 -35.46 20.82 27.78
N SER A 535 -36.49 20.51 28.57
CA SER A 535 -37.07 19.17 28.57
C SER A 535 -38.40 19.16 29.31
N LEU A 536 -39.33 18.34 28.82
CA LEU A 536 -40.60 18.10 29.50
C LEU A 536 -40.43 17.00 30.54
N THR A 537 -39.54 16.06 30.25
CA THR A 537 -39.33 14.88 31.07
C THR A 537 -39.02 15.21 32.53
N ASP A 538 -39.83 14.66 33.44
CA ASP A 538 -39.58 14.76 34.88
C ASP A 538 -38.39 13.85 35.23
N PRO A 539 -37.27 14.43 35.67
CA PRO A 539 -36.11 13.59 35.98
C PRO A 539 -36.37 12.62 37.14
N ARG A 540 -37.19 13.03 38.09
CA ARG A 540 -37.44 12.24 39.28
C ARG A 540 -38.10 10.89 38.97
N ASN A 541 -38.69 10.78 37.78
CA ASN A 541 -39.29 9.52 37.33
C ASN A 541 -38.24 8.51 36.86
N GLU A 542 -36.98 8.92 36.86
CA GLU A 542 -35.89 8.05 36.47
C GLU A 542 -34.58 8.69 36.95
N ILE A 543 -34.57 9.02 38.23
CA ILE A 543 -33.53 9.83 38.86
C ILE A 543 -32.10 9.27 38.74
N HIS A 544 -31.98 7.99 38.42
CA HIS A 544 -30.66 7.39 38.25
C HIS A 544 -30.02 7.86 36.95
N LYS A 545 -30.85 8.08 35.94
CA LYS A 545 -30.40 8.53 34.64
C LYS A 545 -29.68 9.89 34.70
N TRP A 546 -29.94 10.66 35.75
CA TRP A 546 -29.55 12.07 35.76
C TRP A 546 -28.58 12.46 36.87
N GLU A 547 -27.75 11.53 37.32
CA GLU A 547 -26.81 11.78 38.41
C GLU A 547 -26.05 13.09 38.24
N LYS A 548 -25.50 13.30 37.06
CA LYS A 548 -24.60 14.42 36.83
C LYS A 548 -25.33 15.74 36.64
N TYR A 549 -26.65 15.67 36.52
CA TYR A 549 -27.47 16.83 36.19
C TYR A 549 -28.07 17.53 37.41
N CYS A 550 -28.21 18.85 37.30
CA CYS A 550 -29.05 19.64 38.20
C CYS A 550 -30.21 20.19 37.39
N VAL A 551 -31.42 19.75 37.71
CA VAL A 551 -32.60 20.10 36.92
C VAL A 551 -33.43 21.20 37.57
N LEU A 552 -33.71 22.25 36.80
CA LEU A 552 -34.55 23.34 37.27
C LEU A 552 -35.94 23.20 36.65
N GLU A 553 -36.92 23.87 37.26
CA GLU A 553 -38.25 24.02 36.66
C GLU A 553 -38.41 25.48 36.29
N ILE A 554 -38.73 25.75 35.02
CA ILE A 554 -38.67 27.11 34.50
C ILE A 554 -39.94 27.62 33.84
N GLY A 555 -40.98 26.79 33.74
CA GLY A 555 -42.23 27.24 33.12
C GLY A 555 -43.29 26.18 32.96
N ASP A 556 -44.29 26.49 32.13
CA ASP A 556 -45.40 25.58 31.84
C ASP A 556 -45.91 25.77 30.40
N MET A 557 -46.58 24.76 29.85
CA MET A 557 -47.22 24.89 28.55
C MET A 557 -48.29 23.82 28.33
N GLU A 558 -49.24 24.10 27.44
CA GLU A 558 -50.38 23.21 27.21
C GLU A 558 -50.10 22.20 26.12
N ILE A 559 -50.70 21.01 26.24
CA ILE A 559 -50.58 19.95 25.24
C ILE A 559 -51.90 19.19 25.09
N ARG A 560 -52.16 18.70 23.88
CA ARG A 560 -53.38 17.92 23.60
C ARG A 560 -53.06 16.44 23.40
N THR A 561 -53.88 15.57 24.00
CA THR A 561 -53.78 14.13 23.78
C THR A 561 -54.77 13.73 22.68
N SER A 562 -55.03 12.43 22.55
CA SER A 562 -55.95 11.95 21.54
C SER A 562 -57.37 12.49 21.76
N ILE A 563 -57.87 12.34 22.98
CA ILE A 563 -59.19 12.84 23.35
C ILE A 563 -59.06 14.02 24.32
N SER A 564 -58.33 13.81 25.40
CA SER A 564 -58.17 14.84 26.44
C SER A 564 -57.06 15.83 26.10
N THR A 565 -56.88 16.83 26.96
CA THR A 565 -55.84 17.84 26.79
C THR A 565 -55.51 18.50 28.14
N ILE A 566 -54.21 18.60 28.44
CA ILE A 566 -53.74 18.98 29.77
C ILE A 566 -52.45 19.84 29.69
N MET A 567 -52.19 20.59 30.76
CA MET A 567 -51.02 21.47 30.86
C MET A 567 -49.87 20.82 31.64
N LYS A 568 -48.65 20.92 31.10
CA LYS A 568 -47.47 20.32 31.72
C LYS A 568 -46.36 21.35 31.96
N PRO A 569 -45.46 21.09 32.94
CA PRO A 569 -44.36 21.99 33.27
C PRO A 569 -43.09 21.70 32.46
N VAL A 570 -42.25 22.72 32.26
CA VAL A 570 -41.04 22.57 31.46
C VAL A 570 -39.80 22.70 32.33
N TYR A 571 -38.87 21.77 32.14
CA TYR A 571 -37.67 21.69 32.96
C TYR A 571 -36.42 22.13 32.19
N LEU A 572 -35.42 22.57 32.94
CA LEU A 572 -34.11 22.92 32.40
C LEU A 572 -33.02 22.02 32.96
N TYR A 573 -32.60 21.03 32.17
CA TYR A 573 -31.49 20.18 32.58
C TYR A 573 -30.16 20.90 32.43
N VAL A 574 -29.59 21.31 33.56
CA VAL A 574 -28.30 22.00 33.57
C VAL A 574 -27.21 21.04 34.04
N ARG A 575 -25.98 21.25 33.58
CA ARG A 575 -24.86 20.36 33.91
C ARG A 575 -23.52 20.98 33.53
N THR A 576 -22.47 20.58 34.23
CA THR A 576 -21.10 20.82 33.80
C THR A 576 -20.57 19.58 33.08
N ASN A 577 -20.06 19.77 31.86
CA ASN A 577 -19.53 18.66 31.07
C ASN A 577 -18.20 19.05 30.45
N GLY A 578 -17.55 18.07 29.84
CA GLY A 578 -16.23 18.28 29.27
C GLY A 578 -16.01 17.55 27.96
N THR A 579 -15.05 18.05 27.18
CA THR A 579 -14.70 17.43 25.91
C THR A 579 -13.27 17.80 25.53
N SER A 580 -12.75 17.12 24.50
CA SER A 580 -11.38 17.32 24.02
C SER A 580 -11.33 17.52 22.49
N LYS A 581 -10.24 18.07 21.96
CA LYS A 581 -10.10 18.28 20.51
C LYS A 581 -10.41 17.02 19.72
N ILE A 582 -9.87 15.89 20.16
CA ILE A 582 -10.10 14.65 19.45
C ILE A 582 -11.55 14.25 19.55
N LYS A 583 -12.16 14.49 20.71
CA LYS A 583 -13.55 14.12 20.93
C LYS A 583 -14.49 14.88 19.98
N MET A 584 -14.28 16.19 19.85
CA MET A 584 -15.20 16.97 19.04
C MET A 584 -14.79 16.94 17.56
N LYS A 585 -13.51 16.66 17.29
CA LYS A 585 -13.11 16.41 15.90
C LYS A 585 -13.93 15.26 15.35
N TRP A 586 -14.08 14.21 16.15
CA TRP A 586 -14.83 13.03 15.71
C TRP A 586 -16.33 13.26 15.77
N GLY A 587 -16.73 14.31 16.48
CA GLY A 587 -18.13 14.66 16.58
C GLY A 587 -18.54 15.44 15.36
N MET A 588 -17.62 16.27 14.87
CA MET A 588 -17.81 17.00 13.63
C MET A 588 -18.02 16.06 12.44
N GLU A 589 -17.45 14.86 12.52
CA GLU A 589 -17.48 13.92 11.41
C GLU A 589 -18.57 12.87 11.56
N MET A 590 -19.58 13.13 12.38
CA MET A 590 -20.53 12.07 12.72
C MET A 590 -21.39 11.66 11.52
N ARG A 591 -21.38 12.46 10.46
CA ARG A 591 -22.18 12.15 9.28
C ARG A 591 -21.77 10.83 8.63
N ARG A 592 -20.53 10.38 8.83
CA ARG A 592 -20.07 9.13 8.23
C ARG A 592 -20.87 7.94 8.76
N CYS A 593 -21.61 8.15 9.84
CA CYS A 593 -22.52 7.13 10.34
C CYS A 593 -23.52 6.73 9.28
N LEU A 594 -23.92 7.69 8.44
CA LEU A 594 -24.84 7.42 7.35
C LEU A 594 -24.25 6.38 6.41
N LEU A 595 -22.95 6.46 6.19
CA LEU A 595 -22.28 5.57 5.25
C LEU A 595 -22.22 4.14 5.77
N GLN A 596 -21.96 3.99 7.06
CA GLN A 596 -21.86 2.67 7.67
C GLN A 596 -23.17 1.92 7.54
N SER A 597 -24.26 2.59 7.91
CA SER A 597 -25.58 2.02 7.80
C SER A 597 -25.94 1.68 6.35
N LEU A 598 -25.92 2.68 5.49
CA LEU A 598 -26.42 2.52 4.12
C LEU A 598 -25.58 1.57 3.28
N GLN A 599 -24.29 1.50 3.57
CA GLN A 599 -23.43 0.55 2.85
C GLN A 599 -23.87 -0.88 3.17
N GLN A 600 -24.25 -1.11 4.42
CA GLN A 600 -24.71 -2.43 4.83
C GLN A 600 -26.02 -2.75 4.10
N VAL A 601 -26.97 -1.83 4.18
CA VAL A 601 -28.26 -1.99 3.50
C VAL A 601 -28.09 -2.20 2.00
N GLU A 602 -27.30 -1.33 1.36
CA GLU A 602 -27.12 -1.41 -0.08
C GLU A 602 -26.52 -2.76 -0.46
N SER A 603 -25.62 -3.27 0.37
CA SER A 603 -25.01 -4.58 0.12
C SER A 603 -26.08 -5.66 0.14
N MET A 604 -26.97 -5.59 1.11
CA MET A 604 -28.06 -6.55 1.23
C MET A 604 -28.97 -6.50 0.01
N ILE A 605 -29.32 -5.29 -0.42
CA ILE A 605 -30.15 -5.09 -1.61
C ILE A 605 -29.44 -5.63 -2.85
N GLU A 606 -28.14 -5.36 -2.94
CA GLU A 606 -27.37 -5.74 -4.10
C GLU A 606 -27.26 -7.27 -4.17
N ALA A 607 -27.00 -7.90 -3.03
CA ALA A 607 -26.81 -9.35 -2.98
C ALA A 607 -28.03 -10.09 -3.53
N GLU A 608 -29.22 -9.59 -3.24
CA GLU A 608 -30.44 -10.19 -3.74
C GLU A 608 -30.61 -9.83 -5.20
N SER A 609 -30.29 -8.59 -5.56
CA SER A 609 -30.38 -8.13 -6.93
C SER A 609 -29.53 -9.00 -7.85
N ALA A 610 -28.40 -9.48 -7.31
CA ALA A 610 -27.50 -10.35 -8.06
C ALA A 610 -28.19 -11.65 -8.43
N VAL A 611 -28.71 -12.36 -7.43
CA VAL A 611 -29.28 -13.68 -7.65
C VAL A 611 -30.59 -13.59 -8.41
N LYS A 612 -31.37 -12.54 -8.14
CA LYS A 612 -32.62 -12.34 -8.86
C LYS A 612 -32.37 -11.76 -10.25
N GLU A 613 -31.15 -11.30 -10.48
CA GLU A 613 -30.74 -10.70 -11.76
C GLU A 613 -31.65 -9.54 -12.15
N LYS A 614 -31.74 -8.56 -11.25
CA LYS A 614 -32.71 -7.49 -11.37
C LYS A 614 -32.49 -6.47 -10.26
N ASP A 615 -32.73 -5.19 -10.54
CA ASP A 615 -32.59 -4.16 -9.52
C ASP A 615 -33.69 -4.32 -8.48
N MET A 616 -33.30 -4.82 -7.31
CA MET A 616 -34.25 -5.21 -6.28
C MET A 616 -34.54 -4.07 -5.32
N THR A 617 -34.22 -2.84 -5.71
CA THR A 617 -34.42 -1.69 -4.84
C THR A 617 -35.90 -1.43 -4.58
N GLU A 618 -36.65 -1.14 -5.63
CA GLU A 618 -38.05 -0.76 -5.50
C GLU A 618 -38.86 -1.87 -4.81
N PRO A 619 -38.60 -3.14 -5.17
CA PRO A 619 -39.17 -4.20 -4.34
C PRO A 619 -38.91 -4.00 -2.85
N PHE A 620 -37.64 -4.03 -2.45
CA PHE A 620 -37.26 -3.94 -1.03
C PHE A 620 -37.94 -2.78 -0.28
N PHE A 621 -38.02 -1.61 -0.90
CA PHE A 621 -38.54 -0.42 -0.22
C PHE A 621 -40.04 -0.24 -0.42
N ARG A 622 -40.53 -0.50 -1.63
CA ARG A 622 -41.94 -0.28 -1.95
C ARG A 622 -42.76 -1.53 -1.66
N ASN A 623 -42.36 -2.66 -2.21
CA ASN A 623 -43.01 -3.93 -1.91
C ASN A 623 -42.78 -4.25 -0.43
N ARG A 624 -43.65 -3.70 0.41
CA ARG A 624 -43.45 -3.72 1.85
C ARG A 624 -43.59 -5.13 2.44
N GLU A 625 -42.51 -5.63 3.03
CA GLU A 625 -42.53 -6.93 3.69
C GLU A 625 -41.65 -6.90 4.94
N ASN A 626 -42.23 -7.29 6.08
CA ASN A 626 -41.48 -7.40 7.33
C ASN A 626 -40.71 -8.72 7.40
N ASP A 627 -39.41 -8.68 7.08
CA ASP A 627 -38.62 -9.91 6.99
C ASP A 627 -37.14 -9.72 7.36
N TRP A 628 -36.90 -9.00 8.44
CA TRP A 628 -35.55 -8.93 9.03
C TRP A 628 -35.67 -8.81 10.54
N PRO A 629 -35.29 -9.87 11.27
CA PRO A 629 -35.36 -9.78 12.73
C PRO A 629 -34.55 -8.61 13.28
N ILE A 630 -35.20 -7.73 14.03
CA ILE A 630 -34.57 -6.54 14.57
C ILE A 630 -35.17 -6.12 15.90
N GLY A 631 -35.85 -7.04 16.58
CA GLY A 631 -36.43 -6.71 17.87
C GLY A 631 -37.04 -7.89 18.59
N GLU A 632 -37.34 -7.69 19.88
CA GLU A 632 -37.95 -8.71 20.71
C GLU A 632 -39.05 -8.13 21.58
N SER A 633 -40.27 -8.64 21.40
CA SER A 633 -41.43 -8.24 22.20
C SER A 633 -41.82 -9.39 23.13
N PRO A 634 -42.89 -9.20 23.92
CA PRO A 634 -43.36 -10.35 24.71
C PRO A 634 -43.86 -11.48 23.82
N GLN A 635 -44.44 -11.14 22.67
CA GLN A 635 -44.88 -12.15 21.71
C GLN A 635 -43.70 -12.96 21.17
N GLY A 636 -42.54 -12.31 21.09
CA GLY A 636 -41.34 -12.97 20.60
C GLY A 636 -40.50 -12.09 19.69
N ILE A 637 -39.74 -12.73 18.81
CA ILE A 637 -38.87 -12.02 17.89
C ILE A 637 -39.70 -11.31 16.83
N GLU A 638 -39.34 -10.06 16.55
CA GLU A 638 -40.07 -9.24 15.58
C GLU A 638 -39.23 -8.94 14.35
N LYS A 639 -39.82 -9.13 13.18
CA LYS A 639 -39.15 -8.83 11.92
C LYS A 639 -39.52 -7.43 11.44
N GLY A 640 -38.55 -6.71 10.88
CA GLY A 640 -38.77 -5.36 10.35
C GLY A 640 -38.55 -5.28 8.85
N THR A 641 -38.78 -4.08 8.30
CA THR A 641 -38.57 -3.84 6.87
C THR A 641 -37.17 -3.29 6.63
N ILE A 642 -36.76 -3.23 5.36
CA ILE A 642 -35.43 -2.72 5.04
C ILE A 642 -35.30 -1.27 5.49
N GLY A 643 -36.40 -0.54 5.41
CA GLY A 643 -36.42 0.84 5.88
C GLY A 643 -36.11 0.93 7.36
N LYS A 644 -36.64 -0.01 8.14
CA LYS A 644 -36.42 -0.03 9.58
C LYS A 644 -34.98 -0.40 9.88
N VAL A 645 -34.47 -1.38 9.15
CA VAL A 645 -33.09 -1.80 9.30
C VAL A 645 -32.12 -0.64 9.09
N CYS A 646 -32.40 0.21 8.10
CA CYS A 646 -31.59 1.41 7.87
C CYS A 646 -31.46 2.20 9.16
N ARG A 647 -32.60 2.48 9.77
CA ARG A 647 -32.64 3.33 10.94
C ARG A 647 -32.03 2.64 12.15
N VAL A 648 -32.22 1.33 12.27
CA VAL A 648 -31.61 0.58 13.36
C VAL A 648 -30.09 0.62 13.23
N LEU A 649 -29.59 0.35 12.04
CA LEU A 649 -28.15 0.35 11.80
C LEU A 649 -27.55 1.74 11.91
N LEU A 650 -28.33 2.75 11.51
CA LEU A 650 -27.87 4.12 11.65
C LEU A 650 -27.78 4.50 13.11
N ALA A 651 -28.75 4.07 13.89
CA ALA A 651 -28.76 4.34 15.33
C ALA A 651 -27.55 3.68 15.98
N LYS A 652 -27.31 2.42 15.63
CA LYS A 652 -26.16 1.69 16.14
C LYS A 652 -24.87 2.45 15.89
N SER A 653 -24.69 2.90 14.65
CA SER A 653 -23.50 3.64 14.26
C SER A 653 -23.43 4.95 15.01
N VAL A 654 -24.56 5.64 15.10
CA VAL A 654 -24.60 6.93 15.79
C VAL A 654 -24.29 6.77 17.27
N PHE A 655 -24.86 5.74 17.89
CA PHE A 655 -24.60 5.51 19.31
C PHE A 655 -23.17 5.03 19.55
N ASN A 656 -22.59 4.35 18.57
CA ASN A 656 -21.17 3.97 18.66
C ASN A 656 -20.28 5.21 18.69
N SER A 657 -20.78 6.29 18.08
CA SER A 657 -20.02 7.53 18.03
C SER A 657 -20.25 8.36 19.30
N ILE A 658 -21.50 8.48 19.70
CA ILE A 658 -21.86 9.23 20.90
C ILE A 658 -21.29 8.61 22.17
N TYR A 659 -21.36 7.27 22.26
CA TYR A 659 -20.83 6.53 23.39
C TYR A 659 -19.56 5.75 23.03
N ALA A 660 -18.60 6.42 22.41
CA ALA A 660 -17.32 5.79 22.11
C ALA A 660 -16.58 5.51 23.41
N SER A 661 -15.90 4.36 23.50
CA SER A 661 -15.18 3.97 24.71
C SER A 661 -14.27 2.76 24.52
N ALA A 662 -13.14 2.76 25.23
CA ALA A 662 -12.22 1.61 25.22
C ALA A 662 -12.93 0.31 25.56
N GLN A 663 -13.96 0.40 26.40
CA GLN A 663 -14.77 -0.76 26.72
C GLN A 663 -15.46 -1.30 25.47
N LEU A 664 -16.19 -0.41 24.79
CA LEU A 664 -16.85 -0.75 23.53
C LEU A 664 -15.83 -1.29 22.55
N GLU A 665 -14.69 -0.61 22.49
CA GLU A 665 -13.61 -1.00 21.61
C GLU A 665 -13.18 -2.44 21.89
N GLY A 666 -13.07 -2.78 23.17
CA GLY A 666 -12.67 -4.12 23.58
C GLY A 666 -13.77 -5.14 23.40
N PHE A 667 -14.96 -4.84 23.94
CA PHE A 667 -16.11 -5.73 23.81
C PHE A 667 -16.39 -6.08 22.35
N SER A 668 -16.36 -5.08 21.48
CA SER A 668 -16.68 -5.25 20.06
C SER A 668 -15.66 -6.19 19.41
N ALA A 669 -14.40 -6.02 19.77
CA ALA A 669 -13.32 -6.82 19.20
C ALA A 669 -13.41 -8.30 19.61
N GLU A 670 -13.61 -8.56 20.89
CA GLU A 670 -13.58 -9.92 21.43
C GLU A 670 -14.86 -10.71 21.18
N SER A 671 -16.01 -10.07 21.37
CA SER A 671 -17.29 -10.73 21.16
C SER A 671 -17.48 -11.14 19.71
N ARG A 672 -16.78 -10.47 18.80
CA ARG A 672 -16.84 -10.79 17.39
C ARG A 672 -16.39 -12.22 17.13
N LYS A 673 -15.36 -12.63 17.86
CA LYS A 673 -14.86 -14.00 17.79
C LYS A 673 -15.90 -15.02 18.24
N LEU A 674 -16.67 -14.67 19.25
CA LEU A 674 -17.71 -15.58 19.75
C LEU A 674 -18.83 -15.67 18.71
N LEU A 675 -19.19 -14.54 18.12
CA LEU A 675 -20.21 -14.51 17.08
C LEU A 675 -19.80 -15.37 15.90
N LEU A 676 -18.51 -15.31 15.55
CA LEU A 676 -17.99 -16.11 14.45
C LEU A 676 -18.02 -17.61 14.80
N LEU A 677 -17.68 -17.94 16.04
CA LEU A 677 -17.74 -19.32 16.52
C LEU A 677 -19.18 -19.85 16.46
N ILE A 678 -20.12 -19.03 16.89
CA ILE A 678 -21.54 -19.36 16.75
C ILE A 678 -21.93 -19.53 15.28
N GLN A 679 -21.50 -18.61 14.43
CA GLN A 679 -21.78 -18.71 13.00
C GLN A 679 -21.22 -19.99 12.44
N ALA A 680 -19.98 -20.32 12.84
CA ALA A 680 -19.31 -21.50 12.34
C ALA A 680 -20.10 -22.76 12.64
N PHE A 681 -20.60 -22.87 13.87
CA PHE A 681 -21.43 -24.02 14.24
C PHE A 681 -22.71 -24.04 13.43
N ARG A 682 -23.28 -22.85 13.22
CA ARG A 682 -24.57 -22.75 12.55
C ARG A 682 -24.43 -23.07 11.07
N ASP A 683 -23.23 -22.91 10.53
CA ASP A 683 -22.93 -23.34 9.16
C ASP A 683 -22.50 -24.81 9.14
N ASN A 684 -22.57 -25.47 10.29
CA ASN A 684 -22.20 -26.87 10.41
C ASN A 684 -20.76 -27.11 9.95
N LEU A 685 -19.86 -26.26 10.42
CA LEU A 685 -18.45 -26.34 10.08
C LEU A 685 -17.62 -26.88 11.24
N ASP A 686 -18.28 -27.51 12.20
CA ASP A 686 -17.63 -28.18 13.31
C ASP A 686 -16.56 -27.30 13.97
N PRO A 687 -16.99 -26.23 14.63
CA PRO A 687 -16.06 -25.32 15.29
C PRO A 687 -15.45 -25.93 16.56
N GLY A 688 -14.23 -25.51 16.89
CA GLY A 688 -13.56 -25.96 18.09
C GLY A 688 -12.81 -24.82 18.76
N THR A 689 -12.80 -24.84 20.09
CA THR A 689 -12.10 -23.81 20.87
C THR A 689 -11.01 -24.45 21.73
N PHE A 690 -9.93 -23.71 21.95
CA PHE A 690 -8.84 -24.18 22.79
C PHE A 690 -9.05 -23.75 24.25
N ASP A 691 -9.17 -22.45 24.46
CA ASP A 691 -9.44 -21.89 25.78
C ASP A 691 -10.61 -20.91 25.72
N LEU A 692 -11.83 -21.44 25.87
CA LEU A 692 -13.02 -20.62 25.75
C LEU A 692 -13.23 -19.65 26.91
N LYS A 693 -12.99 -20.09 28.14
CA LYS A 693 -13.22 -19.24 29.29
C LYS A 693 -12.20 -18.10 29.34
N GLY A 694 -11.10 -18.26 28.65
CA GLY A 694 -10.15 -17.16 28.49
C GLY A 694 -10.72 -16.09 27.59
N LEU A 695 -11.47 -16.51 26.58
CA LEU A 695 -12.16 -15.60 25.67
C LEU A 695 -13.31 -14.91 26.37
N TYR A 696 -14.09 -15.68 27.13
CA TYR A 696 -15.19 -15.12 27.91
C TYR A 696 -14.66 -14.05 28.85
N GLU A 697 -13.53 -14.32 29.48
CA GLU A 697 -12.95 -13.37 30.42
C GLU A 697 -12.43 -12.16 29.67
N ALA A 698 -11.88 -12.39 28.47
CA ALA A 698 -11.41 -11.29 27.63
C ALA A 698 -12.54 -10.34 27.29
N ILE A 699 -13.66 -10.91 26.87
CA ILE A 699 -14.88 -10.14 26.64
C ILE A 699 -15.35 -9.44 27.93
N GLU A 700 -15.69 -10.24 28.93
CA GLU A 700 -16.29 -9.75 30.16
C GLU A 700 -15.46 -8.68 30.86
N GLU A 701 -14.14 -8.74 30.68
CA GLU A 701 -13.25 -7.74 31.25
C GLU A 701 -13.60 -6.34 30.74
N CYS A 702 -14.20 -6.27 29.55
CA CYS A 702 -14.48 -4.99 28.90
C CYS A 702 -15.82 -4.37 29.32
N ILE A 703 -16.66 -5.14 29.99
CA ILE A 703 -17.97 -4.66 30.44
C ILE A 703 -17.86 -4.11 31.86
N ILE A 704 -17.71 -2.79 31.96
CA ILE A 704 -17.46 -2.14 33.24
C ILE A 704 -18.60 -1.22 33.65
N ASN A 705 -18.79 -0.12 32.94
CA ASN A 705 -19.74 0.90 33.38
C ASN A 705 -20.42 1.73 32.29
N ASP A 706 -20.22 1.36 31.02
CA ASP A 706 -20.75 2.14 29.91
C ASP A 706 -22.13 1.62 29.50
N PRO A 707 -23.16 2.47 29.54
CA PRO A 707 -24.52 2.04 29.17
C PRO A 707 -24.59 1.32 27.83
N TRP A 708 -23.92 1.87 26.82
CA TRP A 708 -23.94 1.32 25.47
C TRP A 708 -23.28 -0.07 25.44
N VAL A 709 -22.09 -0.17 26.01
CA VAL A 709 -21.43 -1.47 26.14
C VAL A 709 -22.30 -2.49 26.87
N LEU A 710 -22.81 -2.11 28.03
CA LEU A 710 -23.74 -2.95 28.79
C LEU A 710 -24.93 -3.40 27.95
N LEU A 711 -25.51 -2.46 27.21
CA LEU A 711 -26.65 -2.76 26.37
C LEU A 711 -26.29 -3.72 25.24
N ASN A 712 -25.08 -3.59 24.71
CA ASN A 712 -24.61 -4.49 23.67
C ASN A 712 -24.33 -5.88 24.22
N ALA A 713 -23.82 -5.94 25.45
CA ALA A 713 -23.62 -7.20 26.14
C ALA A 713 -24.96 -7.92 26.31
N SER A 714 -25.93 -7.18 26.83
CA SER A 714 -27.30 -7.69 26.91
C SER A 714 -27.80 -8.17 25.54
N TRP A 715 -27.68 -7.32 24.52
CA TRP A 715 -28.10 -7.69 23.16
C TRP A 715 -27.48 -8.99 22.70
N PHE A 716 -26.22 -9.21 23.07
CA PHE A 716 -25.53 -10.43 22.69
C PHE A 716 -26.17 -11.65 23.36
N ASN A 717 -26.52 -11.51 24.63
CA ASN A 717 -27.18 -12.59 25.35
C ASN A 717 -28.55 -12.90 24.74
N SER A 718 -29.33 -11.85 24.49
CA SER A 718 -30.66 -12.00 23.89
C SER A 718 -30.55 -12.68 22.53
N PHE A 719 -29.47 -12.38 21.82
CA PHE A 719 -29.18 -13.04 20.56
C PHE A 719 -28.83 -14.51 20.81
N LEU A 720 -27.95 -14.74 21.77
CA LEU A 720 -27.55 -16.09 22.13
C LEU A 720 -28.75 -16.97 22.47
N LYS A 721 -29.61 -16.47 23.36
CA LYS A 721 -30.80 -17.20 23.75
C LYS A 721 -31.70 -17.45 22.54
N ALA A 722 -31.93 -16.39 21.76
CA ALA A 722 -32.76 -16.47 20.56
C ALA A 722 -32.25 -17.55 19.62
N VAL A 723 -30.94 -17.65 19.50
CA VAL A 723 -30.31 -18.67 18.67
C VAL A 723 -30.51 -20.06 19.25
N GLN A 724 -30.24 -20.20 20.55
CA GLN A 724 -30.42 -21.46 21.26
C GLN A 724 -31.84 -22.02 21.13
N LEU A 725 -32.85 -21.14 21.23
CA LEU A 725 -34.24 -21.58 21.13
C LEU A 725 -34.54 -22.24 19.79
N SER A 726 -34.48 -21.46 18.71
CA SER A 726 -34.83 -21.97 17.38
C SER A 726 -33.98 -23.18 16.98
N MET A 727 -32.78 -23.27 17.55
CA MET A 727 -31.86 -24.34 17.19
C MET A 727 -32.12 -25.60 18.01
N GLY A 728 -32.24 -25.43 19.32
CA GLY A 728 -32.46 -26.56 20.22
C GLY A 728 -33.81 -27.20 20.00
N MET B 10 -41.97 -3.22 22.26
CA MET B 10 -40.86 -3.86 21.50
C MET B 10 -39.52 -3.17 21.75
N ASP B 11 -38.52 -3.96 22.09
CA ASP B 11 -37.15 -3.47 22.24
C ASP B 11 -36.33 -3.85 21.01
N VAL B 12 -35.60 -2.89 20.47
CA VAL B 12 -34.82 -3.10 19.25
C VAL B 12 -33.43 -3.65 19.57
N ASN B 13 -33.03 -4.66 18.82
CA ASN B 13 -31.73 -5.31 19.00
C ASN B 13 -31.10 -5.59 17.64
N PRO B 14 -30.14 -4.75 17.22
CA PRO B 14 -29.52 -4.96 15.90
C PRO B 14 -28.77 -6.28 15.77
N MET B 15 -28.37 -6.91 16.87
CA MET B 15 -27.66 -8.19 16.77
C MET B 15 -28.58 -9.29 16.30
N LEU B 16 -29.89 -9.08 16.41
CA LEU B 16 -30.86 -10.09 16.00
C LEU B 16 -30.86 -10.26 14.47
N ILE B 17 -30.25 -9.33 13.76
CA ILE B 17 -30.07 -9.45 12.31
C ILE B 17 -29.32 -10.76 12.00
N PHE B 18 -28.41 -11.13 12.89
CA PHE B 18 -27.57 -12.30 12.69
C PHE B 18 -28.37 -13.60 12.71
N LEU B 19 -29.62 -13.54 13.15
CA LEU B 19 -30.52 -14.69 13.06
C LEU B 19 -30.74 -15.03 11.59
N LYS B 20 -30.91 -13.99 10.77
CA LYS B 20 -31.13 -14.19 9.34
C LYS B 20 -29.83 -14.09 8.55
N VAL B 21 -29.06 -13.05 8.82
CA VAL B 21 -27.88 -12.74 8.02
C VAL B 21 -26.63 -13.36 8.63
N PRO B 22 -25.83 -14.09 7.82
CA PRO B 22 -24.57 -14.62 8.35
C PRO B 22 -23.67 -13.52 8.89
N VAL B 23 -22.91 -13.82 9.94
CA VAL B 23 -22.12 -12.80 10.63
C VAL B 23 -21.15 -12.09 9.70
N GLN B 24 -20.52 -12.84 8.80
CA GLN B 24 -19.59 -12.22 7.87
C GLN B 24 -20.27 -11.19 6.99
N ASN B 25 -21.48 -11.49 6.54
CA ASN B 25 -22.23 -10.62 5.64
C ASN B 25 -22.73 -9.34 6.31
N ALA B 26 -22.76 -9.34 7.64
CA ALA B 26 -23.18 -8.15 8.39
C ALA B 26 -22.11 -7.77 9.39
N ILE B 27 -20.86 -8.02 9.02
CA ILE B 27 -19.74 -7.78 9.91
C ILE B 27 -19.52 -6.28 10.16
N SER B 28 -20.05 -5.45 9.27
CA SER B 28 -19.94 -4.01 9.41
C SER B 28 -20.49 -3.50 10.75
N THR B 29 -21.46 -4.22 11.30
CA THR B 29 -22.10 -3.80 12.53
C THR B 29 -21.26 -4.07 13.78
N THR B 30 -20.24 -4.91 13.65
CA THR B 30 -19.38 -5.25 14.79
C THR B 30 -18.11 -4.41 14.82
N PHE B 31 -18.08 -3.34 14.03
CA PHE B 31 -16.93 -2.43 13.97
C PHE B 31 -17.34 -0.99 14.29
N PRO B 32 -17.10 -0.54 15.53
CA PRO B 32 -17.56 0.77 15.99
C PRO B 32 -16.64 1.91 15.56
N TYR B 33 -16.27 1.94 14.28
CA TYR B 33 -15.19 2.82 13.83
C TYR B 33 -15.68 4.21 13.38
N THR B 34 -16.73 4.72 14.01
CA THR B 34 -17.21 6.08 13.76
C THR B 34 -17.07 6.97 14.99
N GLY B 35 -16.38 6.46 16.01
CA GLY B 35 -16.17 7.21 17.24
C GLY B 35 -14.69 7.33 17.52
N ASP B 36 -14.31 8.35 18.27
CA ASP B 36 -12.91 8.60 18.59
C ASP B 36 -12.30 7.35 19.25
N PRO B 37 -11.12 6.91 18.78
CA PRO B 37 -10.47 5.75 19.38
C PRO B 37 -9.78 6.12 20.71
N PRO B 38 -9.35 5.12 21.51
CA PRO B 38 -8.69 5.37 22.80
C PRO B 38 -7.37 6.13 22.66
N TYR B 39 -7.13 7.02 23.62
CA TYR B 39 -5.91 7.83 23.65
C TYR B 39 -5.32 7.84 25.07
N SER B 40 -4.00 7.66 25.18
CA SER B 40 -3.34 7.72 26.47
C SER B 40 -3.08 9.17 26.87
N HIS B 41 -3.47 9.52 28.09
CA HIS B 41 -3.39 10.90 28.54
C HIS B 41 -2.04 11.25 29.17
N GLY B 42 -1.53 10.35 30.01
CA GLY B 42 -0.33 10.63 30.79
C GLY B 42 0.97 10.13 30.19
N THR B 43 1.56 9.11 30.82
CA THR B 43 2.85 8.58 30.40
C THR B 43 2.79 7.07 30.22
N GLY B 44 3.81 6.54 29.54
CA GLY B 44 3.88 5.12 29.25
C GLY B 44 4.97 4.43 30.04
N THR B 45 5.33 5.02 31.18
CA THR B 45 6.33 4.41 32.04
C THR B 45 5.76 3.14 32.66
N GLY B 46 4.52 3.23 33.13
CA GLY B 46 3.84 2.08 33.70
C GLY B 46 3.67 0.96 32.69
N TYR B 47 3.52 1.33 31.42
CA TYR B 47 3.36 0.35 30.36
C TYR B 47 4.71 -0.20 29.92
N THR B 48 5.71 0.68 29.82
CA THR B 48 7.07 0.26 29.50
C THR B 48 7.58 -0.72 30.55
N MET B 49 7.40 -0.38 31.82
CA MET B 49 7.83 -1.25 32.91
C MET B 49 7.06 -2.56 32.88
N ASP B 50 5.76 -2.49 32.63
CA ASP B 50 4.93 -3.69 32.53
C ASP B 50 5.50 -4.62 31.46
N THR B 51 5.86 -4.05 30.32
CA THR B 51 6.42 -4.81 29.22
C THR B 51 7.74 -5.43 29.65
N VAL B 52 8.66 -4.60 30.15
CA VAL B 52 9.97 -5.07 30.56
C VAL B 52 9.88 -6.17 31.61
N ILE B 53 8.97 -6.03 32.56
CA ILE B 53 8.74 -7.05 33.57
C ILE B 53 8.22 -8.34 32.92
N ARG B 54 7.08 -8.24 32.24
CA ARG B 54 6.47 -9.40 31.57
C ARG B 54 7.48 -10.12 30.69
N THR B 55 8.29 -9.35 29.97
CA THR B 55 9.29 -9.93 29.07
C THR B 55 10.22 -10.89 29.81
N HIS B 56 10.73 -10.44 30.94
CA HIS B 56 11.63 -11.27 31.74
C HIS B 56 10.85 -12.38 32.42
N ASP B 57 9.64 -12.05 32.89
CA ASP B 57 8.80 -13.01 33.59
C ASP B 57 8.48 -14.22 32.72
N TYR B 58 8.49 -14.02 31.40
CA TYR B 58 8.26 -15.11 30.45
C TYR B 58 9.51 -15.96 30.27
N SER B 59 10.66 -15.34 30.53
CA SER B 59 11.95 -16.00 30.34
C SER B 59 12.66 -16.31 31.66
N SER B 60 11.89 -16.29 32.76
CA SER B 60 12.45 -16.32 34.12
C SER B 60 13.46 -17.45 34.38
N ARG B 61 13.27 -18.59 33.72
CA ARG B 61 14.14 -19.75 33.92
C ARG B 61 15.50 -19.60 33.25
N GLY B 62 15.70 -18.51 32.53
CA GLY B 62 16.93 -18.32 31.77
C GLY B 62 18.16 -18.02 32.61
N ILE B 63 19.27 -17.79 31.92
CA ILE B 63 20.57 -17.57 32.55
C ILE B 63 20.93 -16.09 32.61
N TRP B 64 21.12 -15.58 33.82
CA TRP B 64 21.49 -14.18 34.01
C TRP B 64 23.00 -14.00 33.93
N LYS B 65 23.42 -12.89 33.33
CA LYS B 65 24.84 -12.53 33.29
C LYS B 65 25.03 -11.02 33.20
N THR B 66 26.02 -10.51 33.91
CA THR B 66 26.32 -9.09 33.88
C THR B 66 27.20 -8.78 32.68
N ASN B 67 26.79 -7.78 31.90
CA ASN B 67 27.54 -7.42 30.71
C ASN B 67 28.84 -6.71 31.06
N SER B 68 29.90 -7.07 30.34
CA SER B 68 31.23 -6.50 30.56
C SER B 68 31.25 -4.99 30.33
N GLU B 69 30.68 -4.57 29.20
CA GLU B 69 30.78 -3.18 28.77
C GLU B 69 29.68 -2.29 29.34
N THR B 70 28.67 -2.91 29.96
CA THR B 70 27.47 -2.19 30.40
C THR B 70 27.16 -2.40 31.88
N GLY B 71 27.24 -3.64 32.32
CA GLY B 71 26.86 -3.98 33.68
C GLY B 71 25.38 -4.25 33.79
N ALA B 72 24.74 -4.51 32.65
CA ALA B 72 23.32 -4.76 32.60
C ALA B 72 22.98 -6.21 32.95
N GLN B 73 21.99 -6.39 33.82
CA GLN B 73 21.54 -7.74 34.17
C GLN B 73 20.85 -8.38 32.97
N GLN B 74 21.64 -9.01 32.10
CA GLN B 74 21.13 -9.56 30.85
C GLN B 74 20.66 -11.00 30.98
N LEU B 75 19.38 -11.22 30.70
CA LEU B 75 18.78 -12.55 30.78
C LEU B 75 18.87 -13.27 29.43
N ASN B 76 19.14 -14.57 29.48
CA ASN B 76 19.27 -15.40 28.27
C ASN B 76 18.42 -16.65 28.41
N PRO B 77 17.31 -16.73 27.65
CA PRO B 77 16.46 -17.92 27.72
C PRO B 77 16.69 -18.93 26.61
N ILE B 78 17.41 -18.54 25.56
CA ILE B 78 17.57 -19.41 24.42
C ILE B 78 18.36 -20.65 24.83
N ASP B 79 18.01 -21.79 24.24
CA ASP B 79 18.59 -23.08 24.60
C ASP B 79 18.43 -23.35 26.09
N GLY B 80 17.44 -22.68 26.70
CA GLY B 80 17.12 -22.88 28.09
C GLY B 80 16.23 -24.09 28.27
N PRO B 81 15.66 -24.27 29.46
CA PRO B 81 14.80 -25.44 29.70
C PRO B 81 13.54 -25.40 28.86
N LEU B 82 13.04 -26.57 28.44
CA LEU B 82 11.78 -26.64 27.71
C LEU B 82 10.64 -26.34 28.67
N PRO B 83 9.64 -25.57 28.20
CA PRO B 83 8.50 -25.26 29.07
C PRO B 83 7.61 -26.48 29.33
N GLU B 84 6.76 -26.40 30.33
CA GLU B 84 5.86 -27.51 30.64
C GLU B 84 4.47 -27.00 31.06
N ASP B 85 4.06 -25.89 30.45
CA ASP B 85 2.68 -25.41 30.57
C ASP B 85 2.36 -24.51 29.38
N ASN B 86 1.07 -24.26 29.17
CA ASN B 86 0.62 -23.52 28.00
C ASN B 86 0.84 -22.01 28.12
N GLU B 87 1.38 -21.57 29.24
CA GLU B 87 1.65 -20.15 29.45
C GLU B 87 2.68 -19.65 28.43
N PRO B 88 2.72 -18.33 28.19
CA PRO B 88 3.71 -17.78 27.26
C PRO B 88 5.14 -18.04 27.71
N SER B 89 6.01 -18.42 26.78
CA SER B 89 7.38 -18.77 27.09
C SER B 89 8.31 -18.40 25.95
N GLY B 90 9.53 -17.98 26.29
CA GLY B 90 10.50 -17.54 25.31
C GLY B 90 11.71 -18.45 25.22
N TYR B 91 11.53 -19.72 25.58
CA TYR B 91 12.62 -20.68 25.59
C TYR B 91 12.70 -21.44 24.29
N ALA B 92 13.17 -20.76 23.27
CA ALA B 92 13.33 -21.34 21.96
C ALA B 92 14.55 -22.25 21.95
N GLN B 93 14.82 -22.87 20.81
CA GLN B 93 15.95 -23.79 20.68
C GLN B 93 16.69 -23.56 19.36
N THR B 94 17.96 -23.16 19.47
CA THR B 94 18.77 -22.78 18.31
C THR B 94 18.78 -23.85 17.22
N ASP B 95 19.04 -25.09 17.62
CA ASP B 95 19.10 -26.18 16.65
C ASP B 95 17.76 -26.40 15.97
N CYS B 96 16.66 -26.20 16.72
CA CYS B 96 15.32 -26.36 16.17
C CYS B 96 15.00 -25.26 15.17
N VAL B 97 15.48 -24.06 15.44
CA VAL B 97 15.35 -22.95 14.51
C VAL B 97 16.12 -23.22 13.23
N LEU B 98 17.41 -23.52 13.40
CA LEU B 98 18.28 -23.81 12.28
C LEU B 98 17.73 -24.94 11.40
N GLU B 99 17.04 -25.89 12.03
CA GLU B 99 16.42 -26.99 11.29
C GLU B 99 15.33 -26.44 10.37
N LEU B 100 14.50 -25.55 10.91
CA LEU B 100 13.43 -24.93 10.13
C LEU B 100 14.01 -24.00 9.07
N ILE B 101 15.02 -23.22 9.43
CA ILE B 101 15.64 -22.31 8.47
C ILE B 101 16.32 -23.11 7.37
N GLU B 102 16.90 -24.24 7.74
CA GLU B 102 17.53 -25.12 6.76
C GLU B 102 16.48 -25.73 5.83
N GLY B 103 15.38 -26.21 6.42
CA GLY B 103 14.29 -26.75 5.65
C GLY B 103 13.72 -25.73 4.68
N LEU B 104 13.71 -24.48 5.11
CA LEU B 104 13.22 -23.40 4.27
C LEU B 104 14.15 -23.20 3.09
N ASP B 105 15.45 -23.32 3.34
CA ASP B 105 16.45 -23.29 2.27
C ASP B 105 16.24 -24.46 1.34
N ARG B 106 16.00 -25.63 1.93
CA ARG B 106 15.79 -26.86 1.19
C ARG B 106 14.62 -26.73 0.22
N SER B 107 13.54 -26.12 0.70
CA SER B 107 12.30 -26.04 -0.07
C SER B 107 12.32 -24.94 -1.12
N HIS B 108 13.34 -24.08 -1.09
CA HIS B 108 13.46 -22.98 -2.03
C HIS B 108 14.88 -22.84 -2.58
N PRO B 109 15.29 -23.79 -3.44
CA PRO B 109 16.60 -23.84 -4.08
C PRO B 109 17.15 -22.49 -4.55
N GLY B 110 18.19 -22.01 -3.88
CA GLY B 110 18.89 -20.81 -4.29
C GLY B 110 18.15 -19.53 -3.98
N LEU B 111 17.22 -19.58 -3.04
CA LEU B 111 16.50 -18.38 -2.62
C LEU B 111 17.44 -17.48 -1.82
N PHE B 112 18.10 -18.06 -0.82
CA PHE B 112 19.03 -17.32 0.01
C PHE B 112 20.16 -16.73 -0.84
N GLU B 113 20.56 -17.46 -1.87
CA GLU B 113 21.62 -17.02 -2.76
C GLU B 113 21.29 -15.67 -3.38
N THR B 114 20.22 -15.63 -4.16
CA THR B 114 19.81 -14.40 -4.82
C THR B 114 19.40 -13.36 -3.80
N ALA B 115 18.78 -13.80 -2.72
CA ALA B 115 18.36 -12.90 -1.64
C ALA B 115 19.55 -12.11 -1.12
N CYS B 116 20.60 -12.83 -0.73
CA CYS B 116 21.83 -12.21 -0.25
C CYS B 116 22.48 -11.38 -1.35
N GLN B 117 22.60 -11.97 -2.55
CA GLN B 117 23.21 -11.31 -3.69
C GLN B 117 22.61 -9.93 -3.93
N GLU B 118 21.28 -9.84 -3.89
CA GLU B 118 20.59 -8.57 -4.07
C GLU B 118 20.97 -7.61 -2.95
N THR B 119 21.09 -8.13 -1.73
CA THR B 119 21.44 -7.33 -0.58
C THR B 119 22.88 -6.84 -0.69
N ILE B 120 23.74 -7.64 -1.29
CA ILE B 120 25.14 -7.25 -1.52
C ILE B 120 25.19 -6.01 -2.41
N ASP B 121 24.60 -6.12 -3.59
CA ASP B 121 24.54 -5.00 -4.53
C ASP B 121 23.91 -3.78 -3.86
N ALA B 122 22.88 -4.03 -3.07
CA ALA B 122 22.20 -2.98 -2.31
C ALA B 122 23.17 -2.27 -1.38
N ILE B 123 23.76 -3.05 -0.47
CA ILE B 123 24.77 -2.54 0.46
C ILE B 123 25.85 -1.71 -0.23
N GLN B 124 26.45 -2.27 -1.27
CA GLN B 124 27.52 -1.59 -2.01
C GLN B 124 27.06 -0.26 -2.61
N GLN B 125 25.82 -0.22 -3.10
CA GLN B 125 25.32 0.94 -3.83
C GLN B 125 24.64 1.98 -2.95
N THR B 126 24.28 1.58 -1.73
CA THR B 126 23.47 2.44 -0.86
C THR B 126 24.23 3.67 -0.35
N ARG B 127 23.73 4.84 -0.72
CA ARG B 127 24.26 6.09 -0.20
C ARG B 127 23.80 6.31 1.24
N VAL B 128 24.40 7.29 1.91
CA VAL B 128 24.00 7.62 3.27
C VAL B 128 22.64 8.32 3.27
N ASP B 129 22.35 9.01 2.18
CA ASP B 129 21.11 9.77 2.03
C ASP B 129 19.86 8.93 2.35
N LYS B 130 19.91 7.65 2.02
CA LYS B 130 18.76 6.77 2.20
C LYS B 130 18.28 6.72 3.65
N LEU B 131 19.14 7.15 4.57
CA LEU B 131 18.84 7.09 5.98
C LEU B 131 18.14 8.36 6.48
N THR B 132 17.98 9.35 5.60
CA THR B 132 17.22 10.55 5.93
C THR B 132 15.73 10.29 5.73
N GLN B 133 15.42 9.26 4.95
CA GLN B 133 14.04 8.82 4.78
C GLN B 133 13.61 8.03 6.00
N GLY B 134 12.30 7.83 6.15
CA GLY B 134 11.77 6.94 7.16
C GLY B 134 11.24 7.61 8.41
N ARG B 135 10.75 6.77 9.32
CA ARG B 135 10.15 7.19 10.57
C ARG B 135 11.14 7.95 11.44
N GLN B 136 10.64 8.60 12.50
CA GLN B 136 11.49 9.28 13.46
C GLN B 136 12.38 8.27 14.19
N THR B 137 13.55 8.72 14.62
CA THR B 137 14.49 7.88 15.36
C THR B 137 14.89 8.55 16.68
N TYR B 138 15.23 7.73 17.66
CA TYR B 138 15.72 8.23 18.94
C TYR B 138 17.11 8.82 18.77
N ASP B 139 17.23 10.12 19.06
CA ASP B 139 18.50 10.82 18.91
C ASP B 139 19.27 10.81 20.23
N TRP B 140 20.26 9.94 20.31
CA TRP B 140 21.09 9.80 21.50
C TRP B 140 21.75 11.12 21.89
N THR B 141 21.97 11.97 20.91
CA THR B 141 22.53 13.30 21.15
C THR B 141 21.66 14.12 22.09
N LEU B 142 20.37 14.19 21.79
CA LEU B 142 19.44 15.06 22.51
C LEU B 142 18.60 14.30 23.52
N ASN B 143 18.69 12.97 23.53
CA ASN B 143 17.91 12.14 24.43
C ASN B 143 16.41 12.32 24.20
N ARG B 144 16.06 12.64 22.95
CA ARG B 144 14.67 12.78 22.53
C ARG B 144 14.50 12.16 21.15
N ASN B 145 13.25 11.91 20.75
CA ASN B 145 13.00 11.47 19.38
C ASN B 145 13.13 12.65 18.43
N GLN B 146 13.67 12.39 17.25
CA GLN B 146 13.83 13.41 16.22
C GLN B 146 13.59 12.81 14.84
N PRO B 147 13.22 13.64 13.86
CA PRO B 147 13.17 13.16 12.47
C PRO B 147 14.50 12.59 12.01
N ALA B 148 14.46 11.51 11.24
CA ALA B 148 15.65 10.81 10.79
C ALA B 148 16.73 11.76 10.24
N ALA B 149 16.31 12.71 9.42
CA ALA B 149 17.23 13.64 8.78
C ALA B 149 18.08 14.40 9.78
N THR B 150 17.45 14.83 10.88
CA THR B 150 18.18 15.56 11.91
C THR B 150 18.95 14.62 12.82
N ALA B 151 18.28 13.60 13.32
CA ALA B 151 18.90 12.61 14.21
C ALA B 151 20.18 12.07 13.60
N LEU B 152 20.18 11.95 12.29
CA LEU B 152 21.37 11.53 11.56
C LEU B 152 22.38 12.67 11.50
N ALA B 153 21.93 13.83 11.04
CA ALA B 153 22.80 15.00 10.90
C ALA B 153 23.53 15.32 12.20
N ASN B 154 22.84 15.18 13.32
CA ASN B 154 23.45 15.39 14.63
C ASN B 154 24.55 14.37 14.90
N THR B 155 24.23 13.10 14.71
CA THR B 155 25.20 12.02 14.91
C THR B 155 26.44 12.20 14.03
N ILE B 156 26.23 12.60 12.78
CA ILE B 156 27.35 12.84 11.86
C ILE B 156 28.20 14.01 12.33
N GLU B 157 27.55 15.09 12.77
CA GLU B 157 28.25 16.28 13.24
C GLU B 157 29.10 15.94 14.46
N VAL B 158 28.53 15.15 15.36
CA VAL B 158 29.26 14.71 16.56
C VAL B 158 30.42 13.81 16.17
N PHE B 159 30.14 12.84 15.30
CA PHE B 159 31.19 11.97 14.77
C PHE B 159 32.31 12.83 14.16
N ARG B 160 31.92 13.86 13.43
CA ARG B 160 32.87 14.75 12.80
C ARG B 160 33.67 15.56 13.83
N LYS B 161 32.99 16.04 14.87
CA LYS B 161 33.64 16.83 15.89
C LYS B 161 34.63 15.98 16.69
N ASN B 162 34.28 14.71 16.87
CA ASN B 162 35.23 13.71 17.37
C ASN B 162 36.03 13.18 16.19
N GLY B 163 36.68 12.03 16.37
CA GLY B 163 37.56 11.49 15.32
C GLY B 163 36.91 10.44 14.44
N TYR B 164 35.86 10.84 13.71
CA TYR B 164 35.15 9.92 12.82
C TYR B 164 34.61 10.65 11.60
N LYS B 165 35.07 10.26 10.41
CA LYS B 165 34.66 10.92 9.19
C LYS B 165 34.87 10.05 7.96
N LEU B 166 34.58 8.76 8.10
CA LEU B 166 34.59 7.86 6.95
C LEU B 166 33.36 8.10 6.08
N ASN B 167 32.24 8.43 6.74
CA ASN B 167 30.99 8.71 6.06
C ASN B 167 31.12 9.84 5.05
N GLU B 168 32.17 10.65 5.21
CA GLU B 168 32.45 11.76 4.30
C GLU B 168 32.55 11.26 2.86
N SER B 169 32.88 9.99 2.71
CA SER B 169 32.92 9.34 1.41
C SER B 169 31.61 9.51 0.66
N GLY B 170 30.51 9.23 1.36
CA GLY B 170 29.19 9.27 0.76
C GLY B 170 28.73 7.88 0.37
N ARG B 171 28.69 6.99 1.35
CA ARG B 171 28.13 5.66 1.17
C ARG B 171 27.80 5.09 2.55
N LEU B 172 26.62 4.48 2.66
CA LEU B 172 26.06 4.07 3.96
C LEU B 172 27.01 3.20 4.77
N ILE B 173 27.69 2.27 4.11
CA ILE B 173 28.54 1.31 4.81
C ILE B 173 29.72 2.01 5.50
N ASP B 174 30.19 3.10 4.93
CA ASP B 174 31.30 3.85 5.54
C ASP B 174 30.85 4.56 6.81
N PHE B 175 29.64 5.12 6.78
CA PHE B 175 29.03 5.66 7.99
C PHE B 175 28.80 4.54 8.98
N LEU B 176 28.34 3.41 8.46
CA LEU B 176 28.00 2.25 9.25
C LEU B 176 29.25 1.69 9.95
N LYS B 177 30.40 1.88 9.31
CA LYS B 177 31.68 1.52 9.91
C LYS B 177 31.98 2.37 11.14
N ASP B 178 31.86 3.69 10.99
CA ASP B 178 32.14 4.65 12.06
C ASP B 178 31.45 4.29 13.37
N VAL B 179 30.21 3.83 13.28
CA VAL B 179 29.42 3.49 14.45
C VAL B 179 30.11 2.44 15.33
N LEU B 180 30.75 1.45 14.70
CA LEU B 180 31.45 0.41 15.46
C LEU B 180 32.74 0.94 16.07
N LEU B 181 33.36 1.91 15.40
CA LEU B 181 34.58 2.52 15.90
C LEU B 181 34.28 3.47 17.05
N SER B 182 33.12 4.12 16.99
CA SER B 182 32.73 5.08 18.00
C SER B 182 32.59 4.45 19.38
N PHE B 183 32.47 3.14 19.44
CA PHE B 183 32.36 2.44 20.71
C PHE B 183 33.69 2.41 21.45
N GLU B 184 34.77 2.73 20.75
CA GLU B 184 36.11 2.68 21.33
C GLU B 184 36.43 3.97 22.10
N ASN B 185 36.23 5.11 21.45
CA ASN B 185 36.51 6.40 22.09
C ASN B 185 35.73 6.55 23.39
N ASP B 186 36.43 6.45 24.50
CA ASP B 186 35.82 6.43 25.81
C ASP B 186 35.23 7.79 26.20
N SER B 187 35.90 8.86 25.80
CA SER B 187 35.45 10.21 26.11
C SER B 187 34.83 10.90 24.89
N MET B 188 33.53 10.70 24.69
CA MET B 188 32.82 11.23 23.53
C MET B 188 32.32 12.66 23.79
N GLU B 189 32.76 13.60 22.95
CA GLU B 189 32.48 15.02 23.16
C GLU B 189 31.20 15.46 22.45
N VAL B 190 30.21 15.91 23.23
CA VAL B 190 28.95 16.40 22.70
C VAL B 190 28.61 17.78 23.24
N THR B 191 28.01 18.62 22.40
CA THR B 191 27.61 19.96 22.80
C THR B 191 26.18 19.99 23.34
N THR B 192 26.01 20.60 24.52
CA THR B 192 24.69 20.79 25.13
C THR B 192 24.24 22.23 24.93
N HIS B 193 22.94 22.47 25.05
CA HIS B 193 22.38 23.81 25.04
C HIS B 193 21.60 24.05 26.33
N PHE B 194 21.72 25.25 26.88
CA PHE B 194 21.10 25.59 28.15
C PHE B 194 20.65 27.04 28.16
N GLN B 195 19.67 27.36 29.00
CA GLN B 195 19.11 28.70 29.05
C GLN B 195 19.79 29.60 30.07
N LYS B 196 20.47 30.63 29.57
CA LYS B 196 21.08 31.65 30.40
C LYS B 196 20.20 32.91 30.36
N LYS B 197 20.37 33.80 31.33
CA LYS B 197 19.59 35.04 31.34
C LYS B 197 20.49 36.27 31.45
N LYS B 198 20.40 37.15 30.45
CA LYS B 198 21.18 38.37 30.41
C LYS B 198 20.39 39.55 30.95
N ARG B 199 21.00 40.73 30.95
CA ARG B 199 20.37 41.96 31.42
C ARG B 199 20.44 43.06 30.37
N ILE B 200 19.28 43.57 29.98
CA ILE B 200 19.17 44.55 28.91
C ILE B 200 18.64 45.88 29.45
N ARG B 201 19.10 46.97 28.84
CA ARG B 201 18.66 48.32 29.22
C ARG B 201 17.80 48.93 28.11
N ASP B 202 16.77 49.68 28.50
CA ASP B 202 15.86 50.32 27.55
C ASP B 202 15.95 51.84 27.68
N ASN B 203 16.03 52.53 26.54
CA ASN B 203 16.11 53.98 26.53
C ASN B 203 14.74 54.61 26.75
N MET B 208 15.58 48.96 32.90
CA MET B 208 16.40 47.77 32.74
C MET B 208 15.60 46.51 33.05
N ILE B 209 15.60 45.58 32.10
CA ILE B 209 14.81 44.35 32.22
C ILE B 209 15.68 43.12 31.96
N THR B 210 15.32 42.00 32.56
CA THR B 210 16.01 40.74 32.33
C THR B 210 15.71 40.21 30.93
N GLN B 211 16.56 39.30 30.45
CA GLN B 211 16.40 38.71 29.12
C GLN B 211 16.78 37.24 29.15
N ARG B 212 16.07 36.42 28.39
CA ARG B 212 16.42 35.01 28.22
C ARG B 212 17.23 34.81 26.96
N THR B 213 18.19 33.87 27.01
CA THR B 213 19.00 33.54 25.84
C THR B 213 19.71 32.20 26.05
N ILE B 214 19.94 31.50 24.95
CA ILE B 214 20.50 30.15 25.01
C ILE B 214 22.00 30.15 24.81
N GLY B 215 22.70 29.39 25.65
CA GLY B 215 24.13 29.22 25.55
C GLY B 215 24.47 27.76 25.36
N LYS B 216 25.69 27.47 24.89
CA LYS B 216 26.11 26.10 24.64
C LYS B 216 27.17 25.65 25.65
N LYS B 217 27.15 24.36 25.97
CA LYS B 217 28.05 23.78 26.97
C LYS B 217 28.57 22.41 26.54
N ARG B 218 29.87 22.32 26.26
CA ARG B 218 30.47 21.06 25.84
C ARG B 218 30.57 20.09 27.02
N VAL B 219 30.18 18.84 26.77
CA VAL B 219 30.26 17.79 27.77
C VAL B 219 30.88 16.55 27.14
N LYS B 220 31.58 15.75 27.94
CA LYS B 220 32.13 14.48 27.47
C LYS B 220 31.55 13.31 28.25
N LEU B 221 31.16 12.27 27.52
CA LEU B 221 30.52 11.09 28.10
C LEU B 221 31.49 9.92 28.16
N THR B 222 31.28 9.02 29.12
CA THR B 222 32.15 7.84 29.26
C THR B 222 31.67 6.69 28.38
N LYS B 223 32.55 5.73 28.13
CA LYS B 223 32.20 4.49 27.43
C LYS B 223 30.87 3.95 27.92
N LYS B 224 30.79 3.80 29.24
CA LYS B 224 29.57 3.37 29.90
C LYS B 224 28.35 4.11 29.35
N ASN B 225 28.44 5.43 29.29
CA ASN B 225 27.31 6.23 28.85
C ASN B 225 27.02 6.08 27.36
N TYR B 226 28.00 6.43 26.51
CA TYR B 226 27.79 6.40 25.07
C TYR B 226 27.31 5.05 24.58
N LEU B 227 27.87 3.98 25.15
CA LEU B 227 27.49 2.63 24.75
C LEU B 227 26.04 2.36 25.09
N ILE B 228 25.63 2.86 26.26
CA ILE B 228 24.23 2.74 26.66
C ILE B 228 23.32 3.55 25.76
N ARG B 229 23.69 4.81 25.53
CA ARG B 229 22.90 5.70 24.69
C ARG B 229 22.75 5.13 23.28
N ALA B 230 23.77 4.42 22.81
CA ALA B 230 23.74 3.80 21.49
C ALA B 230 22.83 2.59 21.47
N LEU B 231 22.78 1.89 22.59
CA LEU B 231 21.92 0.71 22.74
C LEU B 231 20.56 1.10 23.31
N THR B 232 20.28 2.40 23.38
CA THR B 232 19.03 2.88 23.96
C THR B 232 17.91 2.89 22.93
N LEU B 233 16.74 2.40 23.35
CA LEU B 233 15.56 2.36 22.52
C LEU B 233 14.42 3.05 23.25
N ASN B 234 13.92 4.13 22.69
CA ASN B 234 12.90 4.95 23.34
C ASN B 234 11.57 4.24 23.44
N THR B 235 10.72 4.70 24.35
CA THR B 235 9.40 4.11 24.54
C THR B 235 8.31 5.17 24.60
N MET B 236 7.12 4.80 24.14
CA MET B 236 5.94 5.66 24.18
C MET B 236 4.71 4.78 24.31
N THR B 237 3.59 5.40 24.67
CA THR B 237 2.31 4.72 24.59
C THR B 237 1.77 4.87 23.17
N LYS B 238 1.23 3.78 22.62
CA LYS B 238 0.60 3.83 21.32
C LYS B 238 -0.83 4.34 21.47
N ASP B 239 -1.17 5.36 20.68
CA ASP B 239 -2.48 5.98 20.74
C ASP B 239 -3.37 5.61 19.56
N ALA B 240 -4.66 5.91 19.69
CA ALA B 240 -5.63 5.73 18.62
C ALA B 240 -5.74 4.27 18.20
N GLU B 241 -5.31 3.36 19.07
CA GLU B 241 -5.33 1.95 18.77
C GLU B 241 -6.72 1.35 19.04
N ARG B 242 -7.29 0.72 18.02
CA ARG B 242 -8.61 0.13 18.14
C ARG B 242 -8.55 -1.34 18.53
N GLY B 243 -9.72 -1.89 18.86
CA GLY B 243 -9.85 -3.27 19.26
C GLY B 243 -9.43 -3.64 20.69
N LYS B 244 -8.94 -2.68 21.46
CA LYS B 244 -8.32 -3.01 22.75
C LYS B 244 -8.67 -2.09 23.92
N LEU B 245 -8.97 -2.71 25.07
CA LEU B 245 -9.32 -2.00 26.29
C LEU B 245 -8.14 -1.22 26.89
N LYS B 246 -6.97 -1.86 26.94
CA LYS B 246 -5.80 -1.30 27.61
C LYS B 246 -4.73 -0.82 26.63
N ARG B 247 -4.10 0.31 26.95
CA ARG B 247 -3.03 0.84 26.12
C ARG B 247 -1.81 -0.10 26.11
N ARG B 248 -0.94 0.10 25.11
CA ARG B 248 0.27 -0.68 24.98
C ARG B 248 1.47 0.26 24.79
N ALA B 249 2.66 -0.24 25.07
CA ALA B 249 3.88 0.54 24.88
C ALA B 249 4.53 0.18 23.54
N ILE B 250 4.97 1.20 22.81
CA ILE B 250 5.63 1.01 21.54
C ILE B 250 7.04 1.58 21.69
N ALA B 251 7.97 1.15 20.83
CA ALA B 251 9.37 1.57 20.96
C ALA B 251 9.92 2.18 19.67
N THR B 252 10.88 3.09 19.82
CA THR B 252 11.50 3.78 18.69
C THR B 252 13.01 3.55 18.70
N PRO B 253 13.57 3.06 17.58
CA PRO B 253 15.01 2.77 17.64
C PRO B 253 15.91 4.00 17.55
N GLY B 254 17.18 3.82 17.89
CA GLY B 254 18.16 4.88 17.86
C GLY B 254 18.87 4.98 16.53
N MET B 255 19.73 5.99 16.41
CA MET B 255 20.39 6.29 15.15
C MET B 255 21.45 5.27 14.76
N GLN B 256 22.06 4.63 15.75
CA GLN B 256 23.13 3.67 15.50
C GLN B 256 22.64 2.46 14.72
N ILE B 257 21.63 1.80 15.28
CA ILE B 257 21.18 0.50 14.79
C ILE B 257 20.34 0.60 13.53
N ARG B 258 19.92 1.81 13.18
CA ARG B 258 19.07 2.01 12.02
C ARG B 258 19.71 1.46 10.76
N GLY B 259 20.95 1.86 10.50
CA GLY B 259 21.63 1.48 9.27
C GLY B 259 21.67 -0.02 9.06
N PHE B 260 21.88 -0.76 10.14
CA PHE B 260 21.96 -2.22 10.08
C PHE B 260 20.60 -2.85 9.90
N VAL B 261 19.65 -2.46 10.75
CA VAL B 261 18.27 -2.92 10.65
C VAL B 261 17.73 -2.73 9.23
N TYR B 262 18.14 -1.64 8.60
CA TYR B 262 17.74 -1.37 7.22
C TYR B 262 18.16 -2.51 6.29
N PHE B 263 19.39 -3.00 6.46
CA PHE B 263 19.91 -4.05 5.59
C PHE B 263 19.40 -5.44 5.99
N VAL B 264 19.20 -5.66 7.28
CA VAL B 264 18.61 -6.92 7.74
C VAL B 264 17.19 -7.00 7.20
N GLU B 265 16.44 -5.92 7.36
CA GLU B 265 15.07 -5.87 6.87
C GLU B 265 15.04 -5.98 5.36
N LEU B 266 16.02 -5.39 4.70
CA LEU B 266 16.11 -5.43 3.25
C LEU B 266 16.36 -6.86 2.79
N LEU B 267 17.15 -7.61 3.56
CA LEU B 267 17.38 -9.02 3.26
C LEU B 267 16.10 -9.80 3.51
N ALA B 268 15.56 -9.67 4.72
CA ALA B 268 14.33 -10.37 5.11
C ALA B 268 13.19 -10.06 4.16
N ARG B 269 13.19 -8.84 3.61
CA ARG B 269 12.18 -8.48 2.62
C ARG B 269 12.38 -9.33 1.37
N ASN B 270 13.58 -9.29 0.80
CA ASN B 270 13.90 -10.04 -0.40
C ASN B 270 13.60 -11.53 -0.23
N ILE B 271 13.66 -12.00 1.01
CA ILE B 271 13.24 -13.35 1.33
C ILE B 271 11.73 -13.46 1.25
N CYS B 272 11.05 -12.62 2.02
CA CYS B 272 9.59 -12.66 2.12
C CYS B 272 8.89 -12.46 0.77
N GLU B 273 9.51 -11.67 -0.11
CA GLU B 273 8.92 -11.39 -1.42
C GLU B 273 8.72 -12.65 -2.25
N ARG B 274 9.45 -13.72 -1.93
CA ARG B 274 9.46 -14.94 -2.72
C ARG B 274 8.94 -16.14 -1.92
N LEU B 275 8.03 -15.89 -1.01
CA LEU B 275 7.41 -16.96 -0.22
C LEU B 275 5.89 -16.84 -0.27
N GLU B 276 5.24 -17.91 -0.71
CA GLU B 276 3.78 -17.95 -0.77
C GLU B 276 3.17 -17.73 0.60
N GLN B 277 3.80 -18.29 1.63
CA GLN B 277 3.23 -18.27 2.96
C GLN B 277 3.54 -16.97 3.73
N SER B 278 4.25 -16.05 3.07
CA SER B 278 4.55 -14.74 3.64
C SER B 278 3.48 -13.70 3.29
N GLY B 279 2.89 -13.09 4.31
CA GLY B 279 1.88 -12.07 4.09
C GLY B 279 2.52 -10.75 3.75
N LEU B 280 3.75 -10.54 4.22
CA LEU B 280 4.48 -9.32 3.95
C LEU B 280 5.31 -9.48 2.67
N PRO B 281 5.61 -8.36 1.99
CA PRO B 281 5.20 -6.97 2.22
C PRO B 281 4.06 -6.52 1.29
N VAL B 282 3.26 -7.47 0.80
CA VAL B 282 2.24 -7.17 -0.21
C VAL B 282 0.95 -6.59 0.39
N GLY B 283 0.10 -6.05 -0.49
CA GLY B 283 -1.15 -5.43 -0.06
C GLY B 283 -2.29 -6.42 0.13
N GLY B 284 -3.43 -5.91 0.57
CA GLY B 284 -4.59 -6.73 0.86
C GLY B 284 -5.07 -7.58 -0.31
N ASN B 285 -5.21 -6.97 -1.47
CA ASN B 285 -5.64 -7.69 -2.67
C ASN B 285 -4.74 -8.89 -2.96
N GLU B 286 -3.44 -8.71 -2.78
CA GLU B 286 -2.48 -9.78 -3.04
C GLU B 286 -2.44 -10.77 -1.88
N LYS B 287 -2.57 -10.28 -0.66
CA LYS B 287 -2.69 -11.16 0.51
C LYS B 287 -3.83 -12.14 0.29
N LYS B 288 -4.96 -11.62 -0.16
CA LYS B 288 -6.14 -12.43 -0.45
C LYS B 288 -5.88 -13.40 -1.60
N ALA B 289 -5.04 -12.99 -2.53
CA ALA B 289 -4.68 -13.85 -3.66
C ALA B 289 -3.82 -15.01 -3.17
N LYS B 290 -2.91 -14.71 -2.26
CA LYS B 290 -2.08 -15.75 -1.65
C LYS B 290 -2.90 -16.71 -0.81
N LEU B 291 -3.87 -16.17 -0.06
CA LEU B 291 -4.77 -17.00 0.74
C LEU B 291 -5.65 -17.86 -0.15
N ALA B 292 -6.06 -17.32 -1.29
CA ALA B 292 -6.82 -18.09 -2.25
C ALA B 292 -5.96 -19.20 -2.84
N ASN B 293 -4.74 -18.84 -3.23
CA ASN B 293 -3.80 -19.81 -3.78
C ASN B 293 -3.58 -21.01 -2.87
N VAL B 294 -3.33 -20.78 -1.59
CA VAL B 294 -3.04 -21.87 -0.66
C VAL B 294 -4.26 -22.77 -0.47
N ILE B 295 -5.45 -22.18 -0.43
CA ILE B 295 -6.67 -22.98 -0.32
C ILE B 295 -6.88 -23.81 -1.56
N LYS B 296 -6.78 -23.18 -2.73
CA LYS B 296 -6.88 -23.89 -4.00
C LYS B 296 -5.89 -25.05 -4.05
N LYS B 297 -4.64 -24.75 -3.66
CA LYS B 297 -3.57 -25.75 -3.67
C LYS B 297 -3.84 -26.87 -2.68
N MET B 298 -4.25 -26.51 -1.46
CA MET B 298 -4.51 -27.50 -0.41
C MET B 298 -5.65 -28.44 -0.78
N MET B 299 -6.65 -27.91 -1.50
CA MET B 299 -7.80 -28.72 -1.89
C MET B 299 -7.44 -29.59 -3.09
N ALA B 300 -6.61 -29.05 -3.98
CA ALA B 300 -6.20 -29.78 -5.18
C ALA B 300 -5.23 -30.90 -4.81
N LYS B 301 -4.42 -30.66 -3.78
CA LYS B 301 -3.39 -31.61 -3.37
C LYS B 301 -3.94 -32.77 -2.54
N SER B 302 -5.16 -32.60 -2.02
CA SER B 302 -5.76 -33.62 -1.15
C SER B 302 -6.56 -34.63 -1.94
N THR B 303 -7.08 -35.63 -1.24
CA THR B 303 -7.94 -36.65 -1.84
C THR B 303 -9.39 -36.42 -1.40
N ASP B 304 -10.32 -37.06 -2.09
CA ASP B 304 -11.73 -36.89 -1.81
C ASP B 304 -12.09 -37.39 -0.40
N GLU B 305 -11.32 -38.34 0.11
CA GLU B 305 -11.58 -38.91 1.42
C GLU B 305 -10.65 -38.32 2.48
N GLU B 306 -10.60 -37.00 2.53
CA GLU B 306 -9.77 -36.30 3.53
C GLU B 306 -10.48 -35.07 4.08
N LEU B 307 -10.08 -34.69 5.29
CA LEU B 307 -10.65 -33.52 5.96
C LEU B 307 -9.71 -32.32 5.84
N SER B 308 -10.31 -31.13 5.91
CA SER B 308 -9.56 -29.90 5.91
C SER B 308 -10.14 -28.98 6.96
N TYR B 309 -9.30 -28.55 7.89
CA TYR B 309 -9.69 -27.58 8.91
C TYR B 309 -8.81 -26.35 8.77
N THR B 310 -9.41 -25.19 8.99
CA THR B 310 -8.69 -23.94 9.03
C THR B 310 -8.75 -23.41 10.45
N ILE B 311 -7.64 -22.83 10.91
CA ILE B 311 -7.60 -22.22 12.22
C ILE B 311 -7.33 -20.74 12.02
N THR B 312 -8.27 -19.93 12.51
CA THR B 312 -8.07 -18.50 12.61
C THR B 312 -7.08 -18.27 13.74
N GLY B 313 -5.90 -17.73 13.42
CA GLY B 313 -4.79 -17.73 14.36
C GLY B 313 -4.22 -16.39 14.79
N ASP B 314 -4.02 -16.25 16.10
CA ASP B 314 -3.28 -15.14 16.67
C ASP B 314 -2.22 -15.66 17.64
N ASN B 315 -0.99 -15.15 17.49
CA ASN B 315 0.09 -15.48 18.39
C ASN B 315 0.13 -14.49 19.54
N THR B 316 -0.01 -15.00 20.76
CA THR B 316 -0.01 -14.14 21.95
C THR B 316 1.41 -13.74 22.36
N LYS B 317 1.55 -12.49 22.77
CA LYS B 317 2.84 -11.93 23.16
C LYS B 317 3.91 -12.24 22.13
N TRP B 318 3.69 -11.73 20.92
CA TRP B 318 4.54 -12.00 19.77
C TRP B 318 5.96 -11.48 19.94
N ASN B 319 6.10 -10.18 20.24
CA ASN B 319 7.41 -9.56 20.36
C ASN B 319 8.14 -9.93 21.65
N GLU B 320 7.41 -9.97 22.76
CA GLU B 320 8.00 -10.27 24.06
C GLU B 320 8.74 -11.62 24.07
N ASN B 321 8.36 -12.52 23.16
CA ASN B 321 8.90 -13.88 23.15
C ASN B 321 9.73 -14.20 21.90
N GLN B 322 10.21 -13.16 21.22
CA GLN B 322 11.10 -13.35 20.07
C GLN B 322 12.47 -12.78 20.43
N ASN B 323 13.50 -13.58 20.23
CA ASN B 323 14.83 -13.29 20.78
C ASN B 323 15.85 -12.82 19.73
N PRO B 324 16.58 -11.73 20.02
CA PRO B 324 17.64 -11.28 19.11
C PRO B 324 18.75 -12.30 18.86
N ARG B 325 18.99 -13.18 19.83
CA ARG B 325 19.99 -14.22 19.65
C ARG B 325 19.56 -15.15 18.52
N ILE B 326 18.27 -15.45 18.50
CA ILE B 326 17.73 -16.29 17.44
C ILE B 326 17.80 -15.57 16.11
N PHE B 327 17.56 -14.28 16.15
CA PHE B 327 17.69 -13.48 14.94
C PHE B 327 19.13 -13.55 14.44
N LEU B 328 20.08 -13.62 15.37
CA LEU B 328 21.48 -13.78 14.99
C LEU B 328 21.70 -15.12 14.31
N ALA B 329 21.14 -16.18 14.91
CA ALA B 329 21.21 -17.51 14.34
C ALA B 329 20.64 -17.54 12.92
N MET B 330 19.48 -16.91 12.76
CA MET B 330 18.82 -16.80 11.46
C MET B 330 19.69 -16.09 10.42
N VAL B 331 20.09 -14.87 10.74
CA VAL B 331 20.88 -14.06 9.83
C VAL B 331 22.17 -14.76 9.44
N LEU B 332 22.78 -15.47 10.37
CA LEU B 332 23.99 -16.24 10.09
C LEU B 332 23.69 -17.40 9.15
N ARG B 333 22.72 -18.23 9.51
CA ARG B 333 22.37 -19.41 8.73
C ARG B 333 21.89 -19.03 7.32
N ILE B 334 21.17 -17.93 7.21
CA ILE B 334 20.71 -17.44 5.92
C ILE B 334 21.90 -17.04 5.06
N THR B 335 22.88 -16.41 5.69
CA THR B 335 24.04 -15.88 4.99
C THR B 335 25.14 -16.92 4.76
N ALA B 336 24.94 -18.11 5.33
CA ALA B 336 25.92 -19.20 5.21
C ALA B 336 26.49 -19.34 3.80
N GLY B 337 27.81 -19.22 3.69
CA GLY B 337 28.50 -19.35 2.42
C GLY B 337 28.84 -18.02 1.77
N GLN B 338 28.41 -16.92 2.39
CA GLN B 338 28.63 -15.59 1.83
C GLN B 338 29.90 -14.95 2.42
N PRO B 339 30.37 -13.84 1.81
CA PRO B 339 31.54 -13.13 2.33
C PRO B 339 31.38 -12.73 3.80
N GLU B 340 32.44 -12.89 4.58
CA GLU B 340 32.35 -12.73 6.03
C GLU B 340 32.13 -11.28 6.45
N TRP B 341 32.49 -10.33 5.61
CA TRP B 341 32.23 -8.93 5.92
C TRP B 341 30.73 -8.67 5.80
N PHE B 342 30.09 -9.35 4.85
CA PHE B 342 28.65 -9.28 4.68
C PHE B 342 27.94 -10.07 5.77
N ARG B 343 28.53 -11.21 6.13
CA ARG B 343 28.02 -12.04 7.22
C ARG B 343 28.02 -11.27 8.53
N ASP B 344 29.10 -10.52 8.77
CA ASP B 344 29.26 -9.76 10.00
C ASP B 344 28.38 -8.53 10.02
N LEU B 345 28.33 -7.83 8.89
CA LEU B 345 27.61 -6.56 8.78
C LEU B 345 26.15 -6.71 9.19
N LEU B 346 25.51 -7.78 8.73
CA LEU B 346 24.11 -8.01 9.04
C LEU B 346 23.93 -8.49 10.49
N ALA B 347 24.93 -9.20 10.99
CA ALA B 347 24.84 -9.79 12.31
C ALA B 347 24.84 -8.72 13.41
N VAL B 348 25.18 -7.49 13.06
CA VAL B 348 25.25 -6.40 14.03
C VAL B 348 23.93 -6.15 14.75
N ALA B 349 22.89 -5.90 13.99
CA ALA B 349 21.60 -5.51 14.55
C ALA B 349 21.07 -6.53 15.57
N PRO B 350 21.09 -7.83 15.23
CA PRO B 350 20.70 -8.82 16.24
C PRO B 350 21.49 -8.70 17.54
N ILE B 351 22.78 -8.42 17.43
CA ILE B 351 23.63 -8.29 18.61
C ILE B 351 23.26 -7.02 19.38
N MET B 352 23.21 -5.90 18.69
CA MET B 352 22.82 -4.63 19.31
C MET B 352 21.47 -4.76 20.01
N PHE B 353 20.57 -5.54 19.43
CA PHE B 353 19.27 -5.81 20.03
C PHE B 353 19.40 -6.73 21.25
N SER B 354 20.29 -7.70 21.16
CA SER B 354 20.51 -8.63 22.27
C SER B 354 20.99 -7.88 23.50
N ASN B 355 21.72 -6.80 23.26
CA ASN B 355 22.24 -5.96 24.33
C ASN B 355 21.52 -4.62 24.38
N LYS B 356 20.21 -4.65 24.13
CA LYS B 356 19.43 -3.42 24.06
C LYS B 356 18.95 -2.98 25.43
N VAL B 357 18.93 -1.67 25.63
CA VAL B 357 18.42 -1.06 26.85
C VAL B 357 17.30 -0.09 26.48
N ALA B 358 16.30 0.04 27.34
CA ALA B 358 15.11 0.80 27.03
C ALA B 358 14.92 2.01 27.95
N ARG B 359 14.58 3.16 27.36
CA ARG B 359 14.20 4.32 28.16
C ARG B 359 12.81 4.11 28.74
N LEU B 360 12.51 4.80 29.84
CA LEU B 360 11.25 4.61 30.55
C LEU B 360 10.35 5.85 30.50
N GLY B 361 10.52 6.65 29.46
CA GLY B 361 9.61 7.76 29.20
C GLY B 361 9.71 8.93 30.15
N ARG B 362 8.59 9.64 30.31
CA ARG B 362 8.55 10.87 31.08
C ARG B 362 8.66 10.63 32.58
N GLY B 363 8.09 9.51 33.03
CA GLY B 363 8.10 9.16 34.43
C GLY B 363 6.71 9.20 35.03
N TYR B 364 6.54 10.02 36.06
CA TYR B 364 5.26 10.10 36.76
C TYR B 364 4.97 11.50 37.27
N MET B 365 3.69 11.74 37.58
CA MET B 365 3.22 13.02 38.07
C MET B 365 2.51 12.81 39.41
N PHE B 366 2.85 13.62 40.40
CA PHE B 366 2.25 13.49 41.73
C PHE B 366 1.32 14.65 42.04
N GLU B 367 0.41 14.43 43.00
CA GLU B 367 -0.66 15.37 43.28
C GLU B 367 -0.97 15.41 44.79
N SER B 368 -0.94 16.61 45.36
CA SER B 368 -1.26 16.82 46.76
C SER B 368 -2.68 17.39 46.92
N LYS B 369 -3.58 16.57 47.44
CA LYS B 369 -4.97 17.00 47.67
C LYS B 369 -5.05 18.20 48.59
N SER B 370 -4.37 18.10 49.74
CA SER B 370 -4.43 19.14 50.75
C SER B 370 -3.85 20.48 50.27
N MET B 371 -2.66 20.41 49.68
CA MET B 371 -1.94 21.61 49.29
C MET B 371 -2.35 22.11 47.92
N HIS B 372 -3.09 21.27 47.20
CA HIS B 372 -3.53 21.57 45.84
C HIS B 372 -2.33 21.96 44.97
N LEU B 373 -1.48 20.98 44.69
CA LEU B 373 -0.32 21.20 43.85
C LEU B 373 0.05 19.90 43.13
N ARG B 374 0.77 20.02 42.02
CA ARG B 374 1.21 18.87 41.24
C ARG B 374 2.68 19.03 40.89
N THR B 375 3.36 17.90 40.64
CA THR B 375 4.78 17.92 40.34
C THR B 375 5.18 16.78 39.42
N GLN B 376 6.25 16.99 38.65
CA GLN B 376 6.76 16.03 37.69
C GLN B 376 8.06 15.40 38.19
N ILE B 377 8.26 14.11 37.90
CA ILE B 377 9.49 13.43 38.29
C ILE B 377 10.04 12.62 37.10
N SER B 378 11.33 12.81 36.83
CA SER B 378 11.98 12.13 35.72
C SER B 378 12.08 10.62 35.99
N ALA B 379 12.01 9.84 34.93
CA ALA B 379 12.10 8.38 35.04
C ALA B 379 13.45 7.97 35.62
N GLU B 380 14.49 8.75 35.32
CA GLU B 380 15.83 8.48 35.84
C GLU B 380 15.82 8.45 37.36
N ASN B 381 14.88 9.18 37.96
CA ASN B 381 14.82 9.31 39.40
C ASN B 381 14.17 8.12 40.11
N LEU B 382 13.70 7.14 39.34
CA LEU B 382 13.02 5.99 39.92
C LEU B 382 13.99 5.08 40.66
N SER B 383 15.28 5.26 40.40
CA SER B 383 16.31 4.59 41.19
C SER B 383 16.34 5.17 42.60
N ASP B 384 16.59 6.47 42.70
CA ASP B 384 16.57 7.18 43.98
C ASP B 384 15.21 7.82 44.23
N ILE B 385 14.31 7.09 44.86
CA ILE B 385 12.99 7.62 45.17
C ILE B 385 12.29 6.80 46.24
N ASN B 386 11.62 7.49 47.15
CA ASN B 386 10.84 6.82 48.19
C ASN B 386 9.52 6.31 47.61
N LEU B 387 9.09 5.13 48.06
CA LEU B 387 7.94 4.46 47.45
C LEU B 387 6.62 4.76 48.17
N ARG B 388 6.59 5.82 48.97
CA ARG B 388 5.38 6.17 49.72
C ARG B 388 4.38 6.84 48.79
N TYR B 389 4.86 7.39 47.69
CA TYR B 389 4.00 8.10 46.75
C TYR B 389 3.06 7.15 45.99
N PHE B 390 3.62 6.04 45.52
CA PHE B 390 2.92 5.16 44.58
C PHE B 390 1.92 4.21 45.23
N ASN B 391 1.14 3.54 44.39
CA ASN B 391 0.22 2.50 44.84
C ASN B 391 0.88 1.13 44.74
N GLU B 392 0.14 0.09 45.11
CA GLU B 392 0.69 -1.26 45.17
C GLU B 392 1.24 -1.74 43.83
N ASP B 393 0.37 -1.87 42.84
CA ASP B 393 0.77 -2.38 41.53
C ASP B 393 1.98 -1.63 40.98
N THR B 394 1.96 -0.31 41.13
CA THR B 394 3.07 0.52 40.66
C THR B 394 4.34 0.22 41.45
N LYS B 395 4.30 0.41 42.77
CA LYS B 395 5.49 0.30 43.61
C LYS B 395 6.11 -1.09 43.50
N LYS B 396 5.28 -2.11 43.32
CA LYS B 396 5.78 -3.46 43.07
C LYS B 396 6.58 -3.48 41.77
N LYS B 397 6.05 -2.82 40.74
CA LYS B 397 6.75 -2.74 39.45
C LYS B 397 8.04 -1.95 39.59
N ILE B 398 8.02 -0.91 40.43
CA ILE B 398 9.22 -0.13 40.71
C ILE B 398 10.27 -1.02 41.36
N GLU B 399 9.82 -1.95 42.19
CA GLU B 399 10.71 -2.91 42.83
C GLU B 399 11.37 -3.81 41.79
N LYS B 400 10.54 -4.49 41.01
CA LYS B 400 11.02 -5.47 40.04
C LYS B 400 11.95 -4.88 38.98
N ILE B 401 11.78 -3.59 38.69
CA ILE B 401 12.52 -2.97 37.60
C ILE B 401 13.90 -2.52 38.06
N ARG B 402 14.04 -2.19 39.34
CA ARG B 402 15.28 -1.64 39.87
C ARG B 402 16.46 -2.60 39.73
N HIS B 403 16.19 -3.89 39.79
CA HIS B 403 17.23 -4.89 39.58
C HIS B 403 17.81 -4.83 38.17
N LEU B 404 17.01 -4.35 37.23
CA LEU B 404 17.41 -4.26 35.82
C LEU B 404 17.90 -2.87 35.44
N MET B 405 17.36 -1.86 36.13
CA MET B 405 17.61 -0.47 35.80
C MET B 405 19.11 -0.12 35.79
N VAL B 406 19.52 0.62 34.77
CA VAL B 406 20.91 1.05 34.63
C VAL B 406 20.99 2.40 33.93
N GLU B 407 21.57 3.37 34.62
CA GLU B 407 21.89 4.67 34.04
C GLU B 407 20.65 5.37 33.47
N GLY B 408 19.54 5.22 34.19
CA GLY B 408 18.28 5.81 33.81
C GLY B 408 17.46 4.82 33.01
N THR B 409 18.11 4.14 32.07
CA THR B 409 17.44 3.17 31.21
C THR B 409 17.24 1.83 31.92
N ALA B 410 16.67 0.85 31.22
CA ALA B 410 16.45 -0.48 31.76
C ALA B 410 16.85 -1.56 30.76
N SER B 411 17.60 -2.56 31.20
CA SER B 411 18.11 -3.60 30.33
C SER B 411 17.00 -4.53 29.84
N LEU B 412 17.06 -4.89 28.57
CA LEU B 412 16.02 -5.68 27.93
C LEU B 412 16.62 -6.64 26.91
N SER B 413 17.40 -7.62 27.38
CA SER B 413 18.06 -8.56 26.49
C SER B 413 17.06 -9.51 25.83
N PRO B 414 16.23 -10.19 26.64
CA PRO B 414 15.30 -11.13 26.01
C PRO B 414 14.12 -10.43 25.32
N GLY B 415 13.47 -11.13 24.41
CA GLY B 415 12.27 -10.62 23.77
C GLY B 415 12.49 -9.40 22.88
N MET B 416 11.39 -8.79 22.48
CA MET B 416 11.42 -7.60 21.62
C MET B 416 10.30 -6.67 22.03
N MET B 417 10.20 -5.52 21.36
CA MET B 417 9.10 -4.60 21.56
C MET B 417 8.59 -4.06 20.23
N MET B 418 7.30 -3.71 20.21
CA MET B 418 6.64 -3.25 18.99
C MET B 418 7.33 -2.02 18.41
N GLY B 419 7.53 -2.01 17.10
CA GLY B 419 8.06 -0.85 16.42
C GLY B 419 9.57 -0.80 16.38
N MET B 420 10.20 -1.93 16.67
CA MET B 420 11.66 -2.04 16.61
C MET B 420 12.12 -2.63 15.29
N PHE B 421 11.62 -3.83 15.00
CA PHE B 421 12.16 -4.68 13.95
C PHE B 421 11.03 -5.36 13.18
N ASN B 422 11.30 -5.78 11.95
CA ASN B 422 10.26 -6.32 11.09
C ASN B 422 10.71 -7.41 10.12
N MET B 423 9.73 -8.11 9.57
CA MET B 423 9.94 -9.04 8.46
C MET B 423 10.60 -10.35 8.91
N LEU B 424 11.78 -10.24 9.50
CA LEU B 424 12.54 -11.43 9.88
C LEU B 424 11.73 -12.31 10.83
N SER B 425 10.92 -11.69 11.68
CA SER B 425 10.07 -12.45 12.59
C SER B 425 9.07 -13.29 11.82
N THR B 426 8.57 -12.73 10.71
CA THR B 426 7.62 -13.43 9.87
C THR B 426 8.27 -14.64 9.19
N VAL B 427 9.54 -14.50 8.82
CA VAL B 427 10.30 -15.60 8.25
C VAL B 427 10.37 -16.80 9.20
N LEU B 428 10.34 -16.54 10.50
CA LEU B 428 10.28 -17.62 11.48
C LEU B 428 8.95 -18.36 11.36
N GLY B 429 7.86 -17.62 11.39
CA GLY B 429 6.52 -18.18 11.31
C GLY B 429 6.31 -18.96 10.03
N VAL B 430 6.82 -18.42 8.93
CA VAL B 430 6.70 -19.06 7.62
C VAL B 430 7.36 -20.44 7.61
N SER B 431 8.56 -20.51 8.18
CA SER B 431 9.34 -21.75 8.15
C SER B 431 8.59 -22.89 8.86
N VAL B 432 7.80 -22.55 9.88
CA VAL B 432 6.98 -23.53 10.57
C VAL B 432 5.82 -23.97 9.67
N LEU B 433 5.35 -23.06 8.82
CA LEU B 433 4.32 -23.42 7.84
C LEU B 433 4.94 -24.29 6.76
N ASN B 434 6.13 -23.90 6.32
CA ASN B 434 6.88 -24.66 5.33
C ASN B 434 7.25 -26.06 5.81
N LEU B 435 7.26 -26.25 7.11
CA LEU B 435 7.54 -27.55 7.71
C LEU B 435 6.44 -28.56 7.44
N GLY B 436 5.24 -28.06 7.17
CA GLY B 436 4.06 -28.89 7.12
C GLY B 436 3.80 -29.64 5.84
N GLN B 437 4.74 -29.57 4.90
CA GLN B 437 4.59 -30.29 3.63
C GLN B 437 4.46 -31.79 3.87
N ARG B 438 3.66 -32.45 3.04
CA ARG B 438 3.57 -33.90 3.05
C ARG B 438 4.97 -34.49 2.93
N GLU B 439 5.75 -33.90 2.03
CA GLU B 439 7.08 -34.41 1.71
C GLU B 439 8.08 -34.23 2.84
N ILE B 440 7.75 -33.39 3.82
CA ILE B 440 8.61 -33.20 4.99
C ILE B 440 8.08 -33.95 6.21
N LEU B 441 6.80 -33.75 6.53
CA LEU B 441 6.20 -34.39 7.69
C LEU B 441 6.08 -35.90 7.53
N LYS B 442 5.52 -36.32 6.39
CA LYS B 442 5.33 -37.74 6.10
C LYS B 442 4.47 -38.44 7.14
N ARG B 443 3.44 -37.75 7.64
CA ARG B 443 2.52 -38.32 8.60
C ARG B 443 1.17 -38.58 7.96
N THR B 444 0.18 -38.91 8.79
CA THR B 444 -1.18 -39.08 8.31
C THR B 444 -1.87 -37.72 8.14
N TYR B 445 -1.22 -36.67 8.65
CA TYR B 445 -1.70 -35.30 8.48
C TYR B 445 -0.64 -34.41 7.82
N TRP B 446 -1.04 -33.19 7.47
CA TRP B 446 -0.13 -32.20 6.89
C TRP B 446 -0.80 -30.82 6.84
N TRP B 447 -0.01 -29.76 6.70
CA TRP B 447 -0.54 -28.40 6.80
C TRP B 447 0.16 -27.37 5.91
N ASP B 448 -0.50 -26.23 5.77
CA ASP B 448 -0.01 -25.09 5.01
C ASP B 448 -0.83 -23.87 5.41
N GLY B 449 -0.35 -22.67 5.08
CA GLY B 449 -1.06 -21.46 5.44
C GLY B 449 -0.39 -20.16 5.01
N LEU B 450 -0.79 -19.07 5.65
CA LEU B 450 -0.23 -17.74 5.44
C LEU B 450 -0.05 -17.04 6.78
N GLN B 451 1.03 -16.28 6.91
CA GLN B 451 1.35 -15.59 8.17
C GLN B 451 1.99 -14.24 7.94
N SER B 452 1.64 -13.28 8.78
CA SER B 452 2.30 -11.99 8.84
C SER B 452 2.31 -11.51 10.28
N SER B 453 3.52 -11.39 10.84
CA SER B 453 3.70 -11.06 12.25
C SER B 453 2.92 -12.04 13.12
N ASP B 454 2.16 -11.53 14.08
CA ASP B 454 1.48 -12.40 15.04
C ASP B 454 0.26 -13.09 14.43
N ASP B 455 -0.22 -12.56 13.30
CA ASP B 455 -1.43 -13.06 12.67
C ASP B 455 -1.12 -14.16 11.65
N PHE B 456 -1.88 -15.24 11.71
CA PHE B 456 -1.66 -16.38 10.83
C PHE B 456 -2.94 -17.18 10.57
N ALA B 457 -3.04 -17.72 9.36
CA ALA B 457 -4.11 -18.64 9.02
C ALA B 457 -3.49 -19.97 8.63
N LEU B 458 -3.98 -21.06 9.22
CA LEU B 458 -3.37 -22.37 9.06
C LEU B 458 -4.39 -23.41 8.61
N ILE B 459 -4.11 -24.05 7.48
CA ILE B 459 -4.96 -25.13 6.99
C ILE B 459 -4.32 -26.47 7.27
N ILE B 460 -5.00 -27.30 8.06
CA ILE B 460 -4.49 -28.61 8.43
C ILE B 460 -5.34 -29.71 7.81
N ASN B 461 -4.72 -30.58 7.03
CA ASN B 461 -5.44 -31.68 6.39
C ASN B 461 -5.02 -33.05 6.93
N GLY B 462 -5.95 -34.00 6.87
CA GLY B 462 -5.69 -35.34 7.33
C GLY B 462 -6.83 -36.26 6.96
N HIS B 463 -6.80 -37.48 7.50
CA HIS B 463 -7.82 -38.46 7.18
C HIS B 463 -8.96 -38.48 8.21
N PHE B 464 -8.68 -37.99 9.41
CA PHE B 464 -9.64 -38.05 10.50
C PHE B 464 -9.51 -36.85 11.43
N LYS B 465 -10.50 -36.68 12.31
CA LYS B 465 -10.49 -35.55 13.22
C LYS B 465 -9.36 -35.66 14.23
N GLU B 466 -9.06 -36.88 14.67
CA GLU B 466 -7.93 -37.10 15.56
C GLU B 466 -6.63 -36.84 14.81
N ASP B 467 -6.64 -37.19 13.52
CA ASP B 467 -5.52 -36.90 12.63
C ASP B 467 -5.22 -35.41 12.65
N ILE B 468 -6.28 -34.60 12.59
CA ILE B 468 -6.17 -33.15 12.64
C ILE B 468 -5.63 -32.69 14.01
N GLN B 469 -6.18 -33.25 15.07
CA GLN B 469 -5.73 -32.96 16.43
C GLN B 469 -4.22 -33.15 16.56
N GLN B 470 -3.72 -34.27 16.05
CA GLN B 470 -2.28 -34.54 16.03
C GLN B 470 -1.52 -33.41 15.35
N GLY B 471 -2.03 -32.95 14.21
CA GLY B 471 -1.41 -31.88 13.47
C GLY B 471 -1.43 -30.55 14.21
N VAL B 472 -2.56 -30.25 14.85
CA VAL B 472 -2.67 -29.04 15.64
C VAL B 472 -1.61 -29.04 16.74
N ASN B 473 -1.59 -30.10 17.54
CA ASN B 473 -0.63 -30.22 18.64
C ASN B 473 0.81 -30.19 18.16
N HIS B 474 1.10 -30.90 17.07
CA HIS B 474 2.44 -30.93 16.49
C HIS B 474 2.87 -29.53 16.08
N PHE B 475 1.98 -28.82 15.39
CA PHE B 475 2.23 -27.46 14.98
C PHE B 475 2.39 -26.54 16.19
N TYR B 476 1.52 -26.74 17.18
CA TYR B 476 1.51 -25.89 18.37
C TYR B 476 2.79 -26.02 19.19
N ARG B 477 3.25 -27.25 19.37
CA ARG B 477 4.45 -27.50 20.17
C ARG B 477 5.71 -27.13 19.39
N THR B 478 5.71 -27.41 18.09
CA THR B 478 6.83 -27.02 17.23
C THR B 478 7.01 -25.52 17.25
N CYS B 479 5.90 -24.79 17.37
CA CYS B 479 5.96 -23.34 17.47
C CYS B 479 6.60 -22.93 18.79
N LYS B 480 6.22 -23.61 19.87
CA LYS B 480 6.76 -23.29 21.18
C LYS B 480 8.25 -23.53 21.23
N LEU B 481 8.72 -24.56 20.54
CA LEU B 481 10.15 -24.91 20.52
C LEU B 481 11.01 -23.82 19.92
N VAL B 482 10.40 -22.84 19.25
CA VAL B 482 11.13 -21.69 18.72
C VAL B 482 10.55 -20.38 19.27
N GLY B 483 9.87 -20.47 20.40
CA GLY B 483 9.41 -19.27 21.11
C GLY B 483 8.23 -18.58 20.46
N ILE B 484 7.37 -19.37 19.83
CA ILE B 484 6.13 -18.85 19.26
C ILE B 484 4.94 -19.42 20.02
N ASN B 485 4.16 -18.54 20.64
CA ASN B 485 3.03 -18.94 21.45
C ASN B 485 1.70 -18.62 20.78
N MET B 486 1.02 -19.66 20.30
CA MET B 486 -0.31 -19.49 19.74
C MET B 486 -1.26 -19.11 20.86
N SER B 487 -2.19 -18.20 20.59
CA SER B 487 -3.18 -17.80 21.58
C SER B 487 -4.33 -18.78 21.61
N GLN B 488 -4.47 -19.51 22.72
CA GLN B 488 -5.55 -20.47 22.85
C GLN B 488 -6.86 -19.74 23.16
N LYS B 489 -6.77 -18.49 23.55
CA LYS B 489 -7.95 -17.69 23.83
C LYS B 489 -8.52 -17.05 22.56
N LYS B 490 -7.63 -16.53 21.72
CA LYS B 490 -8.03 -15.72 20.58
C LYS B 490 -7.97 -16.46 19.24
N SER B 491 -7.28 -17.58 19.20
CA SER B 491 -7.27 -18.42 18.01
C SER B 491 -8.36 -19.48 18.14
N TYR B 492 -8.92 -19.91 17.01
CA TYR B 492 -9.90 -20.98 17.01
C TYR B 492 -9.86 -21.70 15.66
N ILE B 493 -10.65 -22.77 15.54
CA ILE B 493 -10.56 -23.66 14.39
C ILE B 493 -11.94 -24.13 13.93
N ASN B 494 -12.06 -24.40 12.64
CA ASN B 494 -13.27 -24.98 12.05
C ASN B 494 -12.96 -25.65 10.71
N LYS B 495 -13.95 -26.36 10.18
CA LYS B 495 -13.81 -26.97 8.85
C LYS B 495 -13.51 -25.88 7.83
N THR B 496 -12.64 -26.20 6.88
CA THR B 496 -12.22 -25.24 5.87
C THR B 496 -13.43 -24.74 5.10
N GLY B 497 -13.60 -23.43 5.08
CA GLY B 497 -14.74 -22.81 4.43
C GLY B 497 -14.84 -21.35 4.81
N THR B 498 -14.73 -21.09 6.10
CA THR B 498 -14.73 -19.73 6.62
C THR B 498 -13.53 -19.53 7.54
N PHE B 499 -13.01 -18.30 7.59
CA PHE B 499 -11.98 -17.95 8.56
C PHE B 499 -11.76 -16.44 8.57
N PHE B 501 -8.58 -13.28 8.85
CA PHE B 501 -7.15 -12.99 8.73
C PHE B 501 -6.89 -11.49 8.56
N THR B 502 -6.40 -10.85 9.61
CA THR B 502 -6.11 -9.42 9.60
C THR B 502 -7.33 -8.62 9.15
N SER B 503 -8.45 -8.87 9.82
CA SER B 503 -9.71 -8.18 9.51
C SER B 503 -10.16 -8.39 8.06
N PHE B 504 -9.60 -9.40 7.39
CA PHE B 504 -10.21 -9.93 6.18
C PHE B 504 -11.11 -11.08 6.64
N PHE B 505 -12.26 -11.24 6.00
CA PHE B 505 -13.20 -12.29 6.35
C PHE B 505 -13.52 -13.17 5.16
N TYR B 506 -13.08 -14.40 5.23
CA TYR B 506 -13.32 -15.37 4.16
C TYR B 506 -14.54 -16.19 4.50
N ARG B 507 -15.47 -16.27 3.56
CA ARG B 507 -16.63 -17.14 3.69
C ARG B 507 -16.88 -17.77 2.33
N TYR B 508 -16.21 -18.90 2.08
CA TYR B 508 -16.21 -19.50 0.76
C TYR B 508 -15.75 -18.49 -0.28
N GLY B 509 -14.90 -17.57 0.15
CA GLY B 509 -14.47 -16.45 -0.65
C GLY B 509 -14.45 -15.22 0.23
N PHE B 510 -13.54 -14.28 -0.05
CA PHE B 510 -13.43 -13.07 0.76
C PHE B 510 -14.63 -12.16 0.56
N VAL B 511 -15.25 -11.77 1.67
CA VAL B 511 -16.36 -10.81 1.65
C VAL B 511 -15.81 -9.41 1.87
N ALA B 512 -16.70 -8.44 2.01
CA ALA B 512 -16.30 -7.05 2.20
C ALA B 512 -16.26 -6.67 3.68
N ASN B 513 -15.39 -5.72 3.99
CA ASN B 513 -15.32 -5.15 5.33
C ASN B 513 -15.12 -3.66 5.20
N PHE B 514 -16.20 -2.96 4.87
CA PHE B 514 -16.16 -1.54 4.62
C PHE B 514 -15.92 -0.70 5.87
N SER B 515 -16.48 -1.11 7.00
CA SER B 515 -16.39 -0.32 8.24
C SER B 515 -14.95 -0.06 8.63
N MET B 516 -14.07 -1.01 8.31
CA MET B 516 -12.63 -0.87 8.54
C MET B 516 -12.06 0.42 7.95
N GLU B 517 -12.69 0.93 6.90
CA GLU B 517 -12.16 2.07 6.14
C GLU B 517 -12.87 3.39 6.43
N LEU B 518 -13.92 3.34 7.25
CA LEU B 518 -14.73 4.52 7.52
C LEU B 518 -13.93 5.74 7.97
N PRO B 519 -12.95 5.54 8.86
CA PRO B 519 -12.18 6.71 9.31
C PRO B 519 -11.43 7.45 8.19
N SER B 520 -11.25 6.80 7.05
CA SER B 520 -10.51 7.41 5.94
C SER B 520 -11.43 8.29 5.08
N PHE B 521 -12.74 8.19 5.29
CA PHE B 521 -13.71 9.06 4.63
C PHE B 521 -13.86 10.38 5.37
N GLY B 522 -13.07 11.37 4.96
CA GLY B 522 -13.16 12.70 5.53
C GLY B 522 -12.13 13.60 4.89
N VAL B 523 -11.97 14.79 5.46
CA VAL B 523 -10.99 15.75 4.98
C VAL B 523 -9.63 15.45 5.60
N ALA B 524 -8.70 14.97 4.77
CA ALA B 524 -7.39 14.49 5.23
C ALA B 524 -6.56 15.57 5.90
N GLY B 525 -6.85 16.83 5.58
CA GLY B 525 -6.18 17.95 6.19
C GLY B 525 -4.77 18.25 5.69
N ASN B 526 -4.50 17.97 4.42
CA ASN B 526 -3.23 18.37 3.80
C ASN B 526 -3.32 19.77 3.22
N ASN B 527 -4.23 19.95 2.27
CA ASN B 527 -4.66 21.27 1.83
C ASN B 527 -5.87 21.14 0.93
N GLU B 528 -6.37 22.27 0.46
CA GLU B 528 -7.53 22.30 -0.43
C GLU B 528 -7.30 21.43 -1.66
N SER B 529 -6.11 21.51 -2.24
CA SER B 529 -5.81 20.78 -3.46
C SER B 529 -5.71 19.28 -3.22
N ALA B 530 -4.84 18.89 -2.29
CA ALA B 530 -4.60 17.47 -2.04
C ALA B 530 -5.82 16.76 -1.47
N ASP B 531 -6.55 17.43 -0.58
CA ASP B 531 -7.69 16.81 0.07
C ASP B 531 -8.76 16.42 -0.95
N MET B 532 -8.94 17.24 -1.98
CA MET B 532 -9.95 16.96 -2.99
C MET B 532 -9.61 15.70 -3.76
N SER B 533 -8.33 15.51 -4.06
CA SER B 533 -7.90 14.33 -4.80
C SER B 533 -7.97 13.09 -3.93
N ILE B 534 -7.54 13.23 -2.68
CA ILE B 534 -7.59 12.11 -1.75
C ILE B 534 -9.03 11.70 -1.48
N GLY B 535 -9.89 12.69 -1.23
CA GLY B 535 -11.30 12.43 -0.93
C GLY B 535 -12.02 11.61 -1.99
N THR B 536 -11.96 12.07 -3.25
CA THR B 536 -12.57 11.34 -4.35
C THR B 536 -11.95 9.95 -4.56
N THR B 537 -10.64 9.83 -4.36
CA THR B 537 -9.96 8.56 -4.58
C THR B 537 -10.36 7.53 -3.52
N VAL B 538 -10.48 7.99 -2.28
CA VAL B 538 -10.92 7.14 -1.19
C VAL B 538 -12.24 6.46 -1.56
N ILE B 539 -13.21 7.27 -1.97
CA ILE B 539 -14.49 6.75 -2.43
C ILE B 539 -14.30 5.75 -3.57
N LYS B 540 -13.43 6.11 -4.51
CA LYS B 540 -13.18 5.28 -5.69
C LYS B 540 -12.61 3.91 -5.34
N THR B 541 -11.52 3.90 -4.57
CA THR B 541 -10.85 2.64 -4.23
C THR B 541 -11.75 1.72 -3.38
N ASN B 542 -12.67 2.29 -2.62
CA ASN B 542 -13.57 1.48 -1.81
C ASN B 542 -14.70 0.87 -2.62
N MET B 543 -15.17 1.58 -3.64
CA MET B 543 -16.15 1.02 -4.56
C MET B 543 -15.60 -0.25 -5.19
N ILE B 544 -14.30 -0.24 -5.45
CA ILE B 544 -13.61 -1.36 -6.07
C ILE B 544 -13.29 -2.48 -5.08
N ASN B 545 -12.66 -2.13 -3.96
CA ASN B 545 -12.06 -3.12 -3.07
C ASN B 545 -12.94 -3.58 -1.90
N ASN B 546 -13.87 -2.75 -1.47
CA ASN B 546 -14.66 -3.05 -0.28
C ASN B 546 -16.17 -2.92 -0.47
N ASP B 547 -16.62 -3.07 -1.71
CA ASP B 547 -18.04 -3.17 -2.04
C ASP B 547 -18.85 -1.95 -1.60
N LEU B 548 -18.30 -0.77 -1.81
CA LEU B 548 -19.06 0.45 -1.57
C LEU B 548 -19.97 0.69 -2.77
N GLY B 549 -21.27 0.55 -2.56
CA GLY B 549 -22.24 0.61 -3.65
C GLY B 549 -22.43 2.00 -4.23
N PRO B 550 -23.03 2.09 -5.43
CA PRO B 550 -23.26 3.34 -6.16
C PRO B 550 -24.00 4.40 -5.35
N ALA B 551 -25.12 4.02 -4.76
CA ALA B 551 -25.94 4.95 -3.99
C ALA B 551 -25.15 5.54 -2.82
N THR B 552 -24.52 4.66 -2.04
CA THR B 552 -23.75 5.09 -0.87
C THR B 552 -22.53 5.91 -1.30
N ALA B 553 -21.94 5.56 -2.43
CA ALA B 553 -20.80 6.29 -2.98
C ALA B 553 -21.18 7.71 -3.41
N GLN B 554 -22.35 7.85 -4.04
CA GLN B 554 -22.85 9.18 -4.35
C GLN B 554 -23.03 10.00 -3.09
N MET B 555 -23.61 9.39 -2.06
CA MET B 555 -23.80 10.07 -0.79
C MET B 555 -22.45 10.40 -0.14
N ALA B 556 -21.48 9.51 -0.32
CA ALA B 556 -20.13 9.76 0.16
C ALA B 556 -19.53 11.00 -0.49
N ILE B 557 -19.79 11.19 -1.79
CA ILE B 557 -19.35 12.40 -2.47
C ILE B 557 -20.00 13.61 -1.83
N GLN B 558 -21.32 13.54 -1.70
CA GLN B 558 -22.08 14.62 -1.07
C GLN B 558 -21.53 14.99 0.29
N LEU B 559 -21.33 14.01 1.17
CA LEU B 559 -20.89 14.30 2.52
C LEU B 559 -19.47 14.87 2.54
N PHE B 560 -18.57 14.34 1.72
CA PHE B 560 -17.22 14.88 1.64
C PHE B 560 -17.21 16.35 1.24
N ILE B 561 -17.98 16.67 0.20
CA ILE B 561 -18.09 18.05 -0.26
C ILE B 561 -18.57 18.95 0.88
N LYS B 562 -19.60 18.52 1.60
CA LYS B 562 -20.08 19.24 2.77
C LYS B 562 -18.98 19.46 3.81
N ASP B 563 -18.19 18.42 4.08
CA ASP B 563 -17.09 18.51 5.08
C ASP B 563 -15.96 19.39 4.55
N TYR B 564 -15.60 19.18 3.28
CA TYR B 564 -14.59 19.98 2.60
C TYR B 564 -14.93 21.47 2.61
N ARG B 565 -16.15 21.79 2.22
CA ARG B 565 -16.61 23.16 2.20
C ARG B 565 -16.61 23.81 3.58
N TYR B 566 -17.17 23.13 4.57
CA TYR B 566 -17.20 23.68 5.93
C TYR B 566 -15.77 23.81 6.49
N THR B 567 -14.96 22.77 6.34
CA THR B 567 -13.62 22.78 6.91
C THR B 567 -12.74 23.94 6.41
N TYR B 568 -12.81 24.22 5.10
CA TYR B 568 -11.96 25.24 4.50
C TYR B 568 -12.70 26.56 4.28
N ARG B 569 -13.95 26.62 4.75
CA ARG B 569 -14.74 27.85 4.66
C ARG B 569 -14.93 28.29 3.21
N CYS B 570 -14.98 27.33 2.31
CA CYS B 570 -15.12 27.59 0.89
C CYS B 570 -16.50 27.16 0.40
N HIS B 571 -17.53 27.77 0.96
CA HIS B 571 -18.90 27.51 0.53
C HIS B 571 -19.18 28.14 -0.83
N ARG B 572 -20.22 27.66 -1.50
CA ARG B 572 -20.49 28.05 -2.87
C ARG B 572 -20.78 29.55 -2.97
N GLY B 573 -20.29 30.18 -4.04
CA GLY B 573 -20.35 31.61 -4.20
C GLY B 573 -21.74 32.23 -4.11
N ASP B 574 -22.78 31.44 -4.30
CA ASP B 574 -24.15 31.93 -4.22
C ASP B 574 -24.85 31.60 -2.89
N THR B 575 -24.11 31.14 -1.89
CA THR B 575 -24.71 30.87 -0.58
C THR B 575 -24.78 32.13 0.26
N ASN B 576 -25.62 32.11 1.29
CA ASN B 576 -25.82 33.26 2.17
C ASN B 576 -25.14 33.06 3.52
N LEU B 577 -24.25 32.08 3.62
CA LEU B 577 -23.47 31.88 4.84
C LEU B 577 -22.55 33.06 5.07
N GLU B 578 -21.97 33.11 6.26
CA GLU B 578 -21.07 34.19 6.64
C GLU B 578 -19.85 33.64 7.37
N THR B 579 -18.72 33.69 6.66
CA THR B 579 -17.44 33.31 7.24
C THR B 579 -16.44 34.41 6.93
N ARG B 580 -15.16 34.14 7.19
CA ARG B 580 -14.10 35.10 6.87
C ARG B 580 -13.79 35.14 5.37
N ARG B 581 -14.28 34.16 4.62
CA ARG B 581 -13.98 34.05 3.19
C ARG B 581 -15.13 34.45 2.28
N THR B 582 -16.35 34.37 2.80
CA THR B 582 -17.55 34.50 1.97
C THR B 582 -17.54 35.73 1.07
N LYS B 583 -17.04 36.84 1.59
CA LYS B 583 -16.98 38.09 0.84
C LYS B 583 -16.02 37.99 -0.33
N SER B 584 -14.79 37.57 -0.08
CA SER B 584 -13.78 37.45 -1.12
C SER B 584 -14.20 36.42 -2.16
N ILE B 585 -14.85 35.35 -1.71
CA ILE B 585 -15.33 34.30 -2.59
C ILE B 585 -16.53 34.82 -3.40
N LYS B 586 -17.28 35.76 -2.82
CA LYS B 586 -18.42 36.35 -3.51
C LYS B 586 -17.94 37.30 -4.61
N ARG B 587 -16.95 38.13 -4.31
CA ARG B 587 -16.33 38.99 -5.31
C ARG B 587 -15.95 38.18 -6.54
N LEU B 588 -15.25 37.08 -6.29
CA LEU B 588 -14.80 36.17 -7.34
C LEU B 588 -15.97 35.61 -8.14
N TRP B 589 -17.01 35.19 -7.44
CA TRP B 589 -18.19 34.58 -8.05
C TRP B 589 -18.93 35.51 -9.01
N THR B 590 -19.09 36.77 -8.60
CA THR B 590 -19.73 37.76 -9.45
C THR B 590 -18.80 38.12 -10.62
N GLU B 591 -17.53 38.37 -10.30
CA GLU B 591 -16.51 38.68 -11.29
C GLU B 591 -16.42 37.61 -12.38
N THR B 592 -16.68 36.36 -12.01
CA THR B 592 -16.50 35.22 -12.91
C THR B 592 -17.66 35.09 -13.90
N ILE B 593 -17.32 34.73 -15.14
CA ILE B 593 -18.32 34.58 -16.21
C ILE B 593 -18.81 33.14 -16.30
N SER B 594 -17.87 32.20 -16.32
CA SER B 594 -18.19 30.77 -16.36
C SER B 594 -18.05 30.14 -14.97
N LYS B 595 -19.16 30.14 -14.22
CA LYS B 595 -19.15 29.71 -12.82
C LYS B 595 -18.68 28.26 -12.63
N ALA B 596 -19.20 27.37 -13.47
CA ALA B 596 -18.88 25.93 -13.41
C ALA B 596 -17.38 25.64 -13.46
N GLY B 597 -16.60 26.63 -13.89
CA GLY B 597 -15.17 26.46 -13.98
C GLY B 597 -14.47 26.64 -12.64
N LEU B 598 -15.11 27.35 -11.72
CA LEU B 598 -14.51 27.62 -10.41
C LEU B 598 -14.35 26.35 -9.59
N LEU B 599 -13.19 26.21 -8.92
CA LEU B 599 -12.96 25.10 -8.00
C LEU B 599 -13.82 25.23 -6.75
N VAL B 600 -14.19 24.11 -6.17
CA VAL B 600 -14.92 24.10 -4.90
C VAL B 600 -14.21 25.00 -3.89
N ALA B 601 -12.89 24.95 -3.88
CA ALA B 601 -12.09 25.81 -3.01
C ALA B 601 -12.26 27.29 -3.32
N ASP B 602 -12.82 27.61 -4.49
CA ASP B 602 -13.04 29.00 -4.87
C ASP B 602 -14.53 29.31 -5.02
N GLY B 603 -15.35 28.49 -4.38
CA GLY B 603 -16.78 28.75 -4.29
C GLY B 603 -17.55 28.17 -5.45
N GLY B 604 -16.91 27.27 -6.18
CA GLY B 604 -17.54 26.66 -7.33
C GLY B 604 -18.37 25.45 -6.98
N PRO B 605 -19.04 24.88 -7.99
CA PRO B 605 -19.91 23.71 -7.81
C PRO B 605 -19.15 22.40 -7.79
N ASN B 606 -19.75 21.38 -7.18
CA ASN B 606 -19.16 20.06 -7.15
C ASN B 606 -19.44 19.33 -8.46
N PRO B 607 -18.38 19.00 -9.22
CA PRO B 607 -18.61 18.34 -10.50
C PRO B 607 -18.72 16.82 -10.38
N TYR B 608 -18.36 16.29 -9.24
CA TYR B 608 -18.09 14.86 -9.13
C TYR B 608 -19.33 13.98 -9.05
N ASN B 609 -19.18 12.81 -9.65
CA ASN B 609 -20.17 11.75 -9.59
C ASN B 609 -19.36 10.47 -9.81
N LEU B 610 -20.02 9.31 -9.82
CA LEU B 610 -19.30 8.03 -9.92
C LEU B 610 -18.26 7.99 -11.04
N ARG B 611 -18.59 8.56 -12.20
CA ARG B 611 -17.72 8.47 -13.38
C ARG B 611 -16.51 9.41 -13.32
N ASN B 612 -16.59 10.47 -12.53
CA ASN B 612 -15.54 11.48 -12.45
C ASN B 612 -14.44 11.25 -11.41
N LEU B 613 -14.65 10.28 -10.52
CA LEU B 613 -13.86 10.19 -9.30
C LEU B 613 -12.35 10.10 -9.56
N HIS B 614 -11.97 9.61 -10.74
CA HIS B 614 -10.56 9.38 -11.06
C HIS B 614 -9.92 10.53 -11.83
N ILE B 615 -10.63 11.65 -11.92
CA ILE B 615 -10.20 12.81 -12.68
C ILE B 615 -10.00 14.04 -11.80
N PRO B 616 -8.76 14.54 -11.68
CA PRO B 616 -8.49 15.73 -10.85
C PRO B 616 -9.39 16.91 -11.17
N GLU B 617 -9.73 17.69 -10.15
CA GLU B 617 -10.74 18.74 -10.29
C GLU B 617 -10.35 19.80 -11.31
N VAL B 618 -9.10 20.24 -11.27
CA VAL B 618 -8.61 21.28 -12.19
C VAL B 618 -8.66 20.79 -13.63
N CYS B 619 -8.27 19.53 -13.82
CA CYS B 619 -8.38 18.90 -15.12
C CYS B 619 -9.86 18.85 -15.54
N LEU B 620 -10.71 18.35 -14.66
CA LEU B 620 -12.12 18.15 -14.95
C LEU B 620 -12.87 19.44 -15.32
N LYS B 621 -12.38 20.57 -14.83
CA LYS B 621 -13.03 21.88 -15.01
C LYS B 621 -12.24 22.81 -15.93
N TRP B 622 -11.18 22.29 -16.54
CA TRP B 622 -10.27 23.11 -17.35
C TRP B 622 -10.97 23.89 -18.48
N SER B 623 -11.76 23.19 -19.30
CA SER B 623 -12.48 23.82 -20.40
C SER B 623 -13.49 24.88 -19.96
N LEU B 624 -13.92 24.81 -18.71
CA LEU B 624 -15.00 25.67 -18.24
C LEU B 624 -14.50 26.90 -17.48
N MET B 625 -13.18 27.00 -17.33
CA MET B 625 -12.57 28.10 -16.60
C MET B 625 -12.48 29.40 -17.40
N ASP B 626 -12.75 30.51 -16.73
CA ASP B 626 -12.35 31.81 -17.23
C ASP B 626 -10.82 31.81 -17.42
N PRO B 627 -10.34 32.27 -18.59
CA PRO B 627 -8.90 32.23 -18.86
C PRO B 627 -8.07 33.02 -17.86
N ASP B 628 -8.59 34.15 -17.37
CA ASP B 628 -7.88 34.92 -16.35
C ASP B 628 -7.77 34.08 -15.08
N TYR B 629 -8.90 33.59 -14.60
CA TYR B 629 -8.97 32.81 -13.38
C TYR B 629 -7.97 31.65 -13.37
N ARG B 630 -7.93 30.88 -14.45
CA ARG B 630 -7.04 29.72 -14.48
C ARG B 630 -5.60 30.17 -14.65
N GLY B 631 -5.43 31.34 -15.25
CA GLY B 631 -4.11 31.93 -15.37
C GLY B 631 -3.59 32.37 -14.01
N ARG B 632 -4.48 32.83 -13.15
CA ARG B 632 -4.12 33.16 -11.77
C ARG B 632 -3.96 31.90 -10.94
N LEU B 633 -4.98 31.04 -10.99
CA LEU B 633 -5.01 29.79 -10.25
C LEU B 633 -3.74 28.97 -10.44
N CYS B 634 -3.31 28.81 -11.69
CA CYS B 634 -2.16 27.97 -12.00
C CYS B 634 -0.92 28.79 -12.32
N ASN B 635 -0.93 30.06 -11.93
CA ASN B 635 0.23 30.92 -12.07
C ASN B 635 1.45 30.30 -11.38
N PRO B 636 2.45 29.85 -12.16
CA PRO B 636 3.60 29.15 -11.58
C PRO B 636 4.45 30.04 -10.66
N ASN B 637 4.18 31.34 -10.71
CA ASN B 637 4.92 32.32 -9.92
C ASN B 637 4.24 32.64 -8.59
N ASN B 638 3.24 31.85 -8.23
CA ASN B 638 2.47 32.11 -7.00
C ASN B 638 3.30 31.81 -5.75
N PRO B 639 3.12 32.61 -4.68
CA PRO B 639 3.92 32.48 -3.46
C PRO B 639 3.38 31.49 -2.43
N PHE B 640 2.23 30.89 -2.70
CA PHE B 640 1.59 30.00 -1.72
C PHE B 640 2.22 28.61 -1.72
N VAL B 641 2.54 28.11 -2.90
CA VAL B 641 3.25 26.84 -3.01
C VAL B 641 4.71 27.05 -2.61
N HIS B 642 5.34 25.99 -2.10
CA HIS B 642 6.78 26.00 -1.93
C HIS B 642 7.34 24.77 -2.64
N HIS B 643 8.27 25.00 -3.55
CA HIS B 643 8.74 23.96 -4.45
C HIS B 643 9.38 22.80 -3.70
N MET B 644 8.71 21.65 -3.76
CA MET B 644 9.19 20.43 -3.16
C MET B 644 10.30 19.81 -4.01
N GLU B 645 10.49 18.50 -3.86
CA GLU B 645 11.34 17.72 -4.74
C GLU B 645 10.48 16.66 -5.40
N VAL B 646 10.89 16.22 -6.58
CA VAL B 646 10.13 15.23 -7.34
C VAL B 646 9.70 14.05 -6.48
N GLU B 647 10.59 13.60 -5.61
CA GLU B 647 10.33 12.42 -4.78
C GLU B 647 9.31 12.70 -3.69
N SER B 648 9.06 13.98 -3.40
CA SER B 648 8.12 14.37 -2.35
C SER B 648 6.92 15.15 -2.89
N THR B 649 6.88 15.34 -4.21
CA THR B 649 5.77 16.05 -4.84
C THR B 649 4.50 15.20 -4.83
N ASN B 650 3.37 15.83 -4.53
CA ASN B 650 2.09 15.15 -4.50
C ASN B 650 2.10 13.92 -3.60
N LEU B 651 2.72 14.04 -2.43
CA LEU B 651 2.75 12.96 -1.44
C LEU B 651 2.10 13.39 -0.14
N ALA B 652 1.43 12.44 0.51
CA ALA B 652 0.86 12.66 1.83
C ALA B 652 1.13 11.42 2.68
N VAL B 653 0.83 11.50 3.97
CA VAL B 653 1.07 10.39 4.88
C VAL B 653 -0.24 9.84 5.42
N VAL B 654 -0.32 8.52 5.53
CA VAL B 654 -1.53 7.84 5.95
C VAL B 654 -1.19 6.61 6.80
N MET B 655 -2.11 6.24 7.68
CA MET B 655 -1.92 5.07 8.55
C MET B 655 -3.11 4.13 8.43
N PRO B 656 -2.87 2.86 8.07
CA PRO B 656 -3.98 1.91 7.99
C PRO B 656 -4.29 1.22 9.33
N GLY B 659 -1.34 -1.26 9.79
CA GLY B 659 0.04 -0.91 9.54
C GLY B 659 0.49 0.27 10.38
N PRO B 660 1.80 0.56 10.36
CA PRO B 660 2.38 1.63 11.19
C PRO B 660 2.20 3.02 10.57
N ALA B 661 2.77 3.22 9.39
CA ALA B 661 2.68 4.50 8.71
C ALA B 661 3.16 4.32 7.27
N LYS B 662 2.56 5.07 6.34
CA LYS B 662 2.82 4.88 4.93
C LYS B 662 2.61 6.17 4.15
N SER B 663 3.27 6.29 3.01
CA SER B 663 3.05 7.44 2.13
C SER B 663 1.91 7.15 1.16
N LEU B 664 1.06 8.15 0.95
CA LEU B 664 -0.04 8.06 0.01
C LEU B 664 0.15 9.08 -1.11
N GLU B 665 0.23 8.60 -2.34
CA GLU B 665 0.39 9.47 -3.50
C GLU B 665 -0.98 9.87 -4.03
N TYR B 666 -1.11 11.12 -4.46
CA TYR B 666 -2.37 11.60 -5.05
C TYR B 666 -2.14 12.38 -6.35
N ASP B 667 -3.17 12.43 -7.19
CA ASP B 667 -3.12 13.14 -8.46
C ASP B 667 -3.75 14.51 -8.38
N ALA B 668 -2.96 15.55 -8.60
CA ALA B 668 -3.48 16.91 -8.57
C ALA B 668 -2.56 17.89 -9.29
N VAL B 669 -3.16 18.93 -9.85
CA VAL B 669 -2.42 19.99 -10.52
C VAL B 669 -1.99 21.05 -9.52
N ALA B 670 -0.72 21.44 -9.59
CA ALA B 670 -0.19 22.46 -8.71
C ALA B 670 -0.87 23.80 -8.93
N THR B 671 -1.64 24.23 -7.93
CA THR B 671 -2.32 25.52 -7.99
C THR B 671 -2.02 26.32 -6.73
N THR B 672 -2.67 27.47 -6.60
CA THR B 672 -2.52 28.31 -5.42
C THR B 672 -3.13 27.65 -4.20
N HIS B 673 -3.92 26.59 -4.42
CA HIS B 673 -4.50 25.82 -3.34
C HIS B 673 -3.55 24.72 -2.85
N SER B 674 -2.37 24.63 -3.45
CA SER B 674 -1.39 23.63 -3.06
C SER B 674 -0.43 24.19 -2.00
N TRP B 675 -1.00 24.71 -0.92
CA TRP B 675 -0.21 25.35 0.14
C TRP B 675 -0.02 24.44 1.36
N THR B 676 0.89 24.85 2.25
CA THR B 676 1.11 24.16 3.52
C THR B 676 0.77 25.06 4.70
N PRO B 677 0.15 24.48 5.75
CA PRO B 677 -0.23 25.31 6.90
C PRO B 677 0.97 25.66 7.78
N LYS B 678 0.75 26.55 8.75
CA LYS B 678 1.79 27.04 9.63
C LYS B 678 2.46 25.91 10.39
N ARG B 679 3.73 26.10 10.71
CA ARG B 679 4.48 25.15 11.53
C ARG B 679 4.18 25.34 13.01
N ASN B 680 4.38 24.29 13.80
CA ASN B 680 4.29 24.39 15.24
C ASN B 680 5.35 25.37 15.76
N ARG B 681 5.04 26.06 16.85
CA ARG B 681 5.89 27.15 17.34
C ARG B 681 6.37 26.95 18.77
N SER B 682 5.95 25.85 19.39
CA SER B 682 6.30 25.57 20.77
C SER B 682 7.82 25.62 21.01
N ILE B 683 8.57 25.21 20.00
CA ILE B 683 10.02 25.13 20.12
C ILE B 683 10.66 26.50 20.42
N LEU B 684 9.94 27.56 20.08
CA LEU B 684 10.42 28.92 20.34
C LEU B 684 10.77 29.13 21.81
N ASN B 685 10.00 28.51 22.69
CA ASN B 685 10.19 28.65 24.14
C ASN B 685 11.32 27.76 24.67
N THR B 686 11.62 26.68 23.95
CA THR B 686 12.55 25.67 24.44
C THR B 686 14.01 25.99 24.16
N ASN B 687 14.90 25.11 24.62
CA ASN B 687 16.33 25.29 24.46
C ASN B 687 16.81 25.04 23.03
N GLN B 688 15.99 24.35 22.24
CA GLN B 688 16.36 24.00 20.87
C GLN B 688 15.98 25.10 19.88
N ARG B 689 15.69 26.28 20.41
CA ARG B 689 15.27 27.44 19.63
C ARG B 689 16.16 27.69 18.41
N GLY B 690 17.42 27.30 18.51
CA GLY B 690 18.40 27.56 17.47
C GLY B 690 18.28 26.67 16.25
N ILE B 691 17.62 25.52 16.41
CA ILE B 691 17.41 24.60 15.30
C ILE B 691 16.64 25.27 14.18
N LEU B 692 15.76 26.21 14.54
CA LEU B 692 15.01 26.96 13.54
C LEU B 692 15.95 27.78 12.66
N GLU B 693 16.94 28.42 13.28
CA GLU B 693 17.91 29.20 12.53
C GLU B 693 18.80 28.28 11.70
N ASP B 694 19.19 27.14 12.28
CA ASP B 694 19.94 26.14 11.54
C ASP B 694 19.19 25.76 10.27
N GLU B 695 17.90 25.47 10.44
CA GLU B 695 17.04 25.14 9.32
C GLU B 695 16.96 26.29 8.32
N ARG B 696 16.73 27.49 8.84
CA ARG B 696 16.63 28.68 8.01
C ARG B 696 17.89 28.91 7.19
N ILE B 697 19.05 28.66 7.79
CA ILE B 697 20.32 28.85 7.09
C ILE B 697 20.57 27.71 6.10
N TYR B 698 20.46 26.47 6.58
CA TYR B 698 20.65 25.29 5.73
C TYR B 698 19.85 25.37 4.43
N GLN B 699 18.60 25.79 4.53
CA GLN B 699 17.73 25.89 3.36
C GLN B 699 18.22 26.93 2.37
N LYS B 700 18.65 28.07 2.89
CA LYS B 700 19.09 29.17 2.03
C LYS B 700 20.30 28.78 1.19
N CYS B 701 21.11 27.85 1.69
CA CYS B 701 22.28 27.38 0.95
C CYS B 701 21.90 26.42 -0.17
N CYS B 702 20.88 25.61 0.07
CA CYS B 702 20.36 24.71 -0.95
C CYS B 702 19.55 25.49 -1.97
N GLN B 703 18.93 26.57 -1.53
CA GLN B 703 18.12 27.41 -2.40
C GLN B 703 18.95 27.96 -3.55
N VAL B 704 20.20 28.31 -3.27
CA VAL B 704 21.08 28.88 -4.27
C VAL B 704 21.85 27.79 -5.01
N PHE B 705 22.15 26.71 -4.31
CA PHE B 705 22.84 25.57 -4.94
C PHE B 705 22.00 25.06 -6.10
N GLU B 706 20.69 25.03 -5.90
CA GLU B 706 19.75 24.58 -6.91
C GLU B 706 19.77 25.48 -8.14
N LYS B 707 20.14 26.75 -7.95
CA LYS B 707 20.27 27.67 -9.07
C LYS B 707 21.46 27.26 -9.93
N PHE B 708 22.44 26.61 -9.32
CA PHE B 708 23.61 26.12 -10.04
C PHE B 708 23.41 24.69 -10.51
N PHE B 709 22.56 23.95 -9.81
CA PHE B 709 22.24 22.57 -10.20
C PHE B 709 20.75 22.27 -10.07
N PRO B 710 19.94 22.80 -11.01
CA PRO B 710 18.50 22.54 -11.06
C PRO B 710 18.19 21.04 -11.02
N SER B 711 19.12 20.24 -11.52
CA SER B 711 18.99 18.80 -11.53
C SER B 711 18.87 18.20 -10.13
N SER B 712 19.41 18.91 -9.14
CA SER B 712 19.50 18.37 -7.78
C SER B 712 18.12 18.06 -7.19
N THR B 713 17.10 18.78 -7.64
CA THR B 713 15.75 18.60 -7.11
C THR B 713 15.06 17.34 -7.62
N TYR B 714 15.55 16.80 -8.74
CA TYR B 714 15.00 15.57 -9.32
C TYR B 714 15.77 14.34 -8.82
N ARG B 715 17.06 14.30 -9.15
CA ARG B 715 17.97 13.27 -8.63
C ARG B 715 19.00 13.89 -7.71
N ARG B 716 19.26 13.22 -6.59
CA ARG B 716 20.24 13.71 -5.62
C ARG B 716 21.63 13.70 -6.23
N PRO B 717 22.33 14.84 -6.19
CA PRO B 717 23.66 14.89 -6.81
C PRO B 717 24.73 14.13 -6.01
N ILE B 718 25.18 13.00 -6.55
CA ILE B 718 26.25 12.23 -5.95
C ILE B 718 27.57 12.96 -6.17
N GLY B 719 28.20 13.41 -5.08
CA GLY B 719 29.44 14.13 -5.18
C GLY B 719 30.12 14.37 -3.84
N MET B 720 31.42 14.12 -3.79
CA MET B 720 32.23 14.38 -2.61
C MET B 720 33.12 15.58 -2.87
N ALA B 721 32.61 16.76 -2.56
CA ALA B 721 33.34 18.00 -2.82
C ALA B 721 32.65 19.16 -2.14
N SER B 722 33.41 20.19 -1.80
CA SER B 722 32.87 21.38 -1.16
C SER B 722 31.73 21.97 -1.99
N MET B 723 30.59 22.19 -1.33
CA MET B 723 29.40 22.74 -1.99
C MET B 723 29.72 23.98 -2.81
N LEU B 724 30.62 24.81 -2.28
CA LEU B 724 30.96 26.08 -2.93
C LEU B 724 31.79 25.85 -4.18
N ASP B 725 32.73 24.92 -4.10
CA ASP B 725 33.59 24.58 -5.24
C ASP B 725 32.76 24.14 -6.44
N ALA B 726 31.76 23.30 -6.19
CA ALA B 726 30.88 22.82 -7.24
C ALA B 726 30.15 23.97 -7.91
N MET B 727 29.70 24.93 -7.10
CA MET B 727 28.96 26.08 -7.60
C MET B 727 29.86 26.98 -8.42
N LEU B 728 31.08 27.20 -7.94
CA LEU B 728 32.04 28.05 -8.64
C LEU B 728 32.43 27.47 -10.00
N SER B 729 32.85 26.21 -10.01
CA SER B 729 33.29 25.54 -11.22
C SER B 729 32.27 25.70 -12.35
N ARG B 730 31.00 25.50 -12.02
CA ARG B 730 29.94 25.66 -13.00
C ARG B 730 29.71 27.13 -13.32
N ALA B 731 29.75 27.97 -12.28
CA ALA B 731 29.54 29.41 -12.44
C ALA B 731 30.48 29.98 -13.50
N ARG B 732 31.65 29.38 -13.63
CA ARG B 732 32.61 29.79 -14.64
C ARG B 732 32.13 29.41 -16.03
N ILE B 733 31.95 28.11 -16.24
CA ILE B 733 31.64 27.60 -17.57
C ILE B 733 30.29 28.06 -18.08
N ASP B 734 29.32 28.18 -17.19
CA ASP B 734 28.04 28.77 -17.56
C ASP B 734 28.26 30.19 -18.08
N ALA B 735 29.00 30.98 -17.33
CA ALA B 735 29.28 32.36 -17.69
C ALA B 735 30.07 32.45 -18.99
N ARG B 736 30.96 31.49 -19.21
CA ARG B 736 31.80 31.48 -20.40
C ARG B 736 31.03 31.08 -21.64
N ILE B 737 30.37 29.92 -21.58
CA ILE B 737 29.66 29.41 -22.74
C ILE B 737 28.43 30.26 -23.07
N ASP B 738 27.88 30.94 -22.07
CA ASP B 738 26.77 31.88 -22.31
C ASP B 738 27.24 33.04 -23.20
N LEU B 739 28.55 33.22 -23.29
CA LEU B 739 29.14 34.22 -24.17
C LEU B 739 29.74 33.57 -25.41
N GLU B 740 30.73 32.69 -25.19
CA GLU B 740 31.45 32.00 -26.28
C GLU B 740 30.55 31.58 -27.43
N SER B 741 29.54 30.76 -27.11
CA SER B 741 28.56 30.32 -28.08
C SER B 741 27.15 30.72 -27.63
N GLY B 742 26.96 32.02 -27.38
CA GLY B 742 25.69 32.53 -26.91
C GLY B 742 25.63 34.04 -26.97
N SER B 745 28.07 39.50 -23.05
CA SER B 745 29.21 40.37 -23.34
C SER B 745 30.41 39.96 -22.49
N SER B 746 31.61 40.20 -23.02
CA SER B 746 32.83 39.81 -22.33
C SER B 746 33.04 40.64 -21.07
N GLN B 747 32.40 41.79 -21.00
CA GLN B 747 32.47 42.63 -19.80
C GLN B 747 31.63 42.00 -18.69
N ASP B 748 30.52 41.39 -19.06
CA ASP B 748 29.71 40.62 -18.12
C ASP B 748 30.46 39.36 -17.71
N PHE B 749 31.08 38.71 -18.68
CA PHE B 749 31.87 37.51 -18.42
C PHE B 749 33.01 37.81 -17.47
N SER B 750 33.73 38.90 -17.73
CA SER B 750 34.84 39.31 -16.89
C SER B 750 34.32 39.68 -15.49
N GLU B 751 33.16 40.32 -15.45
CA GLU B 751 32.53 40.71 -14.19
C GLU B 751 32.18 39.47 -13.36
N ILE B 752 31.68 38.45 -14.02
CA ILE B 752 31.33 37.20 -13.35
C ILE B 752 32.57 36.46 -12.86
N THR B 753 33.59 36.38 -13.72
CA THR B 753 34.84 35.70 -13.36
C THR B 753 35.56 36.47 -12.25
N ASN B 754 35.52 37.79 -12.32
CA ASN B 754 36.08 38.62 -11.25
C ASN B 754 35.39 38.32 -9.93
N THR B 755 34.07 38.20 -9.96
CA THR B 755 33.30 37.90 -8.76
C THR B 755 33.62 36.49 -8.27
N CYS B 756 33.66 35.54 -9.20
CA CYS B 756 34.00 34.15 -8.87
C CYS B 756 35.34 34.07 -8.16
N LYS B 757 36.34 34.75 -8.71
CA LYS B 757 37.66 34.80 -8.10
C LYS B 757 37.61 35.56 -6.78
N ALA B 758 36.96 36.72 -6.80
CA ALA B 758 36.88 37.59 -5.63
C ALA B 758 36.36 36.84 -4.40
N ILE B 759 35.34 36.01 -4.61
CA ILE B 759 34.80 35.17 -3.53
C ILE B 759 35.80 34.09 -3.16
N GLU B 760 36.29 33.39 -4.18
CA GLU B 760 37.20 32.26 -3.99
C GLU B 760 38.43 32.66 -3.19
N ALA B 761 38.78 33.94 -3.24
CA ALA B 761 39.88 34.46 -2.44
C ALA B 761 39.57 34.32 -0.96
N LEU B 762 38.33 34.61 -0.59
CA LEU B 762 37.92 34.58 0.82
C LEU B 762 37.86 33.14 1.36
N LYS B 763 39.02 32.61 1.70
CA LYS B 763 39.13 31.30 2.32
C LYS B 763 38.37 30.22 1.54
N SER C 8 23.30 35.57 -16.23
CA SER C 8 24.08 34.63 -15.38
C SER C 8 24.56 35.34 -14.12
N MET C 9 23.96 36.48 -13.81
CA MET C 9 24.52 37.39 -12.80
C MET C 9 23.97 37.16 -11.39
N GLU C 10 22.75 37.62 -11.15
CA GLU C 10 22.17 37.71 -9.80
C GLU C 10 22.44 36.50 -8.91
N ARG C 11 22.70 35.36 -9.53
CA ARG C 11 23.08 34.15 -8.79
C ARG C 11 24.47 34.28 -8.15
N ILE C 12 25.42 34.86 -8.88
CA ILE C 12 26.78 35.00 -8.36
C ILE C 12 26.87 36.19 -7.42
N LYS C 13 26.06 37.22 -7.66
CA LYS C 13 25.92 38.31 -6.71
C LYS C 13 25.37 37.78 -5.40
N GLU C 14 24.26 37.03 -5.48
CA GLU C 14 23.67 36.39 -4.32
C GLU C 14 24.70 35.52 -3.60
N LEU C 15 25.41 34.70 -4.35
CA LEU C 15 26.41 33.80 -3.78
C LEU C 15 27.47 34.59 -3.02
N MET C 16 27.90 35.72 -3.58
CA MET C 16 28.85 36.60 -2.91
C MET C 16 28.28 37.10 -1.60
N GLU C 17 27.11 37.72 -1.68
CA GLU C 17 26.44 38.27 -0.51
C GLU C 17 26.26 37.20 0.57
N MET C 18 26.16 35.94 0.15
CA MET C 18 26.06 34.85 1.11
C MET C 18 27.42 34.49 1.70
N VAL C 19 28.41 34.27 0.83
CA VAL C 19 29.74 33.86 1.27
C VAL C 19 30.36 34.90 2.19
N LYS C 20 29.97 36.16 2.02
CA LYS C 20 30.39 37.24 2.92
C LYS C 20 30.14 36.83 4.36
N ASN C 21 28.96 36.25 4.59
CA ASN C 21 28.57 35.79 5.92
C ASN C 21 29.28 34.49 6.27
N SER C 22 30.12 34.53 7.30
CA SER C 22 30.87 33.36 7.74
C SER C 22 29.94 32.25 8.23
N ARG C 23 28.77 32.67 8.73
CA ARG C 23 27.73 31.75 9.19
C ARG C 23 27.48 30.63 8.18
N MET C 24 27.34 31.01 6.92
CA MET C 24 26.99 30.06 5.87
C MET C 24 28.16 29.72 4.95
N ARG C 25 29.17 30.59 4.90
CA ARG C 25 30.39 30.29 4.16
C ARG C 25 31.07 29.12 4.86
N GLU C 26 30.83 29.02 6.16
CA GLU C 26 31.21 27.85 6.94
C GLU C 26 30.61 26.60 6.32
N ILE C 27 29.29 26.64 6.15
CA ILE C 27 28.55 25.50 5.63
C ILE C 27 28.92 25.16 4.18
N LEU C 28 28.93 26.18 3.33
CA LEU C 28 29.20 25.99 1.90
C LEU C 28 30.58 25.39 1.62
N THR C 29 31.49 25.55 2.58
CA THR C 29 32.84 24.97 2.46
C THR C 29 32.94 23.62 3.14
N THR C 30 32.38 23.52 4.35
CA THR C 30 32.51 22.32 5.17
C THR C 30 31.67 21.14 4.66
N THR C 31 30.38 21.38 4.42
CA THR C 31 29.47 20.30 3.99
C THR C 31 29.66 19.95 2.52
N SER C 32 29.79 18.65 2.26
CA SER C 32 30.05 18.17 0.90
C SER C 32 28.77 18.09 0.08
N VAL C 33 28.94 17.92 -1.23
CA VAL C 33 27.81 17.82 -2.15
C VAL C 33 26.89 16.67 -1.76
N ASP C 34 27.46 15.59 -1.26
CA ASP C 34 26.66 14.48 -0.73
C ASP C 34 25.91 14.93 0.52
N HIS C 35 26.64 15.52 1.46
CA HIS C 35 26.08 15.90 2.75
C HIS C 35 25.03 17.01 2.61
N MET C 36 25.01 17.67 1.47
CA MET C 36 24.03 18.72 1.23
C MET C 36 22.63 18.11 1.24
N ALA C 37 22.54 16.87 0.78
CA ALA C 37 21.28 16.14 0.77
C ALA C 37 20.78 15.88 2.18
N VAL C 38 21.72 15.67 3.10
CA VAL C 38 21.38 15.41 4.49
C VAL C 38 20.86 16.67 5.18
N ILE C 39 21.53 17.80 4.94
CA ILE C 39 21.16 19.05 5.63
C ILE C 39 19.93 19.70 5.01
N LYS C 40 19.54 19.24 3.82
CA LYS C 40 18.34 19.77 3.18
C LYS C 40 17.10 19.34 3.95
N LYS C 41 17.06 18.07 4.33
CA LYS C 41 15.93 17.51 5.06
C LYS C 41 16.01 17.76 6.58
N TYR C 42 17.05 18.48 7.00
CA TYR C 42 17.22 18.81 8.43
C TYR C 42 16.15 19.80 8.88
N THR C 43 15.20 19.32 9.69
CA THR C 43 14.07 20.15 10.11
C THR C 43 13.69 19.98 11.58
N SER C 44 13.15 21.05 12.15
CA SER C 44 12.56 20.99 13.48
C SER C 44 11.17 20.37 13.47
N GLY C 45 10.55 20.36 12.29
CA GLY C 45 9.16 19.95 12.17
C GLY C 45 8.94 18.44 12.16
N ARG C 46 7.84 18.02 12.77
CA ARG C 46 7.42 16.62 12.79
C ARG C 46 6.43 16.29 11.69
N GLN C 47 6.46 15.04 11.23
CA GLN C 47 5.41 14.54 10.36
C GLN C 47 4.12 14.46 11.16
N GLU C 48 3.19 15.36 10.87
CA GLU C 48 1.92 15.42 11.58
C GLU C 48 1.28 14.05 11.76
N LYS C 49 0.85 13.77 12.99
CA LYS C 49 0.18 12.52 13.31
C LYS C 49 -1.30 12.55 12.92
N ASN C 50 -1.96 13.65 13.25
CA ASN C 50 -3.40 13.81 13.00
C ASN C 50 -3.67 15.08 12.20
N PRO C 51 -3.38 15.04 10.89
CA PRO C 51 -3.55 16.22 10.03
C PRO C 51 -5.00 16.62 9.85
N ALA C 52 -5.92 15.65 9.90
CA ALA C 52 -7.34 15.95 9.81
C ALA C 52 -7.77 16.82 10.98
N LEU C 53 -7.35 16.46 12.20
CA LEU C 53 -7.66 17.26 13.39
C LEU C 53 -6.96 18.59 13.34
N ARG C 54 -5.68 18.58 13.01
CA ARG C 54 -4.88 19.78 13.03
C ARG C 54 -5.43 20.81 12.06
N MET C 55 -5.88 20.37 10.90
CA MET C 55 -6.35 21.28 9.87
C MET C 55 -7.68 21.91 10.27
N LYS C 56 -8.52 21.11 10.92
CA LYS C 56 -9.78 21.63 11.45
C LYS C 56 -9.50 22.65 12.55
N TRP C 57 -8.48 22.37 13.35
CA TRP C 57 -8.04 23.29 14.40
C TRP C 57 -7.51 24.56 13.76
N MET C 58 -6.57 24.41 12.82
CA MET C 58 -5.88 25.58 12.26
C MET C 58 -6.73 26.45 11.34
N MET C 59 -7.69 25.87 10.63
CA MET C 59 -8.52 26.65 9.72
C MET C 59 -9.43 27.61 10.48
N ALA C 60 -9.57 27.41 11.79
CA ALA C 60 -10.34 28.34 12.61
C ALA C 60 -9.52 29.58 12.95
N MET C 61 -8.20 29.47 12.76
CA MET C 61 -7.29 30.58 13.04
C MET C 61 -7.24 31.58 11.89
N LYS C 62 -6.85 32.81 12.21
CA LYS C 62 -6.86 33.90 11.24
C LYS C 62 -5.80 33.71 10.15
N TYR C 63 -4.59 33.37 10.54
CA TYR C 63 -3.46 33.31 9.60
C TYR C 63 -2.71 31.97 9.65
N PRO C 64 -3.37 30.89 9.18
CA PRO C 64 -2.83 29.53 9.27
C PRO C 64 -1.91 29.12 8.13
N ILE C 65 -1.99 29.80 6.99
CA ILE C 65 -1.18 29.44 5.83
C ILE C 65 0.12 30.22 5.80
N SER C 66 1.20 29.57 5.36
CA SER C 66 2.51 30.22 5.23
C SER C 66 2.89 30.41 3.77
N ALA C 67 3.28 31.64 3.43
CA ALA C 67 3.60 32.00 2.06
C ALA C 67 4.90 32.80 1.98
N SER C 68 5.59 32.71 0.85
CA SER C 68 6.83 33.47 0.62
C SER C 68 6.61 34.94 0.92
N SER C 69 7.62 35.59 1.50
CA SER C 69 7.53 36.97 1.93
C SER C 69 7.19 37.92 0.79
N ARG C 70 7.62 37.56 -0.42
CA ARG C 70 7.32 38.33 -1.62
C ARG C 70 5.82 38.58 -1.78
N ILE C 71 5.00 37.79 -1.10
CA ILE C 71 3.55 37.97 -1.11
C ILE C 71 3.19 39.39 -0.67
N ARG C 72 4.04 39.98 0.16
CA ARG C 72 3.79 41.32 0.68
C ARG C 72 3.95 42.38 -0.41
N GLU C 73 4.78 42.08 -1.40
CA GLU C 73 4.96 42.97 -2.55
C GLU C 73 3.89 42.70 -3.60
N MET C 74 3.50 41.43 -3.71
CA MET C 74 2.59 40.98 -4.76
C MET C 74 1.12 41.32 -4.52
N ILE C 75 0.66 41.12 -3.29
CA ILE C 75 -0.74 41.40 -2.94
C ILE C 75 -0.81 42.38 -1.78
N PRO C 76 -1.90 43.14 -1.70
CA PRO C 76 -2.04 44.15 -0.64
C PRO C 76 -2.20 43.55 0.74
N GLU C 77 -1.92 44.34 1.77
CA GLU C 77 -2.03 43.90 3.15
C GLU C 77 -3.49 43.75 3.55
N LYS C 78 -4.29 44.76 3.20
CA LYS C 78 -5.72 44.75 3.43
C LYS C 78 -6.45 44.69 2.09
N ASP C 79 -7.59 44.02 2.05
CA ASP C 79 -8.38 43.93 0.82
C ASP C 79 -9.58 44.87 0.87
N GLU C 80 -10.42 44.82 -0.16
CA GLU C 80 -11.52 45.75 -0.30
C GLU C 80 -12.49 45.73 0.87
N ASP C 81 -12.66 44.56 1.47
CA ASP C 81 -13.64 44.39 2.54
C ASP C 81 -13.04 44.58 3.92
N GLY C 82 -11.74 44.83 3.97
CA GLY C 82 -11.05 45.08 5.22
C GLY C 82 -10.35 43.85 5.78
N ASN C 83 -10.48 42.73 5.10
CA ASN C 83 -9.78 41.52 5.52
C ASN C 83 -8.26 41.71 5.43
N THR C 84 -7.56 41.26 6.45
CA THR C 84 -6.11 41.23 6.41
C THR C 84 -5.70 39.99 5.63
N LEU C 85 -4.82 40.17 4.65
CA LEU C 85 -4.39 39.08 3.79
C LEU C 85 -3.12 38.42 4.29
N TRP C 86 -2.15 39.24 4.71
CA TRP C 86 -0.91 38.71 5.27
C TRP C 86 -0.42 39.50 6.48
N THR C 87 0.42 38.84 7.26
CA THR C 87 1.06 39.42 8.43
C THR C 87 2.57 39.41 8.24
N ASN C 88 3.29 39.82 9.27
CA ASN C 88 4.75 39.83 9.23
C ASN C 88 5.33 38.69 10.05
N THR C 89 4.51 38.05 10.87
CA THR C 89 4.97 36.94 11.70
C THR C 89 5.49 35.81 10.81
N LYS C 90 6.71 35.38 11.07
CA LYS C 90 7.39 34.44 10.19
C LYS C 90 7.23 32.99 10.67
N ASP C 91 7.04 32.10 9.70
CA ASP C 91 6.80 30.69 9.99
C ASP C 91 8.03 30.08 10.64
N ALA C 92 7.81 29.28 11.68
CA ALA C 92 8.90 28.65 12.43
C ALA C 92 9.85 27.90 11.50
N GLY C 93 11.08 28.40 11.41
CA GLY C 93 12.12 27.73 10.66
C GLY C 93 12.16 28.11 9.19
N SER C 94 11.56 29.26 8.86
CA SER C 94 11.50 29.73 7.48
C SER C 94 11.63 31.24 7.40
N ASN C 95 11.93 31.72 6.20
CA ASN C 95 11.87 33.14 5.89
C ASN C 95 10.51 33.43 5.27
N ARG C 96 9.50 32.74 5.80
CA ARG C 96 8.16 32.69 5.24
C ARG C 96 7.18 33.32 6.22
N VAL C 97 6.18 34.05 5.73
CA VAL C 97 5.23 34.77 6.58
C VAL C 97 3.88 34.05 6.66
N LEU C 98 3.10 34.38 7.69
CA LEU C 98 1.80 33.77 7.92
C LEU C 98 0.71 34.61 7.27
N VAL C 99 -0.22 33.94 6.59
CA VAL C 99 -1.21 34.65 5.79
C VAL C 99 -2.59 34.03 5.94
N SER C 100 -3.61 34.77 5.53
CA SER C 100 -4.99 34.32 5.61
C SER C 100 -5.44 33.63 4.33
N PRO C 101 -6.44 32.74 4.43
CA PRO C 101 -7.01 32.12 3.23
C PRO C 101 -7.54 33.15 2.24
N ASN C 102 -7.86 34.34 2.75
CA ASN C 102 -8.34 35.43 1.90
C ASN C 102 -7.27 35.90 0.93
N ALA C 103 -6.01 35.57 1.23
CA ALA C 103 -4.91 35.88 0.34
C ALA C 103 -4.98 35.00 -0.90
N VAL C 104 -5.21 33.70 -0.66
CA VAL C 104 -5.37 32.74 -1.75
C VAL C 104 -6.50 33.13 -2.69
N THR C 105 -7.58 33.65 -2.13
CA THR C 105 -8.75 34.04 -2.91
C THR C 105 -8.48 35.32 -3.68
N TRP C 106 -7.83 36.28 -3.03
CA TRP C 106 -7.54 37.56 -3.67
C TRP C 106 -6.70 37.30 -4.91
N TRP C 107 -5.73 36.41 -4.77
CA TRP C 107 -4.89 36.03 -5.88
C TRP C 107 -5.74 35.48 -7.02
N ASN C 108 -6.68 34.61 -6.68
CA ASN C 108 -7.46 33.91 -7.69
C ASN C 108 -8.52 34.80 -8.36
N ARG C 109 -8.73 36.00 -7.83
CA ARG C 109 -9.71 36.93 -8.41
C ARG C 109 -9.09 38.26 -8.84
N ALA C 110 -7.83 38.48 -8.51
CA ALA C 110 -7.19 39.77 -8.81
C ALA C 110 -5.68 39.70 -8.89
N GLY C 111 -5.10 38.52 -8.72
CA GLY C 111 -3.67 38.36 -8.82
C GLY C 111 -3.19 38.50 -10.25
N PRO C 112 -1.88 38.34 -10.48
CA PRO C 112 -1.30 38.41 -11.83
C PRO C 112 -1.70 37.23 -12.70
N VAL C 113 -2.14 37.51 -13.93
CA VAL C 113 -2.52 36.44 -14.86
C VAL C 113 -1.29 35.91 -15.60
N SER C 114 -1.28 34.60 -15.84
CA SER C 114 -0.14 33.93 -16.46
C SER C 114 -0.57 33.09 -17.66
N ASP C 115 0.39 32.74 -18.50
CA ASP C 115 0.13 31.93 -19.69
C ASP C 115 0.29 30.46 -19.36
N VAL C 116 -0.77 29.68 -19.58
CA VAL C 116 -0.80 28.29 -19.15
C VAL C 116 -1.42 27.33 -20.15
N VAL C 117 -1.79 27.83 -21.33
CA VAL C 117 -2.60 27.05 -22.27
C VAL C 117 -1.94 25.74 -22.74
N HIS C 118 -0.63 25.59 -22.51
CA HIS C 118 0.06 24.37 -22.89
C HIS C 118 0.20 23.38 -21.73
N TYR C 119 -0.33 23.75 -20.57
CA TYR C 119 -0.26 22.89 -19.39
C TYR C 119 -0.87 21.48 -19.57
N PRO C 120 -1.90 21.36 -20.42
CA PRO C 120 -2.44 20.01 -20.65
C PRO C 120 -1.47 19.06 -21.34
N ARG C 121 -0.40 19.60 -21.91
CA ARG C 121 0.66 18.76 -22.44
C ARG C 121 1.49 18.18 -21.30
N VAL C 122 1.72 18.99 -20.28
CA VAL C 122 2.44 18.54 -19.09
C VAL C 122 1.61 17.52 -18.31
N TYR C 123 0.35 17.87 -18.07
CA TYR C 123 -0.56 17.02 -17.31
C TYR C 123 -1.34 16.07 -18.21
N LYS C 124 -0.68 15.64 -19.29
CA LYS C 124 -1.29 14.76 -20.29
C LYS C 124 -1.88 13.52 -19.64
N MET C 125 -1.17 12.99 -18.66
CA MET C 125 -1.59 11.77 -17.98
C MET C 125 -2.98 11.94 -17.38
N TYR C 126 -3.28 13.16 -16.92
CA TYR C 126 -4.58 13.46 -16.35
C TYR C 126 -5.61 13.68 -17.46
N PHE C 127 -5.33 14.65 -18.32
CA PHE C 127 -6.27 15.02 -19.39
C PHE C 127 -6.60 13.90 -20.37
N ASP C 128 -5.72 12.91 -20.48
CA ASP C 128 -6.05 11.71 -21.23
C ASP C 128 -7.16 10.88 -20.54
N ARG C 129 -7.24 10.95 -19.22
CA ARG C 129 -8.32 10.27 -18.49
C ARG C 129 -9.65 10.89 -18.87
N LEU C 130 -9.68 12.22 -18.88
CA LEU C 130 -10.87 12.95 -19.25
C LEU C 130 -11.21 12.66 -20.71
N GLU C 131 -10.19 12.73 -21.57
CA GLU C 131 -10.36 12.49 -23.00
C GLU C 131 -11.06 11.16 -23.28
N ARG C 132 -10.66 10.11 -22.59
CA ARG C 132 -11.26 8.80 -22.80
C ARG C 132 -12.71 8.80 -22.33
N LEU C 133 -12.99 9.51 -21.24
CA LEU C 133 -14.31 9.50 -20.64
C LEU C 133 -15.27 10.33 -21.47
N THR C 134 -14.84 11.56 -21.79
CA THR C 134 -15.60 12.45 -22.64
C THR C 134 -16.03 11.78 -23.95
N HIS C 135 -15.17 10.91 -24.50
CA HIS C 135 -15.44 10.23 -25.77
C HIS C 135 -15.88 8.78 -25.56
N GLY C 136 -16.29 8.45 -24.34
CA GLY C 136 -16.76 7.12 -24.03
C GLY C 136 -18.25 6.95 -24.33
N THR C 137 -18.68 5.71 -24.49
CA THR C 137 -20.09 5.41 -24.76
C THR C 137 -20.60 4.37 -23.77
N PHE C 138 -21.73 4.68 -23.15
CA PHE C 138 -22.34 3.79 -22.19
C PHE C 138 -23.40 2.90 -22.85
N GLY C 139 -23.36 1.62 -22.53
CA GLY C 139 -24.42 0.70 -22.87
C GLY C 139 -25.37 0.54 -21.71
N PRO C 140 -26.12 -0.57 -21.68
CA PRO C 140 -27.04 -0.80 -20.58
C PRO C 140 -26.35 -1.45 -19.38
N VAL C 141 -27.06 -1.49 -18.25
CA VAL C 141 -26.54 -2.12 -17.05
C VAL C 141 -27.18 -3.48 -16.84
N LYS C 142 -26.36 -4.51 -16.77
CA LYS C 142 -26.83 -5.87 -16.52
C LYS C 142 -26.59 -6.26 -15.05
N PHE C 143 -27.60 -6.87 -14.45
CA PHE C 143 -27.52 -7.36 -13.07
C PHE C 143 -27.28 -8.86 -13.05
N TYR C 144 -26.17 -9.28 -12.46
CA TYR C 144 -25.90 -10.71 -12.25
C TYR C 144 -24.67 -10.92 -11.36
N ASN C 145 -24.52 -12.14 -10.86
CA ASN C 145 -23.40 -12.50 -9.98
C ASN C 145 -22.05 -12.19 -10.62
N GLN C 146 -21.46 -11.08 -10.20
CA GLN C 146 -20.23 -10.58 -10.81
C GLN C 146 -19.00 -11.17 -10.12
N VAL C 147 -18.47 -12.27 -10.68
CA VAL C 147 -17.27 -12.90 -10.14
C VAL C 147 -16.04 -12.11 -10.54
N LYS C 148 -15.13 -11.90 -9.61
CA LYS C 148 -13.93 -11.10 -9.85
C LYS C 148 -12.65 -11.85 -9.51
N VAL C 149 -11.68 -11.75 -10.42
CA VAL C 149 -10.39 -12.39 -10.24
C VAL C 149 -9.39 -11.37 -9.70
N ARG C 150 -8.84 -11.65 -8.53
CA ARG C 150 -7.79 -10.80 -7.99
C ARG C 150 -6.52 -11.06 -8.79
N LYS C 151 -6.07 -10.03 -9.52
CA LYS C 151 -4.99 -10.18 -10.48
C LYS C 151 -4.16 -8.91 -10.57
N ARG C 152 -2.87 -9.06 -10.86
CA ARG C 152 -2.00 -7.90 -11.08
C ARG C 152 -2.26 -7.34 -12.49
N VAL C 153 -2.46 -6.03 -12.59
CA VAL C 153 -2.78 -5.38 -13.85
C VAL C 153 -2.17 -3.98 -13.96
N ASP C 154 -2.16 -3.43 -15.16
CA ASP C 154 -1.59 -2.11 -15.39
C ASP C 154 -2.50 -0.99 -14.89
N ILE C 155 -1.87 0.07 -14.38
CA ILE C 155 -2.57 1.20 -13.77
C ILE C 155 -2.34 2.48 -14.55
N ASN C 156 -1.34 2.46 -15.44
CA ASN C 156 -0.88 3.64 -16.13
C ASN C 156 -1.13 3.57 -17.64
N PRO C 157 -2.39 3.71 -18.07
CA PRO C 157 -2.70 3.62 -19.50
C PRO C 157 -1.93 4.63 -20.34
N GLY C 158 -1.35 4.18 -21.44
CA GLY C 158 -0.52 5.02 -22.27
C GLY C 158 0.92 5.03 -21.79
N HIS C 159 1.26 4.04 -20.97
CA HIS C 159 2.65 3.89 -20.52
C HIS C 159 3.53 3.45 -21.69
N LYS C 160 4.36 4.36 -22.16
CA LYS C 160 5.36 4.00 -23.16
C LYS C 160 6.44 3.25 -22.42
N ASP C 161 6.40 1.92 -22.54
CA ASP C 161 7.13 1.04 -21.65
C ASP C 161 8.65 1.13 -21.79
N LEU C 162 9.30 1.53 -20.70
CA LEU C 162 10.75 1.49 -20.57
C LEU C 162 11.10 1.60 -19.09
N THR C 163 12.20 0.96 -18.70
CA THR C 163 12.50 0.80 -17.28
C THR C 163 12.79 2.14 -16.62
N SER C 164 12.80 2.14 -15.30
CA SER C 164 12.94 3.36 -14.50
C SER C 164 14.11 4.24 -14.94
N ARG C 165 15.31 3.69 -14.93
CA ARG C 165 16.50 4.43 -15.31
C ARG C 165 16.42 4.88 -16.75
N GLU C 166 15.81 4.05 -17.60
CA GLU C 166 15.63 4.40 -19.00
C GLU C 166 14.73 5.62 -19.12
N ALA C 167 13.77 5.75 -18.21
CA ALA C 167 12.89 6.90 -18.18
C ALA C 167 13.61 8.11 -17.59
N GLN C 168 14.37 7.86 -16.53
CA GLN C 168 15.16 8.89 -15.89
C GLN C 168 16.09 9.58 -16.89
N GLU C 169 16.77 8.78 -17.70
CA GLU C 169 17.62 9.29 -18.79
C GLU C 169 16.85 10.24 -19.71
N VAL C 170 15.69 9.79 -20.17
CA VAL C 170 14.83 10.59 -21.03
C VAL C 170 14.37 11.89 -20.38
N ILE C 171 13.93 11.81 -19.13
CA ILE C 171 13.52 13.00 -18.37
C ILE C 171 14.66 14.00 -18.25
N MET C 172 15.79 13.52 -17.75
CA MET C 172 17.00 14.34 -17.65
C MET C 172 17.29 15.06 -18.97
N GLU C 173 17.26 14.32 -20.07
CA GLU C 173 17.49 14.89 -21.40
C GLU C 173 16.56 16.07 -21.71
N VAL C 174 15.28 15.91 -21.39
CA VAL C 174 14.27 16.89 -21.77
C VAL C 174 14.26 18.15 -20.90
N VAL C 175 14.31 17.98 -19.58
CA VAL C 175 14.20 19.12 -18.66
C VAL C 175 15.53 19.59 -18.11
N PHE C 176 16.56 18.74 -18.19
CA PHE C 176 17.86 19.05 -17.61
C PHE C 176 19.01 18.73 -18.58
N PRO C 177 18.89 19.21 -19.82
CA PRO C 177 19.76 18.78 -20.93
C PRO C 177 21.25 18.96 -20.65
N ASN C 178 21.63 20.12 -20.11
CA ASN C 178 23.02 20.43 -19.85
C ASN C 178 23.53 19.67 -18.63
N GLU C 179 22.68 19.57 -17.62
CA GLU C 179 23.04 18.94 -16.35
C GLU C 179 22.76 17.43 -16.40
N VAL C 180 22.66 16.88 -17.61
CA VAL C 180 22.49 15.44 -17.82
C VAL C 180 23.67 14.68 -17.22
N GLY C 181 23.43 13.42 -16.86
CA GLY C 181 24.49 12.57 -16.35
C GLY C 181 25.54 12.26 -17.40
N ALA C 182 25.61 10.99 -17.81
CA ALA C 182 26.66 10.54 -18.71
C ALA C 182 26.36 9.18 -19.31
N ARG C 183 25.11 8.95 -19.70
CA ARG C 183 24.69 7.66 -20.25
C ARG C 183 24.21 7.77 -21.70
N THR C 184 24.13 6.63 -22.36
CA THR C 184 23.73 6.57 -23.76
C THR C 184 22.21 6.48 -23.91
N LEU C 185 21.71 7.02 -25.03
CA LEU C 185 20.30 6.88 -25.38
C LEU C 185 20.13 5.62 -26.23
N SER C 186 19.62 4.58 -25.59
CA SER C 186 19.55 3.23 -26.17
C SER C 186 19.13 3.18 -27.63
N SER C 187 17.94 3.67 -27.93
CA SER C 187 17.39 3.56 -29.28
C SER C 187 16.33 4.60 -29.58
N ASP C 188 15.73 4.49 -30.76
CA ASP C 188 14.61 5.33 -31.17
C ASP C 188 13.51 5.35 -30.12
N ALA C 189 13.43 4.27 -29.34
CA ALA C 189 12.52 4.19 -28.20
C ALA C 189 12.66 5.43 -27.32
N GLN C 190 13.86 5.66 -26.82
CA GLN C 190 14.12 6.84 -26.00
C GLN C 190 14.20 8.10 -26.83
N LEU C 191 14.91 8.03 -27.95
CA LEU C 191 15.16 9.21 -28.79
C LEU C 191 13.88 9.89 -29.26
N THR C 192 12.95 9.11 -29.81
CA THR C 192 11.72 9.68 -30.35
C THR C 192 10.89 10.30 -29.22
N ILE C 193 10.82 9.61 -28.09
CA ILE C 193 10.13 10.13 -26.92
C ILE C 193 10.75 11.46 -26.52
N THR C 194 12.07 11.49 -26.43
CA THR C 194 12.78 12.69 -26.01
C THR C 194 12.51 13.87 -26.94
N LYS C 195 12.65 13.63 -28.25
CA LYS C 195 12.46 14.69 -29.23
C LYS C 195 11.00 15.13 -29.30
N GLU C 196 10.08 14.17 -29.23
CA GLU C 196 8.65 14.48 -29.28
C GLU C 196 8.22 15.26 -28.04
N LYS C 197 8.68 14.81 -26.88
CA LYS C 197 8.30 15.45 -25.62
C LYS C 197 8.99 16.82 -25.52
N LYS C 198 10.20 16.91 -26.06
CA LYS C 198 10.90 18.19 -26.11
C LYS C 198 10.19 19.14 -27.04
N GLU C 199 9.63 18.60 -28.12
CA GLU C 199 8.87 19.39 -29.08
C GLU C 199 7.56 19.86 -28.47
N GLU C 200 6.84 18.92 -27.83
CA GLU C 200 5.56 19.23 -27.21
C GLU C 200 5.66 20.24 -26.07
N LEU C 201 6.68 20.07 -25.22
CA LEU C 201 6.85 20.91 -24.04
C LEU C 201 7.68 22.16 -24.33
N LYS C 202 7.77 22.53 -25.60
CA LYS C 202 8.55 23.69 -26.02
C LYS C 202 8.14 24.96 -25.29
N ASN C 203 8.98 25.40 -24.36
CA ASN C 203 8.77 26.64 -23.62
C ASN C 203 7.38 26.74 -22.99
N CYS C 204 7.09 25.82 -22.08
CA CYS C 204 5.89 25.90 -21.25
C CYS C 204 6.28 26.46 -19.90
N LYS C 205 5.70 27.60 -19.53
CA LYS C 205 6.06 28.27 -18.29
C LYS C 205 5.52 27.49 -17.09
N ILE C 206 6.37 26.64 -16.54
CA ILE C 206 5.99 25.78 -15.43
C ILE C 206 7.23 25.24 -14.74
N SER C 207 7.11 24.90 -13.46
CA SER C 207 8.24 24.38 -12.71
C SER C 207 8.77 23.09 -13.33
N PRO C 208 10.08 23.01 -13.60
CA PRO C 208 10.68 21.77 -14.11
C PRO C 208 10.41 20.55 -13.25
N ILE C 209 10.34 20.75 -11.94
CA ILE C 209 10.09 19.66 -11.00
C ILE C 209 8.76 18.98 -11.30
N MET C 210 7.76 19.78 -11.64
CA MET C 210 6.46 19.25 -12.01
C MET C 210 6.57 18.47 -13.33
N VAL C 211 7.27 19.04 -14.30
CA VAL C 211 7.46 18.37 -15.59
C VAL C 211 8.15 17.02 -15.42
N ALA C 212 9.22 17.00 -14.62
CA ALA C 212 9.92 15.76 -14.34
C ALA C 212 9.01 14.77 -13.64
N TYR C 213 8.23 15.27 -12.68
CA TYR C 213 7.33 14.43 -11.90
C TYR C 213 6.24 13.83 -12.78
N MET C 214 5.63 14.64 -13.62
CA MET C 214 4.58 14.15 -14.51
C MET C 214 5.14 13.13 -15.50
N LEU C 215 6.33 13.42 -16.02
CA LEU C 215 6.98 12.50 -16.95
C LEU C 215 7.28 11.18 -16.25
N GLU C 216 7.72 11.27 -15.01
CA GLU C 216 8.03 10.07 -14.24
C GLU C 216 6.78 9.22 -14.06
N ARG C 217 5.67 9.83 -13.65
CA ARG C 217 4.42 9.12 -13.47
C ARG C 217 3.89 8.60 -14.81
N GLU C 218 4.24 9.31 -15.89
CA GLU C 218 3.69 9.04 -17.20
C GLU C 218 4.38 7.89 -17.95
N LEU C 219 5.71 7.83 -17.88
CA LEU C 219 6.47 6.93 -18.73
C LEU C 219 6.62 5.51 -18.19
N VAL C 220 6.97 5.38 -16.92
CA VAL C 220 7.22 4.06 -16.35
C VAL C 220 5.93 3.32 -16.04
N ARG C 221 5.95 2.01 -16.23
CA ARG C 221 4.80 1.18 -15.90
C ARG C 221 4.52 1.19 -14.40
N ARG C 222 3.26 1.02 -14.05
CA ARG C 222 2.86 0.76 -12.68
C ARG C 222 1.74 -0.27 -12.69
N THR C 223 1.90 -1.31 -11.87
CA THR C 223 0.90 -2.36 -11.75
C THR C 223 0.27 -2.36 -10.37
N ARG C 224 -0.79 -3.15 -10.20
CA ARG C 224 -1.46 -3.30 -8.91
C ARG C 224 -2.30 -4.56 -8.91
N PHE C 225 -2.41 -5.20 -7.74
CA PHE C 225 -3.34 -6.31 -7.58
C PHE C 225 -4.74 -5.77 -7.32
N LEU C 226 -5.67 -6.12 -8.21
CA LEU C 226 -7.05 -5.65 -8.13
C LEU C 226 -8.04 -6.78 -8.45
N PRO C 227 -9.24 -6.73 -7.85
CA PRO C 227 -10.31 -7.66 -8.24
C PRO C 227 -11.00 -7.17 -9.50
N ILE C 228 -10.92 -7.95 -10.58
CA ILE C 228 -11.43 -7.54 -11.87
C ILE C 228 -12.33 -8.58 -12.51
N ALA C 229 -13.46 -8.11 -13.04
CA ALA C 229 -14.35 -8.93 -13.84
C ALA C 229 -14.34 -8.39 -15.26
N GLY C 230 -13.99 -9.25 -16.21
CA GLY C 230 -14.03 -8.91 -17.62
C GLY C 230 -12.74 -8.32 -18.14
N ALA C 231 -12.85 -7.33 -19.02
CA ALA C 231 -11.72 -6.72 -19.70
C ALA C 231 -10.65 -6.26 -18.71
N THR C 232 -9.40 -6.61 -18.99
CA THR C 232 -8.27 -6.31 -18.10
C THR C 232 -7.31 -5.27 -18.67
N SER C 233 -7.61 -4.76 -19.86
CA SER C 233 -6.81 -3.73 -20.49
C SER C 233 -6.75 -2.48 -19.59
N SER C 234 -5.65 -1.75 -19.71
CA SER C 234 -5.42 -0.58 -18.85
C SER C 234 -6.58 0.42 -18.86
N THR C 235 -7.06 0.78 -20.04
CA THR C 235 -8.15 1.77 -20.16
C THR C 235 -9.45 1.31 -19.52
N TYR C 236 -9.58 -0.01 -19.33
CA TYR C 236 -10.73 -0.56 -18.65
C TYR C 236 -10.48 -0.64 -17.14
N VAL C 237 -9.25 -0.97 -16.76
CA VAL C 237 -8.84 -0.95 -15.37
C VAL C 237 -9.08 0.44 -14.79
N GLU C 238 -8.82 1.45 -15.61
CA GLU C 238 -8.97 2.85 -15.23
C GLU C 238 -10.37 3.19 -14.70
N VAL C 239 -11.37 2.42 -15.12
CA VAL C 239 -12.76 2.72 -14.79
C VAL C 239 -13.50 1.52 -14.20
N LEU C 240 -12.79 0.67 -13.47
CA LEU C 240 -13.42 -0.43 -12.74
C LEU C 240 -14.58 0.04 -11.87
N HIS C 241 -14.35 1.12 -11.12
CA HIS C 241 -15.33 1.61 -10.17
C HIS C 241 -16.64 1.99 -10.87
N LEU C 242 -16.53 2.35 -12.14
CA LEU C 242 -17.68 2.77 -12.92
C LEU C 242 -18.35 1.60 -13.65
N THR C 243 -17.56 0.61 -14.03
CA THR C 243 -18.02 -0.46 -14.92
C THR C 243 -18.46 -1.74 -14.21
N GLN C 244 -18.01 -1.94 -12.97
CA GLN C 244 -18.39 -3.15 -12.24
C GLN C 244 -18.72 -2.89 -10.78
N GLY C 245 -19.62 -3.71 -10.27
CA GLY C 245 -20.03 -3.65 -8.88
C GLY C 245 -20.23 -5.05 -8.37
N THR C 246 -20.84 -5.17 -7.20
CA THR C 246 -21.02 -6.47 -6.58
C THR C 246 -21.98 -7.34 -7.41
N CYS C 247 -23.04 -6.73 -7.91
CA CYS C 247 -24.10 -7.45 -8.61
C CYS C 247 -24.38 -6.91 -10.01
N TRP C 248 -23.58 -5.96 -10.47
CA TRP C 248 -23.89 -5.29 -11.73
C TRP C 248 -22.69 -5.02 -12.63
N GLU C 249 -22.97 -4.96 -13.93
CA GLU C 249 -22.00 -4.57 -14.93
C GLU C 249 -22.53 -3.38 -15.71
N GLN C 250 -21.76 -2.31 -15.78
CA GLN C 250 -22.11 -1.15 -16.58
C GLN C 250 -21.32 -1.19 -17.88
N GLN C 251 -21.94 -1.73 -18.93
CA GLN C 251 -21.30 -1.81 -20.24
C GLN C 251 -20.83 -0.43 -20.68
N TYR C 252 -19.56 -0.34 -21.03
CA TYR C 252 -18.91 0.92 -21.32
C TYR C 252 -17.72 0.69 -22.23
N THR C 253 -17.60 1.55 -23.22
CA THR C 253 -16.44 1.55 -24.09
C THR C 253 -15.79 2.91 -23.98
N PRO C 254 -14.51 2.95 -23.56
CA PRO C 254 -13.82 4.25 -23.44
C PRO C 254 -13.36 4.78 -24.79
N GLY C 255 -13.30 6.10 -24.92
CA GLY C 255 -12.82 6.73 -26.13
C GLY C 255 -11.45 6.22 -26.51
N GLY C 256 -11.10 6.38 -27.79
CA GLY C 256 -9.83 5.90 -28.30
C GLY C 256 -9.97 4.50 -28.87
N GLU C 257 -9.00 4.10 -29.69
CA GLU C 257 -9.08 2.82 -30.38
C GLU C 257 -8.33 1.74 -29.61
N ALA C 258 -8.72 0.50 -29.82
CA ALA C 258 -8.13 -0.63 -29.11
C ALA C 258 -6.72 -0.92 -29.63
N GLU C 259 -6.00 -1.76 -28.90
CA GLU C 259 -4.63 -2.09 -29.22
C GLU C 259 -4.57 -3.45 -29.92
N ASN C 260 -3.75 -3.55 -30.96
CA ASN C 260 -3.63 -4.78 -31.74
C ASN C 260 -3.37 -6.00 -30.86
N ASP C 261 -2.44 -5.86 -29.92
CA ASP C 261 -2.10 -6.95 -29.01
C ASP C 261 -3.32 -7.39 -28.20
N ASP C 262 -4.08 -6.41 -27.72
CA ASP C 262 -5.28 -6.70 -26.94
C ASP C 262 -6.33 -7.34 -27.81
N LEU C 263 -6.55 -6.77 -29.00
CA LEU C 263 -7.51 -7.30 -29.95
C LEU C 263 -7.18 -8.74 -30.32
N ASP C 264 -5.93 -8.99 -30.68
CA ASP C 264 -5.49 -10.34 -31.04
C ASP C 264 -5.69 -11.30 -29.88
N GLN C 265 -5.39 -10.84 -28.67
CA GLN C 265 -5.47 -11.67 -27.48
C GLN C 265 -6.90 -12.09 -27.19
N THR C 266 -7.83 -11.14 -27.25
CA THR C 266 -9.21 -11.41 -26.91
C THR C 266 -9.91 -12.19 -28.03
N LEU C 267 -9.45 -11.98 -29.26
CA LEU C 267 -9.97 -12.71 -30.41
C LEU C 267 -9.77 -14.22 -30.24
N ILE C 268 -8.58 -14.61 -29.80
CA ILE C 268 -8.28 -16.00 -29.51
C ILE C 268 -9.18 -16.57 -28.42
N ILE C 269 -9.43 -15.78 -27.39
CA ILE C 269 -10.27 -16.21 -26.28
C ILE C 269 -11.71 -16.42 -26.71
N ALA C 270 -12.22 -15.49 -27.52
CA ALA C 270 -13.59 -15.60 -28.05
C ALA C 270 -13.74 -16.84 -28.93
N SER C 271 -12.86 -16.96 -29.91
CA SER C 271 -12.90 -18.08 -30.85
C SER C 271 -12.84 -19.42 -30.13
N ARG C 272 -11.95 -19.51 -29.15
CA ARG C 272 -11.80 -20.72 -28.35
C ARG C 272 -13.12 -21.07 -27.66
N ASN C 273 -13.75 -20.08 -27.05
CA ASN C 273 -15.02 -20.30 -26.37
C ASN C 273 -16.10 -20.73 -27.34
N ILE C 274 -16.19 -20.02 -28.47
CA ILE C 274 -17.13 -20.37 -29.51
C ILE C 274 -16.93 -21.82 -29.96
N VAL C 275 -15.68 -22.19 -30.25
CA VAL C 275 -15.37 -23.56 -30.64
C VAL C 275 -15.79 -24.57 -29.59
N ARG C 276 -15.34 -24.37 -28.36
CA ARG C 276 -15.61 -25.31 -27.28
C ARG C 276 -17.10 -25.44 -27.02
N ARG C 277 -17.85 -24.37 -27.25
CA ARG C 277 -19.31 -24.40 -27.12
C ARG C 277 -19.93 -25.19 -28.28
N SER C 278 -19.55 -24.83 -29.50
CA SER C 278 -20.05 -25.46 -30.71
C SER C 278 -19.87 -26.97 -30.71
N ILE C 279 -18.72 -27.42 -30.24
CA ILE C 279 -18.41 -28.85 -30.13
C ILE C 279 -19.53 -29.62 -29.44
N VAL C 280 -20.04 -29.04 -28.35
CA VAL C 280 -21.02 -29.70 -27.50
C VAL C 280 -22.41 -29.76 -28.15
N ALA C 281 -22.69 -28.81 -29.03
CA ALA C 281 -24.00 -28.72 -29.66
C ALA C 281 -24.18 -29.77 -30.75
N ILE C 282 -25.43 -29.96 -31.17
CA ILE C 282 -25.73 -30.74 -32.37
C ILE C 282 -25.61 -29.79 -33.56
N ASP C 283 -24.96 -30.27 -34.62
CA ASP C 283 -24.56 -29.41 -35.73
C ASP C 283 -23.65 -28.28 -35.22
N PRO C 284 -22.46 -28.63 -34.71
CA PRO C 284 -21.47 -27.65 -34.25
C PRO C 284 -21.17 -26.55 -35.26
N LEU C 285 -21.09 -26.91 -36.54
CA LEU C 285 -20.80 -25.94 -37.59
C LEU C 285 -21.90 -24.88 -37.67
N ALA C 286 -23.14 -25.32 -37.51
CA ALA C 286 -24.28 -24.40 -37.54
C ALA C 286 -24.28 -23.53 -36.30
N SER C 287 -23.95 -24.14 -35.17
CA SER C 287 -23.89 -23.41 -33.90
C SER C 287 -22.78 -22.38 -33.93
N LEU C 288 -21.67 -22.73 -34.55
CA LEU C 288 -20.49 -21.86 -34.60
C LEU C 288 -20.75 -20.61 -35.43
N LEU C 289 -21.22 -20.80 -36.66
CA LEU C 289 -21.49 -19.69 -37.56
C LEU C 289 -22.47 -18.71 -36.95
N SER C 290 -23.46 -19.23 -36.23
CA SER C 290 -24.41 -18.38 -35.55
C SER C 290 -23.71 -17.49 -34.54
N MET C 291 -22.93 -18.11 -33.66
CA MET C 291 -22.20 -17.37 -32.62
C MET C 291 -21.24 -16.35 -33.23
N CYS C 292 -20.60 -16.71 -34.34
CA CYS C 292 -19.69 -15.79 -35.02
C CYS C 292 -20.43 -14.55 -35.52
N HIS C 293 -21.62 -14.75 -36.06
CA HIS C 293 -22.40 -13.64 -36.59
C HIS C 293 -23.03 -12.79 -35.47
N THR C 294 -23.29 -13.41 -34.32
CA THR C 294 -23.89 -12.68 -33.20
C THR C 294 -22.85 -12.02 -32.29
N THR C 295 -21.70 -12.65 -32.14
CA THR C 295 -20.68 -12.18 -31.20
C THR C 295 -20.04 -10.88 -31.64
N SER C 296 -19.61 -10.08 -30.67
CA SER C 296 -18.92 -8.82 -30.93
C SER C 296 -17.81 -8.60 -29.89
N ILE C 297 -16.65 -8.12 -30.35
CA ILE C 297 -15.55 -7.80 -29.46
C ILE C 297 -15.37 -6.29 -29.40
N SER C 298 -15.45 -5.74 -28.18
CA SER C 298 -15.33 -4.31 -27.95
C SER C 298 -16.31 -3.53 -28.83
N SER C 299 -17.51 -4.09 -28.99
CA SER C 299 -18.54 -3.48 -29.84
C SER C 299 -18.07 -3.39 -31.29
N GLU C 300 -17.44 -4.46 -31.78
CA GLU C 300 -17.11 -4.60 -33.19
C GLU C 300 -17.41 -6.03 -33.64
N PRO C 301 -18.04 -6.20 -34.81
CA PRO C 301 -18.37 -7.55 -35.30
C PRO C 301 -17.17 -8.50 -35.36
N LEU C 302 -17.29 -9.63 -34.68
CA LEU C 302 -16.25 -10.66 -34.68
C LEU C 302 -15.91 -11.08 -36.11
N VAL C 303 -16.92 -11.07 -36.97
CA VAL C 303 -16.72 -11.45 -38.37
C VAL C 303 -15.81 -10.46 -39.09
N GLU C 304 -16.12 -9.16 -38.99
CA GLU C 304 -15.33 -8.16 -39.69
C GLU C 304 -13.92 -8.09 -39.09
N ILE C 305 -13.76 -8.53 -37.85
CA ILE C 305 -12.44 -8.67 -37.26
C ILE C 305 -11.69 -9.81 -37.94
N LEU C 306 -12.31 -10.98 -37.99
CA LEU C 306 -11.71 -12.16 -38.61
C LEU C 306 -11.38 -11.94 -40.09
N ARG C 307 -12.19 -11.11 -40.75
CA ARG C 307 -11.97 -10.77 -42.16
C ARG C 307 -10.65 -10.01 -42.35
N SER C 308 -10.26 -9.25 -41.32
CA SER C 308 -9.13 -8.33 -41.41
C SER C 308 -7.97 -8.67 -40.47
N ASN C 309 -8.12 -9.74 -39.69
CA ASN C 309 -7.13 -10.07 -38.67
C ASN C 309 -6.19 -11.19 -39.10
N PRO C 310 -4.87 -10.97 -38.99
CA PRO C 310 -3.90 -11.98 -39.45
C PRO C 310 -3.56 -13.07 -38.44
N THR C 311 -4.23 -13.10 -37.29
CA THR C 311 -3.90 -14.04 -36.22
C THR C 311 -3.91 -15.49 -36.71
N ASP C 312 -2.88 -16.25 -36.34
CA ASP C 312 -2.80 -17.67 -36.63
C ASP C 312 -2.96 -18.46 -35.33
N GLU C 313 -4.15 -19.02 -35.14
CA GLU C 313 -4.47 -19.79 -33.95
C GLU C 313 -5.54 -20.82 -34.34
N GLN C 314 -5.50 -21.99 -33.70
CA GLN C 314 -6.33 -23.11 -34.13
C GLN C 314 -7.82 -22.80 -34.07
N ALA C 315 -8.29 -22.22 -32.97
CA ALA C 315 -9.71 -21.88 -32.87
C ALA C 315 -10.08 -20.79 -33.88
N VAL C 316 -9.25 -19.77 -33.98
CA VAL C 316 -9.47 -18.68 -34.93
C VAL C 316 -9.52 -19.21 -36.36
N ASN C 317 -8.60 -20.11 -36.69
CA ASN C 317 -8.53 -20.69 -38.03
C ASN C 317 -9.75 -21.55 -38.34
N ILE C 318 -10.26 -22.24 -37.33
CA ILE C 318 -11.50 -23.00 -37.48
C ILE C 318 -12.65 -22.06 -37.80
N CYS C 319 -12.68 -20.91 -37.14
CA CYS C 319 -13.72 -19.91 -37.40
C CYS C 319 -13.56 -19.31 -38.79
N LYS C 320 -12.32 -19.01 -39.17
CA LYS C 320 -12.02 -18.46 -40.48
C LYS C 320 -12.40 -19.46 -41.59
N ALA C 321 -12.08 -20.73 -41.36
CA ALA C 321 -12.43 -21.78 -42.30
C ALA C 321 -13.94 -21.90 -42.44
N ALA C 322 -14.65 -21.84 -41.32
CA ALA C 322 -16.12 -21.93 -41.33
C ALA C 322 -16.73 -20.76 -42.07
N LEU C 323 -16.21 -19.56 -41.81
CA LEU C 323 -16.72 -18.33 -42.42
C LEU C 323 -16.22 -18.16 -43.86
N GLY C 324 -15.28 -19.00 -44.25
CA GLY C 324 -14.76 -18.98 -45.62
C GLY C 324 -13.56 -18.06 -45.79
N ILE C 325 -13.16 -17.38 -44.71
CA ILE C 325 -11.98 -16.53 -44.75
C ILE C 325 -10.73 -17.40 -44.79
N ARG C 326 -9.78 -17.03 -45.64
CA ARG C 326 -8.56 -17.81 -45.78
C ARG C 326 -7.72 -17.75 -44.51
N ILE C 327 -7.20 -18.91 -44.12
CA ILE C 327 -6.30 -19.02 -42.98
C ILE C 327 -4.93 -18.47 -43.34
N ASN C 328 -4.29 -17.79 -42.38
CA ASN C 328 -2.94 -17.28 -42.60
C ASN C 328 -1.91 -18.38 -42.39
N ASN C 329 -1.83 -19.30 -43.36
CA ASN C 329 -0.87 -20.38 -43.35
C ASN C 329 0.48 -19.98 -43.93
N SER C 330 0.48 -18.90 -44.70
CA SER C 330 1.65 -18.51 -45.48
C SER C 330 2.40 -17.33 -44.88
N PHE C 331 3.71 -17.32 -45.11
CA PHE C 331 4.55 -16.17 -44.81
C PHE C 331 5.82 -16.27 -45.66
N SER C 332 6.81 -15.42 -45.38
CA SER C 332 8.05 -15.43 -46.14
C SER C 332 9.23 -15.05 -45.27
N PHE C 333 10.37 -15.69 -45.51
CA PHE C 333 11.55 -15.53 -44.67
C PHE C 333 12.84 -15.80 -45.44
N GLY C 334 13.83 -14.92 -45.27
CA GLY C 334 15.12 -15.08 -45.93
C GLY C 334 15.03 -14.99 -47.45
N GLY C 335 13.94 -14.42 -47.94
CA GLY C 335 13.71 -14.29 -49.37
C GLY C 335 12.73 -15.32 -49.91
N TYR C 336 12.63 -16.45 -49.21
CA TYR C 336 11.77 -17.55 -49.67
C TYR C 336 10.37 -17.49 -49.06
N ASN C 337 9.40 -18.07 -49.76
CA ASN C 337 8.01 -18.13 -49.31
C ASN C 337 7.65 -19.46 -48.67
N PHE C 338 7.25 -19.40 -47.39
CA PHE C 338 6.86 -20.59 -46.63
C PHE C 338 5.34 -20.76 -46.54
N LYS C 339 4.86 -21.94 -46.92
CA LYS C 339 3.43 -22.27 -46.77
C LYS C 339 3.27 -23.55 -45.95
N ARG C 340 2.63 -23.42 -44.80
CA ARG C 340 2.45 -24.54 -43.86
C ARG C 340 1.28 -25.43 -44.29
N VAL C 341 1.57 -26.71 -44.52
CA VAL C 341 0.57 -27.64 -45.03
C VAL C 341 -0.01 -28.52 -43.93
N LYS C 342 0.73 -28.68 -42.84
CA LYS C 342 0.17 -29.30 -41.66
C LYS C 342 0.98 -28.96 -40.42
N GLY C 343 0.28 -28.94 -39.27
CA GLY C 343 0.87 -28.53 -38.01
C GLY C 343 0.24 -27.25 -37.52
N SER C 344 0.86 -26.62 -36.53
CA SER C 344 0.40 -25.34 -36.00
C SER C 344 1.53 -24.62 -35.30
N SER C 345 1.49 -23.29 -35.33
CA SER C 345 2.55 -22.47 -34.76
C SER C 345 2.39 -22.31 -33.25
N GLN C 346 2.97 -23.24 -32.49
CA GLN C 346 3.02 -23.17 -31.05
C GLN C 346 4.29 -22.45 -30.60
N ARG C 347 4.19 -21.15 -30.35
CA ARG C 347 5.36 -20.32 -30.09
C ARG C 347 5.65 -20.16 -28.59
N THR C 348 6.93 -20.01 -28.25
CA THR C 348 7.37 -19.85 -26.88
C THR C 348 8.53 -18.86 -26.80
N GLU C 349 8.34 -17.80 -26.02
CA GLU C 349 9.40 -16.81 -25.81
C GLU C 349 10.50 -17.40 -24.93
N LYS C 350 11.74 -17.29 -25.37
CA LYS C 350 12.89 -17.80 -24.62
C LYS C 350 14.16 -17.00 -24.88
N ALA C 351 15.15 -17.22 -24.02
CA ALA C 351 16.48 -16.67 -24.21
C ALA C 351 17.46 -17.82 -24.39
N VAL C 352 18.38 -17.66 -25.35
CA VAL C 352 19.32 -18.74 -25.69
C VAL C 352 20.70 -18.18 -25.99
N LEU C 353 21.73 -19.00 -25.78
CA LEU C 353 23.12 -18.61 -25.96
C LEU C 353 23.69 -19.05 -27.30
N THR C 354 24.39 -18.13 -27.97
CA THR C 354 25.10 -18.44 -29.20
C THR C 354 26.41 -19.15 -28.87
N GLY C 355 27.18 -19.48 -29.91
CA GLY C 355 28.48 -20.10 -29.70
C GLY C 355 29.46 -19.13 -29.07
N ASN C 356 29.21 -17.84 -29.27
CA ASN C 356 30.01 -16.79 -28.64
C ASN C 356 29.43 -16.42 -27.27
N LEU C 357 28.50 -17.25 -26.79
CA LEU C 357 27.85 -17.06 -25.49
C LEU C 357 27.12 -15.72 -25.42
N GLN C 358 26.61 -15.25 -26.55
CA GLN C 358 25.74 -14.08 -26.58
C GLN C 358 24.29 -14.52 -26.42
N THR C 359 23.53 -13.77 -25.61
CA THR C 359 22.16 -14.13 -25.32
C THR C 359 21.18 -13.47 -26.28
N LEU C 360 20.44 -14.29 -27.03
CA LEU C 360 19.40 -13.80 -27.94
C LEU C 360 18.03 -14.15 -27.37
N THR C 361 17.03 -13.35 -27.74
CA THR C 361 15.66 -13.55 -27.27
C THR C 361 14.77 -14.07 -28.40
N MET C 362 14.50 -15.37 -28.38
CA MET C 362 13.82 -16.04 -29.48
C MET C 362 12.34 -16.25 -29.23
N THR C 363 11.58 -16.35 -30.33
CA THR C 363 10.21 -16.85 -30.28
C THR C 363 10.20 -18.28 -30.83
N ILE C 364 10.80 -19.20 -30.09
CA ILE C 364 10.97 -20.58 -30.54
C ILE C 364 9.64 -21.29 -30.72
N PHE C 365 9.53 -22.08 -31.79
CA PHE C 365 8.30 -22.78 -32.14
C PHE C 365 8.38 -24.25 -31.75
N GLU C 366 7.25 -24.80 -31.31
CA GLU C 366 7.18 -26.19 -30.88
C GLU C 366 6.23 -26.96 -31.79
N GLY C 367 6.37 -28.28 -31.78
CA GLY C 367 5.46 -29.16 -32.47
C GLY C 367 5.88 -29.51 -33.89
N TYR C 368 5.35 -30.62 -34.38
CA TYR C 368 5.59 -31.06 -35.74
C TYR C 368 4.93 -30.12 -36.73
N GLU C 369 5.73 -29.62 -37.66
CA GLU C 369 5.25 -28.72 -38.71
C GLU C 369 5.78 -29.16 -40.07
N GLU C 370 4.99 -28.89 -41.10
CA GLU C 370 5.34 -29.27 -42.47
C GLU C 370 5.14 -28.06 -43.39
N PHE C 371 6.19 -27.70 -44.13
CA PHE C 371 6.16 -26.53 -45.01
C PHE C 371 6.48 -26.86 -46.48
N ASN C 372 5.75 -26.22 -47.39
CA ASN C 372 6.17 -26.11 -48.78
C ASN C 372 6.91 -24.79 -48.97
N VAL C 373 8.24 -24.86 -49.10
CA VAL C 373 9.07 -23.66 -49.20
C VAL C 373 9.49 -23.46 -50.66
N SER C 374 9.26 -22.26 -51.17
CA SER C 374 9.58 -21.95 -52.55
C SER C 374 10.00 -20.50 -52.70
N GLY C 375 11.01 -20.29 -53.53
CA GLY C 375 11.49 -18.96 -53.81
C GLY C 375 12.44 -18.94 -55.00
N LYS C 376 13.03 -17.77 -55.22
CA LYS C 376 14.13 -17.57 -56.18
C LYS C 376 14.19 -18.58 -57.34
N ARG C 377 15.17 -19.49 -57.29
CA ARG C 377 15.29 -20.55 -58.27
C ARG C 377 15.41 -21.88 -57.54
N ALA C 378 14.83 -21.94 -56.34
CA ALA C 378 14.93 -23.13 -55.50
C ALA C 378 13.66 -23.36 -54.70
N SER C 379 13.31 -24.62 -54.49
CA SER C 379 12.14 -24.97 -53.72
C SER C 379 12.46 -26.15 -52.80
N ALA C 380 11.69 -26.30 -51.72
CA ALA C 380 11.93 -27.38 -50.79
C ALA C 380 10.69 -27.77 -50.01
N VAL C 381 10.61 -29.04 -49.65
CA VAL C 381 9.66 -29.50 -48.66
C VAL C 381 10.38 -29.63 -47.31
N LEU C 382 9.81 -29.01 -46.28
CA LEU C 382 10.42 -28.97 -44.96
C LEU C 382 9.54 -29.64 -43.91
N LYS C 383 10.14 -30.57 -43.17
CA LYS C 383 9.53 -31.16 -41.98
C LYS C 383 10.29 -30.73 -40.74
N LYS C 384 9.60 -30.06 -39.83
CA LYS C 384 10.24 -29.42 -38.68
C LYS C 384 9.65 -29.86 -37.34
N GLY C 385 10.52 -30.05 -36.36
CA GLY C 385 10.11 -30.29 -34.99
C GLY C 385 10.59 -29.13 -34.14
N ALA C 386 10.33 -29.19 -32.84
CA ALA C 386 10.78 -28.17 -31.90
C ALA C 386 12.30 -28.07 -31.93
N GLN C 387 12.81 -27.01 -32.55
CA GLN C 387 14.25 -26.82 -32.73
C GLN C 387 14.88 -28.04 -33.40
N ARG C 388 14.21 -28.57 -34.43
CA ARG C 388 14.67 -29.79 -35.10
C ARG C 388 14.34 -29.78 -36.59
N LEU C 389 15.34 -30.14 -37.41
CA LEU C 389 15.12 -30.36 -38.83
C LEU C 389 14.96 -31.86 -39.06
N ILE C 390 13.72 -32.30 -39.14
CA ILE C 390 13.41 -33.70 -39.33
C ILE C 390 13.79 -34.13 -40.75
N GLN C 391 13.32 -33.36 -41.73
CA GLN C 391 13.69 -33.60 -43.12
C GLN C 391 13.52 -32.37 -43.99
N ALA C 392 14.43 -32.22 -44.95
CA ALA C 392 14.36 -31.16 -45.94
C ALA C 392 14.75 -31.73 -47.29
N ILE C 393 13.77 -31.83 -48.18
CA ILE C 393 14.00 -32.25 -49.56
C ILE C 393 14.04 -31.02 -50.46
N ILE C 394 15.24 -30.70 -50.97
CA ILE C 394 15.47 -29.45 -51.69
C ILE C 394 15.79 -29.68 -53.16
N GLY C 395 15.27 -28.78 -54.00
CA GLY C 395 15.55 -28.79 -55.43
C GLY C 395 15.71 -27.38 -55.94
N GLY C 396 16.48 -27.22 -57.01
CA GLY C 396 16.74 -25.90 -57.56
C GLY C 396 17.41 -25.94 -58.90
N ARG C 397 17.50 -24.77 -59.54
CA ARG C 397 18.07 -24.64 -60.87
C ARG C 397 19.60 -24.58 -60.83
N THR C 398 20.16 -24.46 -59.62
CA THR C 398 21.61 -24.40 -59.47
C THR C 398 21.99 -24.87 -58.06
N LEU C 399 23.14 -25.52 -57.95
CA LEU C 399 23.62 -26.01 -56.67
C LEU C 399 23.76 -24.86 -55.67
N GLU C 400 24.20 -23.71 -56.15
CA GLU C 400 24.22 -22.49 -55.35
C GLU C 400 22.84 -22.16 -54.82
N ASP C 401 21.86 -22.10 -55.70
CA ASP C 401 20.48 -21.76 -55.32
C ASP C 401 19.94 -22.76 -54.32
N ILE C 402 20.31 -24.02 -54.49
CA ILE C 402 19.93 -25.06 -53.56
C ILE C 402 20.56 -24.81 -52.20
N LEU C 403 21.88 -24.61 -52.21
CA LEU C 403 22.64 -24.37 -50.99
C LEU C 403 22.17 -23.14 -50.24
N ASN C 404 21.74 -22.11 -50.97
CA ASN C 404 21.21 -20.90 -50.35
C ASN C 404 19.95 -21.22 -49.54
N LEU C 405 19.07 -22.00 -50.15
CA LEU C 405 17.84 -22.43 -49.49
C LEU C 405 18.14 -23.37 -48.33
N MET C 406 19.14 -24.23 -48.50
CA MET C 406 19.53 -25.14 -47.45
C MET C 406 19.94 -24.36 -46.21
N ILE C 407 20.79 -23.36 -46.40
CA ILE C 407 21.21 -22.48 -45.32
C ILE C 407 20.00 -21.81 -44.68
N THR C 408 19.16 -21.21 -45.52
CA THR C 408 17.93 -20.56 -45.06
C THR C 408 17.09 -21.47 -44.18
N LEU C 409 17.00 -22.74 -44.57
CA LEU C 409 16.22 -23.72 -43.80
C LEU C 409 16.95 -24.14 -42.53
N MET C 410 18.24 -24.41 -42.65
CA MET C 410 19.05 -24.81 -41.50
C MET C 410 18.99 -23.74 -40.40
N VAL C 411 18.78 -22.49 -40.81
CA VAL C 411 18.56 -21.40 -39.87
C VAL C 411 17.17 -21.52 -39.25
N PHE C 412 16.17 -21.60 -40.13
CA PHE C 412 14.77 -21.69 -39.77
C PHE C 412 14.49 -22.84 -38.79
N SER C 413 15.37 -23.84 -38.78
CA SER C 413 15.20 -24.99 -37.91
C SER C 413 15.30 -24.62 -36.43
N GLN C 414 16.11 -23.62 -36.12
CA GLN C 414 16.38 -23.20 -34.75
C GLN C 414 17.02 -24.31 -33.93
N GLU C 415 17.82 -25.17 -34.58
CA GLU C 415 18.47 -26.27 -33.87
C GLU C 415 19.53 -25.73 -32.90
N GLU C 416 19.92 -26.56 -31.94
CA GLU C 416 21.01 -26.20 -31.04
C GLU C 416 22.31 -26.09 -31.80
N LYS C 417 22.54 -27.08 -32.67
CA LYS C 417 23.71 -27.12 -33.54
C LYS C 417 24.04 -25.77 -34.16
N MET C 418 23.05 -25.16 -34.80
CA MET C 418 23.27 -23.93 -35.55
C MET C 418 23.63 -22.80 -34.60
N LEU C 419 23.05 -22.80 -33.41
CA LEU C 419 23.31 -21.77 -32.41
C LEU C 419 24.68 -21.97 -31.79
N LYS C 420 24.95 -23.20 -31.37
CA LYS C 420 26.28 -23.59 -30.90
C LYS C 420 27.36 -23.16 -31.88
N ALA C 421 27.01 -23.16 -33.17
CA ALA C 421 27.97 -22.92 -34.24
C ALA C 421 28.28 -21.44 -34.44
N VAL C 422 27.45 -20.57 -33.90
CA VAL C 422 27.62 -19.13 -34.10
C VAL C 422 28.87 -18.60 -33.38
N ARG C 423 29.94 -18.37 -34.12
CA ARG C 423 31.15 -17.75 -33.55
C ARG C 423 31.05 -16.23 -33.66
N GLY C 424 31.54 -15.53 -32.65
CA GLY C 424 31.52 -14.07 -32.65
C GLY C 424 30.14 -13.48 -32.36
N ASP C 425 30.10 -12.18 -32.14
CA ASP C 425 28.85 -11.48 -31.86
C ASP C 425 28.10 -11.10 -33.13
N LEU C 426 26.78 -10.96 -33.00
CA LEU C 426 25.92 -10.60 -34.13
C LEU C 426 25.38 -9.18 -33.97
N ASN C 427 25.80 -8.28 -34.86
CA ASN C 427 25.39 -6.88 -34.81
C ASN C 427 25.06 -6.34 -36.20
N PHE C 428 24.23 -7.07 -36.94
CA PHE C 428 23.78 -6.60 -38.25
C PHE C 428 22.66 -5.57 -38.07
N VAL C 429 22.56 -4.63 -38.99
CA VAL C 429 21.59 -3.54 -38.89
C VAL C 429 20.98 -3.21 -40.25
N ASN C 430 19.66 -3.29 -40.35
CA ASN C 430 18.96 -3.05 -41.60
C ASN C 430 19.06 -1.59 -42.05
N ARG C 431 18.98 -1.42 -43.37
CA ARG C 431 19.06 -0.12 -44.06
C ARG C 431 18.76 1.12 -43.22
N ALA C 432 17.55 1.20 -42.67
CA ALA C 432 17.15 2.37 -41.89
C ALA C 432 17.68 2.31 -40.46
N ASN C 433 18.95 1.91 -40.33
CA ASN C 433 19.61 1.74 -39.04
C ASN C 433 18.77 0.93 -38.05
N GLN C 434 17.96 0.02 -38.58
CA GLN C 434 17.12 -0.85 -37.79
C GLN C 434 17.85 -2.16 -37.47
N ARG C 435 17.83 -2.57 -36.20
CA ARG C 435 18.44 -3.83 -35.82
C ARG C 435 17.47 -4.98 -36.09
N LEU C 436 17.86 -5.86 -37.00
CA LEU C 436 17.01 -6.98 -37.40
C LEU C 436 16.77 -7.95 -36.24
N ASN C 437 15.68 -8.70 -36.32
CA ASN C 437 15.36 -9.69 -35.31
C ASN C 437 16.37 -10.84 -35.37
N PRO C 438 16.51 -11.59 -34.27
CA PRO C 438 17.49 -12.69 -34.19
C PRO C 438 17.44 -13.69 -35.33
N MET C 439 16.24 -13.95 -35.86
CA MET C 439 16.08 -14.89 -36.96
C MET C 439 16.80 -14.40 -38.22
N TYR C 440 16.69 -13.11 -38.49
CA TYR C 440 17.38 -12.53 -39.63
C TYR C 440 18.85 -12.28 -39.31
N GLN C 441 19.13 -11.93 -38.05
CA GLN C 441 20.51 -11.77 -37.60
C GLN C 441 21.31 -13.04 -37.86
N LEU C 442 20.80 -14.17 -37.38
CA LEU C 442 21.41 -15.47 -37.59
C LEU C 442 21.55 -15.80 -39.07
N LEU C 443 20.60 -15.33 -39.87
CA LEU C 443 20.62 -15.59 -41.31
C LEU C 443 21.76 -14.83 -41.97
N ARG C 444 21.70 -13.51 -41.91
CA ARG C 444 22.70 -12.66 -42.57
C ARG C 444 24.10 -12.96 -42.05
N HIS C 445 24.18 -13.61 -40.89
CA HIS C 445 25.46 -14.10 -40.40
C HIS C 445 25.95 -15.26 -41.23
N PHE C 446 25.24 -16.37 -41.15
CA PHE C 446 25.65 -17.59 -41.82
C PHE C 446 25.69 -17.43 -43.33
N GLN C 447 24.82 -16.56 -43.86
CA GLN C 447 24.83 -16.28 -45.29
C GLN C 447 26.20 -15.71 -45.73
N LYS C 448 26.86 -15.02 -44.81
CA LYS C 448 28.19 -14.48 -45.06
C LYS C 448 29.28 -15.45 -44.64
N ASP C 449 28.99 -16.32 -43.67
CA ASP C 449 29.93 -17.34 -43.26
C ASP C 449 29.24 -18.58 -42.68
N SER C 450 29.02 -19.57 -43.54
CA SER C 450 28.40 -20.82 -43.15
C SER C 450 29.43 -21.92 -42.98
N SER C 451 30.68 -21.51 -42.71
CA SER C 451 31.79 -22.44 -42.67
C SER C 451 31.69 -23.43 -41.52
N THR C 452 31.54 -22.91 -40.30
CA THR C 452 31.52 -23.77 -39.11
C THR C 452 30.20 -24.52 -39.01
N LEU C 453 29.13 -23.85 -39.43
CA LEU C 453 27.79 -24.42 -39.41
C LEU C 453 27.71 -25.80 -40.06
N LEU C 454 28.37 -25.95 -41.20
CA LEU C 454 28.37 -27.21 -41.92
C LEU C 454 29.27 -28.25 -41.27
N LYS C 455 30.35 -27.78 -40.64
CA LYS C 455 31.27 -28.67 -39.92
C LYS C 455 30.60 -29.23 -38.67
N ASN C 456 29.69 -28.44 -38.09
CA ASN C 456 29.05 -28.83 -36.84
C ASN C 456 27.69 -29.50 -37.04
N TRP C 457 27.12 -29.38 -38.24
CA TRP C 457 25.77 -29.87 -38.49
C TRP C 457 25.67 -31.40 -38.41
N GLY C 458 26.64 -32.09 -39.00
CA GLY C 458 26.70 -33.54 -38.93
C GLY C 458 26.19 -34.25 -40.17
N THR C 459 26.40 -35.56 -40.22
CA THR C 459 26.17 -36.33 -41.43
C THR C 459 25.58 -37.72 -41.14
N GLU C 460 24.60 -38.12 -41.94
CA GLU C 460 24.06 -39.47 -41.89
C GLU C 460 24.56 -40.29 -43.07
N GLU C 461 24.59 -41.61 -42.89
CA GLU C 461 24.61 -42.51 -44.02
C GLU C 461 23.16 -42.82 -44.36
N ILE C 462 22.83 -42.83 -45.65
CA ILE C 462 21.45 -43.06 -46.08
C ILE C 462 21.40 -44.05 -47.24
N ASP C 463 20.23 -44.62 -47.47
CA ASP C 463 20.07 -45.66 -48.48
C ASP C 463 19.85 -45.03 -49.86
N PRO C 464 20.51 -45.57 -50.90
CA PRO C 464 20.39 -44.96 -52.22
C PRO C 464 19.00 -45.10 -52.82
N ILE C 465 18.45 -43.98 -53.30
CA ILE C 465 17.14 -43.96 -53.94
C ILE C 465 17.24 -43.13 -55.20
N MET C 466 16.70 -43.65 -56.31
CA MET C 466 16.78 -42.96 -57.58
C MET C 466 16.11 -41.59 -57.47
N GLY C 467 16.78 -40.56 -57.95
CA GLY C 467 16.25 -39.21 -57.94
C GLY C 467 16.54 -38.48 -56.65
N ILE C 468 17.09 -39.18 -55.67
CA ILE C 468 17.49 -38.58 -54.41
C ILE C 468 19.00 -38.65 -54.23
N ALA C 469 19.58 -37.55 -53.77
CA ALA C 469 21.01 -37.50 -53.49
C ALA C 469 21.25 -36.71 -52.22
N GLY C 470 22.41 -36.96 -51.63
CA GLY C 470 22.82 -36.29 -50.42
C GLY C 470 23.85 -35.23 -50.72
N ILE C 471 24.06 -34.32 -49.77
CA ILE C 471 25.05 -33.28 -49.92
C ILE C 471 25.96 -33.20 -48.70
N MET C 472 27.27 -33.15 -48.97
CA MET C 472 28.29 -33.17 -47.93
C MET C 472 28.68 -31.75 -47.57
N PRO C 473 29.30 -31.56 -46.39
CA PRO C 473 29.63 -30.21 -45.91
C PRO C 473 30.64 -29.47 -46.80
N ASP C 474 31.40 -30.18 -47.62
CA ASP C 474 32.37 -29.55 -48.51
C ASP C 474 31.73 -29.14 -49.84
N GLY C 475 30.41 -29.26 -49.93
CA GLY C 475 29.68 -28.87 -51.13
C GLY C 475 29.48 -30.01 -52.11
N THR C 476 30.15 -31.14 -51.86
CA THR C 476 30.07 -32.29 -52.75
C THR C 476 28.72 -32.99 -52.65
N ILE C 477 28.37 -33.73 -53.72
CA ILE C 477 27.15 -34.53 -53.74
C ILE C 477 27.53 -36.00 -53.58
N ASN C 478 26.79 -36.68 -52.69
CA ASN C 478 27.05 -38.07 -52.35
C ASN C 478 25.76 -38.86 -52.37
N LYS C 479 25.82 -40.06 -52.97
CA LYS C 479 24.63 -40.87 -53.12
C LYS C 479 24.12 -41.41 -51.79
N THR C 480 25.04 -41.82 -50.92
CA THR C 480 24.70 -42.58 -49.71
C THR C 480 25.11 -41.88 -48.42
N GLN C 481 25.65 -40.67 -48.52
CA GLN C 481 25.99 -39.86 -47.36
C GLN C 481 25.33 -38.50 -47.52
N THR C 482 25.05 -37.82 -46.42
CA THR C 482 24.38 -36.54 -46.48
C THR C 482 24.35 -35.81 -45.14
N LEU C 483 24.31 -34.48 -45.20
CA LEU C 483 24.12 -33.66 -44.01
C LEU C 483 22.83 -34.07 -43.29
N MET C 484 22.85 -34.00 -41.97
CA MET C 484 21.72 -34.38 -41.12
C MET C 484 20.38 -33.80 -41.61
N GLY C 485 19.51 -34.68 -42.09
CA GLY C 485 18.14 -34.30 -42.44
C GLY C 485 17.95 -33.78 -43.85
N VAL C 486 19.05 -33.48 -44.54
CA VAL C 486 18.99 -32.83 -45.85
C VAL C 486 18.99 -33.85 -46.99
N ARG C 487 18.03 -33.71 -47.90
CA ARG C 487 17.99 -34.48 -49.13
C ARG C 487 17.89 -33.55 -50.34
N LEU C 488 18.62 -33.86 -51.41
CA LEU C 488 18.53 -33.09 -52.64
C LEU C 488 17.78 -33.89 -53.70
N SER C 489 16.82 -33.26 -54.36
CA SER C 489 16.06 -33.93 -55.40
C SER C 489 15.30 -32.94 -56.28
N GLN C 490 15.38 -33.15 -57.60
CA GLN C 490 14.68 -32.30 -58.55
C GLN C 490 13.20 -32.69 -58.67
N ASN C 499 2.16 -26.01 -55.48
CA ASN C 499 2.60 -24.62 -55.33
C ASN C 499 1.43 -23.65 -55.34
N GLU C 500 0.22 -24.18 -55.17
CA GLU C 500 -1.01 -23.40 -55.27
C GLU C 500 -1.64 -23.15 -53.90
N ARG C 501 -2.62 -22.26 -53.86
CA ARG C 501 -3.40 -22.03 -52.65
C ARG C 501 -4.36 -23.19 -52.42
N ILE C 502 -4.12 -23.94 -51.35
CA ILE C 502 -4.84 -25.17 -51.09
C ILE C 502 -6.30 -24.93 -50.70
N ARG C 503 -7.19 -25.66 -51.38
CA ARG C 503 -8.62 -25.59 -51.08
C ARG C 503 -8.92 -26.38 -49.81
N VAL C 504 -9.34 -25.68 -48.76
CA VAL C 504 -9.60 -26.30 -47.47
C VAL C 504 -11.11 -26.46 -47.28
N ASN C 505 -11.50 -27.55 -46.61
CA ASN C 505 -12.91 -27.80 -46.30
C ASN C 505 -13.11 -28.09 -44.82
N ILE C 506 -14.34 -27.88 -44.36
CA ILE C 506 -14.70 -28.10 -42.96
C ILE C 506 -16.10 -28.73 -42.88
N ASP C 507 -16.23 -29.76 -42.05
CA ASP C 507 -17.49 -30.50 -41.97
C ASP C 507 -18.37 -30.06 -40.80
N LYS C 508 -19.50 -30.73 -40.66
CA LYS C 508 -20.48 -30.48 -39.61
C LYS C 508 -19.83 -30.37 -38.23
N TYR C 509 -18.91 -31.29 -37.93
CA TYR C 509 -18.32 -31.38 -36.60
C TYR C 509 -17.00 -30.62 -36.50
N LEU C 510 -16.83 -29.63 -37.39
CA LEU C 510 -15.74 -28.66 -37.32
C LEU C 510 -14.33 -29.25 -37.55
N ARG C 511 -14.26 -30.43 -38.17
CA ARG C 511 -12.96 -30.96 -38.59
C ARG C 511 -12.50 -30.27 -39.87
N VAL C 512 -11.32 -29.67 -39.85
CA VAL C 512 -10.77 -28.98 -41.01
C VAL C 512 -9.87 -29.90 -41.83
N ARG C 513 -10.31 -30.21 -43.05
CA ARG C 513 -9.60 -31.12 -43.94
C ARG C 513 -9.10 -30.39 -45.17
N ASN C 514 -8.03 -30.91 -45.80
CA ASN C 514 -7.59 -30.39 -47.09
C ASN C 514 -8.34 -31.11 -48.21
N GLU C 515 -8.06 -30.72 -49.45
CA GLU C 515 -8.75 -31.28 -50.60
C GLU C 515 -8.38 -32.75 -50.81
N LYS C 516 -7.26 -33.18 -50.23
CA LYS C 516 -6.84 -34.56 -50.30
C LYS C 516 -7.47 -35.39 -49.17
N GLY C 517 -8.35 -34.76 -48.40
CA GLY C 517 -9.10 -35.45 -47.35
C GLY C 517 -8.29 -35.73 -46.10
N GLU C 518 -7.27 -34.92 -45.86
CA GLU C 518 -6.40 -35.10 -44.70
C GLU C 518 -6.66 -34.06 -43.63
N LEU C 519 -6.54 -34.46 -42.38
CA LEU C 519 -6.89 -33.62 -41.24
C LEU C 519 -5.84 -32.54 -40.98
N LEU C 520 -6.28 -31.27 -40.95
CA LEU C 520 -5.41 -30.14 -40.68
C LEU C 520 -5.62 -29.62 -39.27
N ILE C 521 -6.88 -29.46 -38.89
CA ILE C 521 -7.23 -28.95 -37.56
C ILE C 521 -8.38 -29.74 -36.96
N SER C 522 -8.21 -30.21 -35.73
CA SER C 522 -9.27 -30.88 -34.99
C SER C 522 -9.72 -30.01 -33.82
N PRO C 523 -11.04 -29.80 -33.66
CA PRO C 523 -11.53 -28.97 -32.55
C PRO C 523 -11.09 -29.48 -31.18
N GLU C 524 -10.81 -30.78 -31.09
CA GLU C 524 -10.34 -31.38 -29.84
C GLU C 524 -8.91 -30.95 -29.53
N GLU C 525 -8.16 -30.60 -30.56
CA GLU C 525 -6.76 -30.18 -30.39
C GLU C 525 -6.65 -28.73 -29.92
N VAL C 526 -7.76 -28.01 -29.99
CA VAL C 526 -7.79 -26.61 -29.55
C VAL C 526 -7.48 -26.52 -28.06
N SER C 527 -6.54 -25.66 -27.72
CA SER C 527 -6.04 -25.56 -26.35
C SER C 527 -7.14 -25.20 -25.36
N GLU C 528 -7.34 -26.07 -24.38
CA GLU C 528 -8.28 -25.79 -23.29
C GLU C 528 -7.63 -24.83 -22.31
N ALA C 529 -7.54 -23.56 -22.71
CA ALA C 529 -6.93 -22.52 -21.88
C ALA C 529 -7.91 -21.37 -21.68
N GLN C 530 -8.26 -21.12 -20.42
CA GLN C 530 -9.26 -20.13 -20.07
C GLN C 530 -8.62 -18.84 -19.54
N GLY C 531 -7.85 -18.18 -20.40
CA GLY C 531 -7.25 -16.90 -20.06
C GLY C 531 -8.32 -15.81 -19.99
N GLN C 532 -8.03 -14.76 -19.25
CA GLN C 532 -8.99 -13.67 -19.05
C GLN C 532 -8.81 -12.58 -20.10
N GLU C 533 -9.90 -12.22 -20.75
CA GLU C 533 -9.85 -11.31 -21.90
C GLU C 533 -9.29 -9.94 -21.55
N LYS C 534 -8.69 -9.29 -22.56
CA LYS C 534 -8.15 -7.95 -22.44
C LYS C 534 -9.22 -6.91 -22.75
N LEU C 535 -9.98 -7.16 -23.81
CA LEU C 535 -11.08 -6.29 -24.20
C LEU C 535 -12.41 -7.02 -24.03
N PRO C 536 -13.50 -6.27 -23.81
CA PRO C 536 -14.76 -6.94 -23.50
C PRO C 536 -15.33 -7.75 -24.67
N ILE C 537 -15.76 -8.97 -24.38
CA ILE C 537 -16.40 -9.84 -25.36
C ILE C 537 -17.91 -9.92 -25.09
N ASN C 538 -18.70 -9.67 -26.13
CA ASN C 538 -20.15 -9.69 -26.01
C ASN C 538 -20.79 -10.68 -26.99
N TYR C 539 -21.24 -11.81 -26.47
CA TYR C 539 -22.01 -12.78 -27.26
C TYR C 539 -23.49 -12.41 -27.21
N ASN C 540 -24.12 -12.31 -28.38
CA ASN C 540 -25.57 -12.15 -28.47
C ASN C 540 -26.20 -13.46 -28.90
N SER C 541 -25.90 -14.51 -28.16
CA SER C 541 -26.31 -15.86 -28.55
C SER C 541 -27.15 -16.52 -27.49
N SER C 542 -28.18 -17.23 -27.95
CA SER C 542 -29.00 -18.03 -27.06
C SER C 542 -28.21 -19.23 -26.54
N LEU C 543 -27.26 -19.69 -27.34
CA LEU C 543 -26.42 -20.81 -26.98
C LEU C 543 -25.47 -20.46 -25.83
N MET C 544 -25.18 -19.17 -25.69
CA MET C 544 -24.28 -18.69 -24.65
C MET C 544 -25.07 -18.08 -23.50
N TRP C 545 -24.55 -18.20 -22.28
CA TRP C 545 -25.13 -17.50 -21.14
C TRP C 545 -24.84 -16.02 -21.28
N GLU C 546 -25.51 -15.21 -20.46
CA GLU C 546 -25.38 -13.77 -20.57
C GLU C 546 -23.99 -13.30 -20.16
N VAL C 547 -23.33 -14.09 -19.33
CA VAL C 547 -22.06 -13.72 -18.72
C VAL C 547 -20.92 -14.59 -19.25
N ASN C 548 -19.71 -14.04 -19.23
CA ASN C 548 -18.53 -14.78 -19.66
C ASN C 548 -17.91 -15.55 -18.50
N GLY C 549 -17.08 -16.54 -18.85
CA GLY C 549 -16.31 -17.29 -17.87
C GLY C 549 -17.04 -18.52 -17.35
N PRO C 550 -16.29 -19.49 -16.81
CA PRO C 550 -16.86 -20.75 -16.32
C PRO C 550 -17.63 -20.60 -15.01
N GLU C 551 -17.20 -19.70 -14.13
CA GLU C 551 -17.93 -19.44 -12.89
C GLU C 551 -19.37 -19.07 -13.22
N SER C 552 -19.52 -18.20 -14.20
CA SER C 552 -20.83 -17.82 -14.71
C SER C 552 -21.66 -19.02 -15.15
N ILE C 553 -21.04 -19.92 -15.93
CA ILE C 553 -21.71 -21.12 -16.41
C ILE C 553 -22.23 -21.98 -15.26
N LEU C 554 -21.43 -22.14 -14.22
CA LEU C 554 -21.85 -22.85 -13.03
C LEU C 554 -23.06 -22.17 -12.39
N THR C 555 -22.85 -20.94 -11.94
CA THR C 555 -23.87 -20.22 -11.18
C THR C 555 -25.19 -20.16 -11.92
N ASN C 556 -25.15 -19.76 -13.19
CA ASN C 556 -26.36 -19.66 -13.99
C ASN C 556 -27.00 -21.03 -14.24
N THR C 557 -26.18 -22.05 -14.46
CA THR C 557 -26.70 -23.39 -14.66
C THR C 557 -27.47 -23.87 -13.42
N TYR C 558 -26.88 -23.65 -12.25
CA TYR C 558 -27.51 -24.03 -10.99
C TYR C 558 -28.63 -23.07 -10.63
N HIS C 559 -28.57 -21.86 -11.17
CA HIS C 559 -29.62 -20.87 -10.94
C HIS C 559 -30.88 -21.25 -11.70
N TRP C 560 -30.71 -21.54 -12.98
CA TRP C 560 -31.80 -21.98 -13.86
C TRP C 560 -32.56 -23.17 -13.28
N ILE C 561 -31.82 -24.12 -12.72
CA ILE C 561 -32.41 -25.31 -12.12
C ILE C 561 -33.32 -24.96 -10.95
N ILE C 562 -32.88 -24.05 -10.09
CA ILE C 562 -33.64 -23.67 -8.91
C ILE C 562 -34.85 -22.81 -9.26
N LYS C 563 -34.67 -21.90 -10.22
CA LYS C 563 -35.78 -21.04 -10.66
C LYS C 563 -36.89 -21.91 -11.26
N ASN C 564 -36.49 -22.96 -11.97
CA ASN C 564 -37.43 -23.85 -12.66
C ASN C 564 -37.48 -25.22 -12.01
N TRP C 565 -37.28 -25.29 -10.69
CA TRP C 565 -37.13 -26.58 -10.02
C TRP C 565 -38.34 -27.49 -10.18
N GLU C 566 -39.50 -27.00 -9.76
CA GLU C 566 -40.70 -27.83 -9.74
C GLU C 566 -41.04 -28.36 -11.13
N LEU C 567 -40.85 -27.52 -12.14
CA LEU C 567 -41.11 -27.92 -13.52
C LEU C 567 -40.20 -29.07 -13.93
N LEU C 568 -38.99 -29.09 -13.38
CA LEU C 568 -38.01 -30.11 -13.75
C LEU C 568 -38.11 -31.35 -12.86
N LYS C 569 -38.67 -31.18 -11.66
CA LYS C 569 -38.81 -32.31 -10.74
C LYS C 569 -39.80 -33.34 -11.27
N THR C 570 -40.89 -32.85 -11.84
CA THR C 570 -41.86 -33.74 -12.46
C THR C 570 -41.25 -34.35 -13.72
N GLN C 571 -40.50 -33.55 -14.45
CA GLN C 571 -39.82 -34.00 -15.65
C GLN C 571 -38.81 -35.09 -15.30
N TRP C 572 -38.26 -35.01 -14.09
CA TRP C 572 -37.33 -36.02 -13.59
C TRP C 572 -38.04 -37.35 -13.39
N MET C 573 -39.32 -37.29 -13.08
CA MET C 573 -40.14 -38.49 -12.90
C MET C 573 -40.63 -39.01 -14.25
N THR C 574 -41.39 -38.18 -14.96
CA THR C 574 -41.95 -38.54 -16.25
C THR C 574 -41.09 -38.05 -17.40
N ASP C 575 -40.48 -39.00 -18.12
CA ASP C 575 -39.66 -38.68 -19.29
C ASP C 575 -38.40 -37.90 -18.91
N PRO C 576 -37.49 -38.57 -18.18
CA PRO C 576 -36.21 -37.97 -17.77
C PRO C 576 -35.19 -37.90 -18.90
N THR C 577 -35.30 -38.81 -19.87
CA THR C 577 -34.41 -38.79 -21.03
C THR C 577 -34.51 -37.47 -21.80
N VAL C 578 -35.67 -36.83 -21.71
CA VAL C 578 -35.85 -35.50 -22.29
C VAL C 578 -35.19 -34.44 -21.40
N LEU C 579 -35.39 -34.58 -20.10
CA LEU C 579 -34.79 -33.66 -19.13
C LEU C 579 -33.29 -33.59 -19.29
N TYR C 580 -32.67 -34.74 -19.56
CA TYR C 580 -31.22 -34.83 -19.66
C TYR C 580 -30.69 -34.15 -20.93
N ASN C 581 -31.54 -34.06 -21.95
CA ASN C 581 -31.14 -33.48 -23.23
C ASN C 581 -31.53 -32.00 -23.35
N ARG C 582 -31.85 -31.37 -22.23
CA ARG C 582 -32.11 -29.94 -22.19
C ARG C 582 -30.87 -29.16 -22.62
N ILE C 583 -31.00 -28.31 -23.64
CA ILE C 583 -29.84 -27.60 -24.17
C ILE C 583 -29.38 -26.48 -23.25
N GLU C 584 -30.03 -26.35 -22.09
CA GLU C 584 -29.56 -25.44 -21.06
C GLU C 584 -28.38 -26.02 -20.30
N PHE C 585 -28.14 -27.32 -20.46
CA PHE C 585 -27.05 -28.01 -19.79
C PHE C 585 -25.78 -28.07 -20.64
N GLU C 586 -25.88 -27.59 -21.88
CA GLU C 586 -24.76 -27.72 -22.82
C GLU C 586 -23.53 -26.90 -22.45
N PRO C 587 -23.70 -25.61 -22.10
CA PRO C 587 -22.51 -24.84 -21.72
C PRO C 587 -21.81 -25.38 -20.48
N PHE C 588 -22.55 -26.07 -19.61
CA PHE C 588 -21.96 -26.71 -18.43
C PHE C 588 -21.00 -27.82 -18.84
N GLN C 589 -21.34 -28.54 -19.90
CA GLN C 589 -20.54 -29.66 -20.36
C GLN C 589 -19.13 -29.25 -20.79
N THR C 590 -18.98 -28.02 -21.28
CA THR C 590 -17.66 -27.54 -21.69
C THR C 590 -16.67 -27.54 -20.52
N LEU C 591 -17.20 -27.46 -19.30
CA LEU C 591 -16.37 -27.46 -18.10
C LEU C 591 -15.88 -28.86 -17.76
N ILE C 592 -16.48 -29.88 -18.38
CA ILE C 592 -16.11 -31.27 -18.13
C ILE C 592 -15.13 -31.74 -19.20
N PRO C 593 -14.09 -32.50 -18.81
CA PRO C 593 -13.19 -33.03 -19.84
C PRO C 593 -13.88 -33.96 -20.83
N LYS C 594 -13.48 -33.92 -22.09
CA LYS C 594 -14.08 -34.72 -23.16
C LYS C 594 -14.36 -36.16 -22.75
N GLY C 595 -13.36 -36.82 -22.17
CA GLY C 595 -13.42 -38.25 -21.94
C GLY C 595 -14.04 -38.66 -20.62
N ASN C 596 -14.77 -37.74 -19.99
CA ASN C 596 -15.41 -38.02 -18.71
C ASN C 596 -16.92 -37.85 -18.77
N ARG C 597 -17.41 -37.08 -19.75
CA ARG C 597 -18.82 -36.76 -19.85
C ARG C 597 -19.71 -37.99 -19.93
N ALA C 598 -19.31 -38.96 -20.75
CA ALA C 598 -20.09 -40.18 -20.93
C ALA C 598 -20.20 -40.97 -19.62
N ILE C 599 -19.08 -41.26 -19.00
CA ILE C 599 -19.08 -42.08 -17.79
C ILE C 599 -19.67 -41.29 -16.62
N TYR C 600 -19.48 -39.98 -16.63
CA TYR C 600 -20.10 -39.13 -15.62
C TYR C 600 -21.63 -39.20 -15.74
N SER C 601 -22.14 -38.98 -16.95
CA SER C 601 -23.57 -38.96 -17.18
C SER C 601 -24.17 -40.34 -16.96
N GLY C 602 -23.43 -41.38 -17.33
CA GLY C 602 -23.85 -42.74 -17.10
C GLY C 602 -23.93 -43.03 -15.62
N PHE C 603 -22.87 -42.67 -14.90
CA PHE C 603 -22.80 -42.82 -13.46
C PHE C 603 -23.92 -42.04 -12.79
N THR C 604 -24.22 -40.87 -13.33
CA THR C 604 -25.25 -40.00 -12.75
C THR C 604 -26.64 -40.55 -13.03
N ARG C 605 -26.89 -40.88 -14.29
CA ARG C 605 -28.21 -41.37 -14.71
C ARG C 605 -28.60 -42.63 -13.95
N THR C 606 -27.62 -43.49 -13.71
CA THR C 606 -27.86 -44.72 -12.95
C THR C 606 -28.13 -44.40 -11.48
N LEU C 607 -27.44 -43.40 -10.95
CA LEU C 607 -27.65 -42.99 -9.56
C LEU C 607 -29.05 -42.41 -9.40
N PHE C 608 -29.52 -41.70 -10.42
CA PHE C 608 -30.88 -41.19 -10.41
C PHE C 608 -31.88 -42.34 -10.48
N GLN C 609 -31.61 -43.30 -11.36
CA GLN C 609 -32.48 -44.45 -11.52
C GLN C 609 -32.61 -45.24 -10.22
N GLN C 610 -31.50 -45.36 -9.50
CA GLN C 610 -31.48 -46.02 -8.20
C GLN C 610 -32.40 -45.32 -7.21
N MET C 611 -32.46 -43.99 -7.30
CA MET C 611 -33.31 -43.22 -6.41
C MET C 611 -34.78 -43.48 -6.71
N ARG C 612 -35.07 -43.77 -7.98
CA ARG C 612 -36.44 -44.06 -8.39
C ARG C 612 -36.80 -45.51 -8.06
N ASP C 613 -35.91 -46.44 -8.41
CA ASP C 613 -36.12 -47.85 -8.12
C ASP C 613 -36.32 -48.06 -6.62
N VAL C 614 -35.42 -47.48 -5.83
CA VAL C 614 -35.50 -47.59 -4.38
C VAL C 614 -36.42 -46.50 -3.81
N GLU C 615 -37.68 -46.86 -3.63
CA GLU C 615 -38.67 -45.91 -3.14
C GLU C 615 -38.39 -45.52 -1.70
N GLY C 616 -38.89 -44.35 -1.30
CA GLY C 616 -38.66 -43.82 0.03
C GLY C 616 -37.48 -42.87 0.05
N THR C 617 -36.39 -43.28 -0.60
CA THR C 617 -35.19 -42.46 -0.66
C THR C 617 -35.34 -41.37 -1.72
N PHE C 618 -35.07 -40.13 -1.33
CA PHE C 618 -35.17 -38.99 -2.24
C PHE C 618 -34.38 -37.81 -1.70
N ASP C 619 -33.49 -37.28 -2.55
CA ASP C 619 -32.61 -36.17 -2.19
C ASP C 619 -32.51 -35.20 -3.37
N SER C 620 -33.48 -34.32 -3.45
CA SER C 620 -33.57 -33.34 -4.51
C SER C 620 -32.35 -32.44 -4.65
N ILE C 621 -31.73 -32.12 -3.51
CA ILE C 621 -30.50 -31.36 -3.52
C ILE C 621 -29.42 -32.17 -4.25
N GLN C 622 -29.37 -33.46 -3.94
CA GLN C 622 -28.46 -34.36 -4.63
C GLN C 622 -28.80 -34.41 -6.12
N ILE C 623 -30.10 -34.32 -6.43
CA ILE C 623 -30.54 -34.31 -7.82
C ILE C 623 -30.11 -33.01 -8.49
N ILE C 624 -30.37 -31.89 -7.84
CA ILE C 624 -29.98 -30.58 -8.36
C ILE C 624 -28.48 -30.53 -8.61
N LYS C 625 -27.71 -30.95 -7.61
CA LYS C 625 -26.25 -30.95 -7.69
C LYS C 625 -25.72 -31.68 -8.92
N LEU C 626 -26.22 -32.89 -9.15
CA LEU C 626 -25.68 -33.78 -10.17
C LEU C 626 -26.37 -33.68 -11.52
N LEU C 627 -27.52 -33.03 -11.56
CA LEU C 627 -28.36 -33.02 -12.75
C LEU C 627 -27.62 -32.59 -14.02
N PRO C 628 -26.90 -31.46 -13.98
CA PRO C 628 -26.26 -31.00 -15.22
C PRO C 628 -25.16 -31.93 -15.74
N PHE C 629 -24.70 -32.86 -14.92
CA PHE C 629 -23.71 -33.83 -15.35
C PHE C 629 -24.34 -34.94 -16.20
N SER C 630 -25.66 -34.95 -16.26
CA SER C 630 -26.39 -36.00 -16.96
C SER C 630 -26.56 -35.72 -18.45
N ALA C 631 -26.14 -34.54 -18.89
CA ALA C 631 -26.41 -34.08 -20.25
C ALA C 631 -25.36 -34.56 -21.26
N HIS C 632 -25.29 -35.88 -21.43
CA HIS C 632 -24.37 -36.47 -22.42
C HIS C 632 -24.73 -37.93 -22.64
N PRO C 633 -24.57 -38.43 -23.88
CA PRO C 633 -24.78 -39.86 -24.14
C PRO C 633 -23.92 -40.74 -23.23
N PRO C 634 -24.55 -41.48 -22.31
CA PRO C 634 -23.78 -42.19 -21.28
C PRO C 634 -23.07 -43.45 -21.79
N SER C 635 -22.11 -43.93 -21.01
CA SER C 635 -21.40 -45.17 -21.30
C SER C 635 -21.85 -46.25 -20.33
N LEU C 636 -21.52 -47.50 -20.65
CA LEU C 636 -21.95 -48.64 -19.84
C LEU C 636 -20.87 -49.06 -18.85
N GLY C 637 -19.98 -48.14 -18.50
CA GLY C 637 -18.93 -48.44 -17.54
C GLY C 637 -19.51 -48.61 -16.14
N ARG C 638 -18.79 -49.34 -15.30
CA ARG C 638 -19.23 -49.57 -13.91
C ARG C 638 -18.16 -49.11 -12.92
N THR C 639 -17.61 -47.94 -13.17
CA THR C 639 -16.58 -47.37 -12.31
C THR C 639 -17.20 -46.43 -11.27
N GLN C 640 -16.60 -46.41 -10.08
CA GLN C 640 -17.09 -45.58 -8.97
C GLN C 640 -16.45 -44.20 -9.00
N PHE C 641 -17.18 -43.21 -8.49
CA PHE C 641 -16.68 -41.84 -8.43
C PHE C 641 -17.05 -41.19 -7.10
N SER C 642 -16.04 -40.64 -6.43
CA SER C 642 -16.26 -39.87 -5.21
C SER C 642 -16.45 -38.40 -5.55
N SER C 643 -16.00 -37.99 -6.74
CA SER C 643 -16.11 -36.61 -7.18
C SER C 643 -16.05 -36.50 -8.70
N PHE C 644 -16.72 -35.48 -9.23
CA PHE C 644 -16.59 -35.10 -10.63
C PHE C 644 -15.64 -33.92 -10.74
N THR C 645 -14.72 -33.99 -11.70
CA THR C 645 -13.78 -32.89 -11.92
C THR C 645 -14.33 -31.87 -12.92
N LEU C 646 -14.09 -30.59 -12.64
CA LEU C 646 -14.50 -29.51 -13.52
C LEU C 646 -13.33 -28.56 -13.76
N ASN C 647 -12.95 -28.39 -15.01
CA ASN C 647 -11.85 -27.50 -15.36
C ASN C 647 -12.31 -26.05 -15.37
N ILE C 648 -11.85 -25.29 -14.39
CA ILE C 648 -12.29 -23.91 -14.19
C ILE C 648 -11.09 -23.00 -13.91
N ARG C 649 -10.81 -22.09 -14.84
CA ARG C 649 -9.68 -21.17 -14.73
C ARG C 649 -8.37 -21.94 -14.51
N GLY C 650 -8.12 -22.91 -15.38
CA GLY C 650 -6.91 -23.71 -15.31
C GLY C 650 -7.00 -24.86 -14.32
N ALA C 651 -6.96 -24.54 -13.03
CA ALA C 651 -6.95 -25.56 -11.99
C ALA C 651 -8.27 -26.34 -11.96
N PRO C 652 -8.20 -27.68 -12.00
CA PRO C 652 -9.45 -28.47 -11.95
C PRO C 652 -10.03 -28.53 -10.54
N LEU C 653 -11.35 -28.33 -10.44
CA LEU C 653 -12.06 -28.40 -9.16
C LEU C 653 -12.81 -29.73 -9.08
N ARG C 654 -12.83 -30.31 -7.88
CA ARG C 654 -13.50 -31.59 -7.66
C ARG C 654 -14.79 -31.41 -6.88
N LEU C 655 -15.91 -31.55 -7.57
CA LEU C 655 -17.23 -31.50 -6.96
C LEU C 655 -17.58 -32.85 -6.34
N LEU C 656 -17.56 -32.91 -5.01
CA LEU C 656 -17.83 -34.16 -4.29
C LEU C 656 -19.26 -34.64 -4.53
N ILE C 657 -19.40 -35.93 -4.80
CA ILE C 657 -20.70 -36.53 -5.01
C ILE C 657 -21.52 -36.49 -3.72
N ARG C 658 -20.87 -36.81 -2.61
CA ARG C 658 -21.54 -36.84 -1.31
C ARG C 658 -21.26 -35.58 -0.47
N GLY C 659 -22.31 -34.87 -0.12
CA GLY C 659 -22.19 -33.71 0.74
C GLY C 659 -21.75 -32.45 0.03
N ASN C 660 -21.40 -31.44 0.80
CA ASN C 660 -21.00 -30.14 0.26
C ASN C 660 -19.60 -30.13 -0.32
N SER C 661 -19.32 -29.11 -1.13
CA SER C 661 -18.00 -28.92 -1.72
C SER C 661 -17.72 -27.44 -1.87
N GLN C 662 -16.56 -27.12 -2.46
CA GLN C 662 -16.22 -25.74 -2.77
C GLN C 662 -17.03 -25.28 -3.98
N VAL C 663 -17.45 -26.23 -4.80
CA VAL C 663 -18.21 -25.92 -6.00
C VAL C 663 -19.70 -25.83 -5.70
N PHE C 664 -20.22 -26.83 -4.99
CA PHE C 664 -21.63 -26.87 -4.62
C PHE C 664 -21.76 -26.96 -3.12
N ASN C 665 -22.31 -25.92 -2.52
CA ASN C 665 -22.43 -25.83 -1.07
C ASN C 665 -23.83 -25.40 -0.64
N TYR C 666 -24.63 -26.36 -0.19
CA TYR C 666 -25.95 -26.07 0.34
C TYR C 666 -25.87 -25.62 1.79
N ASN C 667 -26.21 -24.36 2.02
CA ASN C 667 -26.17 -23.78 3.35
C ASN C 667 -27.56 -23.67 3.95
N GLN C 668 -27.78 -24.38 5.06
CA GLN C 668 -29.10 -24.46 5.65
C GLN C 668 -29.41 -23.27 6.55
N MET C 669 -28.36 -22.65 7.10
CA MET C 669 -28.52 -21.46 7.92
C MET C 669 -29.12 -20.32 7.10
N GLU C 670 -28.69 -20.22 5.84
CA GLU C 670 -29.25 -19.24 4.90
C GLU C 670 -30.36 -19.84 4.05
N ASN C 671 -30.43 -21.18 4.04
CA ASN C 671 -31.23 -21.88 3.05
C ASN C 671 -30.89 -21.38 1.66
N VAL C 672 -29.63 -21.59 1.27
CA VAL C 672 -29.11 -21.09 0.00
C VAL C 672 -28.04 -22.03 -0.54
N ILE C 673 -28.07 -22.25 -1.84
CA ILE C 673 -27.00 -22.97 -2.51
C ILE C 673 -25.91 -21.97 -2.90
N ILE C 674 -24.68 -22.27 -2.50
CA ILE C 674 -23.54 -21.39 -2.74
C ILE C 674 -22.59 -22.04 -3.73
N VAL C 675 -22.44 -21.43 -4.90
CA VAL C 675 -21.56 -21.94 -5.93
C VAL C 675 -20.34 -21.04 -6.11
N LEU C 676 -19.16 -21.59 -5.84
CA LEU C 676 -17.92 -20.82 -5.83
C LEU C 676 -18.09 -19.51 -5.06
N GLY C 677 -18.65 -19.61 -3.86
CA GLY C 677 -18.77 -18.46 -2.98
C GLY C 677 -19.91 -17.52 -3.32
N LYS C 678 -20.70 -17.86 -4.34
CA LYS C 678 -21.81 -17.01 -4.79
C LYS C 678 -23.15 -17.71 -4.65
N SER C 679 -24.07 -17.05 -3.95
CA SER C 679 -25.42 -17.57 -3.79
C SER C 679 -26.15 -17.62 -5.13
N VAL C 680 -26.60 -18.83 -5.51
CA VAL C 680 -27.38 -18.99 -6.74
C VAL C 680 -28.87 -19.02 -6.42
N GLY C 681 -29.21 -18.91 -5.14
CA GLY C 681 -30.60 -18.80 -4.73
C GLY C 681 -31.01 -19.74 -3.62
N SER C 682 -32.19 -19.50 -3.07
CA SER C 682 -32.73 -20.32 -2.00
C SER C 682 -33.54 -21.49 -2.59
N PRO C 683 -33.17 -22.73 -2.26
CA PRO C 683 -33.98 -23.86 -2.73
C PRO C 683 -35.40 -23.83 -2.16
N GLU C 684 -36.26 -24.73 -2.63
CA GLU C 684 -37.70 -24.66 -2.37
C GLU C 684 -38.02 -24.39 -0.91
N ARG C 685 -38.95 -23.44 -0.71
CA ARG C 685 -39.27 -22.81 0.59
C ARG C 685 -38.68 -23.47 1.83
N SER C 686 -39.01 -24.73 2.04
CA SER C 686 -38.50 -25.47 3.18
C SER C 686 -38.55 -26.97 2.93
N ILE C 687 -39.48 -27.36 2.06
CA ILE C 687 -39.62 -28.73 1.54
C ILE C 687 -38.34 -29.56 1.56
N LEU C 688 -37.21 -28.91 1.29
CA LEU C 688 -35.94 -29.60 1.09
C LEU C 688 -35.14 -29.80 2.37
N THR C 689 -35.27 -28.87 3.32
CA THR C 689 -34.64 -29.05 4.62
C THR C 689 -35.31 -30.21 5.36
N GLU C 690 -36.57 -30.46 5.01
CA GLU C 690 -37.32 -31.57 5.59
C GLU C 690 -37.22 -32.81 4.71
N SER C 691 -36.02 -33.37 4.63
CA SER C 691 -35.77 -34.56 3.82
C SER C 691 -35.07 -35.65 4.64
N SER C 692 -35.77 -36.16 5.64
CA SER C 692 -35.26 -37.25 6.46
C SER C 692 -35.31 -38.54 5.66
N SER C 693 -34.14 -39.10 5.36
CA SER C 693 -34.07 -40.32 4.56
C SER C 693 -32.80 -41.12 4.83
N ILE C 694 -32.74 -42.30 4.20
CA ILE C 694 -31.53 -43.11 4.16
C ILE C 694 -30.97 -43.00 2.74
N GLU C 695 -29.66 -42.83 2.63
CA GLU C 695 -29.06 -42.34 1.38
C GLU C 695 -28.85 -43.37 0.29
N SER C 696 -29.51 -43.13 -0.84
CA SER C 696 -29.20 -43.80 -2.10
C SER C 696 -28.59 -42.77 -3.04
N ALA C 697 -28.40 -43.14 -4.30
CA ALA C 697 -27.91 -42.21 -5.31
C ALA C 697 -26.54 -41.59 -4.94
N VAL C 698 -25.63 -42.44 -4.47
CA VAL C 698 -24.26 -42.02 -4.17
C VAL C 698 -23.25 -43.02 -4.73
N LEU C 699 -23.63 -44.29 -4.71
CA LEU C 699 -22.78 -45.37 -5.22
C LEU C 699 -23.52 -46.21 -6.24
N ARG C 700 -22.77 -46.87 -7.11
CA ARG C 700 -23.34 -47.68 -8.18
C ARG C 700 -23.67 -49.09 -7.69
N GLY C 701 -24.95 -49.36 -7.48
CA GLY C 701 -25.40 -50.66 -7.03
C GLY C 701 -25.33 -50.82 -5.53
N PHE C 702 -24.98 -49.75 -4.83
CA PHE C 702 -24.87 -49.77 -3.37
C PHE C 702 -25.79 -48.75 -2.71
N LEU C 703 -26.23 -49.05 -1.49
CA LEU C 703 -27.05 -48.14 -0.70
C LEU C 703 -26.33 -47.80 0.60
N ILE C 704 -26.33 -46.53 0.96
CA ILE C 704 -25.74 -46.09 2.23
C ILE C 704 -26.80 -46.15 3.32
N LEU C 705 -26.47 -46.82 4.42
CA LEU C 705 -27.45 -47.09 5.48
C LEU C 705 -26.99 -46.57 6.84
N GLY C 706 -26.51 -45.34 6.88
CA GLY C 706 -26.14 -44.70 8.13
C GLY C 706 -24.71 -44.99 8.56
N LYS C 707 -24.41 -44.61 9.81
CA LYS C 707 -23.06 -44.72 10.35
C LYS C 707 -22.54 -46.15 10.32
N ALA C 708 -21.23 -46.31 10.15
CA ALA C 708 -20.61 -47.62 10.06
C ALA C 708 -20.65 -48.34 11.41
N ASN C 709 -20.90 -49.64 11.36
CA ASN C 709 -20.87 -50.49 12.55
C ASN C 709 -19.72 -51.48 12.46
N SER C 710 -18.87 -51.49 13.48
CA SER C 710 -17.66 -52.30 13.46
C SER C 710 -17.96 -53.79 13.38
N LYS C 711 -19.20 -54.17 13.66
CA LYS C 711 -19.61 -55.57 13.61
C LYS C 711 -19.40 -56.18 12.23
N TYR C 712 -19.31 -55.32 11.21
CA TYR C 712 -19.08 -55.77 9.84
C TYR C 712 -17.60 -55.69 9.45
N GLY C 713 -16.73 -55.79 10.45
CA GLY C 713 -15.30 -55.90 10.21
C GLY C 713 -14.61 -54.59 9.88
N PRO C 714 -13.33 -54.68 9.49
CA PRO C 714 -12.51 -53.53 9.09
C PRO C 714 -13.13 -52.74 7.93
N VAL C 715 -12.83 -51.45 7.87
CA VAL C 715 -13.45 -50.57 6.88
C VAL C 715 -12.80 -50.71 5.51
N LEU C 716 -13.60 -50.53 4.46
CA LEU C 716 -13.14 -50.67 3.08
C LEU C 716 -13.01 -49.32 2.40
N THR C 717 -12.55 -49.33 1.16
CA THR C 717 -12.49 -48.11 0.35
C THR C 717 -13.27 -48.32 -0.95
N ILE C 718 -13.49 -47.23 -1.67
CA ILE C 718 -14.33 -47.23 -2.86
C ILE C 718 -13.80 -48.18 -3.94
N GLY C 719 -12.49 -48.35 -4.00
CA GLY C 719 -11.88 -49.25 -4.96
C GLY C 719 -12.11 -50.71 -4.61
N GLU C 720 -12.41 -50.97 -3.34
CA GLU C 720 -12.63 -52.32 -2.84
C GLU C 720 -14.12 -52.63 -2.66
N LEU C 721 -14.88 -52.57 -3.75
CA LEU C 721 -16.32 -52.79 -3.67
C LEU C 721 -16.82 -53.66 -4.84
N ASP C 722 -15.95 -54.54 -5.31
CA ASP C 722 -16.33 -55.54 -6.31
C ASP C 722 -16.06 -56.94 -5.76
N LYS C 723 -16.22 -57.08 -4.44
CA LYS C 723 -16.05 -58.36 -3.77
C LYS C 723 -17.05 -58.48 -2.62
N LEU C 724 -18.33 -58.30 -2.95
CA LEU C 724 -19.41 -58.37 -1.96
C LEU C 724 -20.63 -59.06 -2.54
N GLY C 725 -21.29 -59.86 -1.71
CA GLY C 725 -22.50 -60.54 -2.12
C GLY C 725 -23.67 -59.58 -2.25
N ARG C 726 -24.58 -59.88 -3.17
CA ARG C 726 -25.74 -59.02 -3.41
C ARG C 726 -26.68 -59.04 -2.21
N GLY C 727 -26.43 -58.12 -1.28
CA GLY C 727 -27.20 -58.04 -0.05
C GLY C 727 -26.27 -57.87 1.15
N GLU C 728 -24.98 -58.07 0.93
CA GLU C 728 -23.99 -58.01 1.99
C GLU C 728 -23.74 -56.59 2.45
N LYS C 729 -23.72 -56.40 3.77
CA LYS C 729 -23.47 -55.09 4.38
C LYS C 729 -22.01 -54.96 4.82
N ALA C 730 -21.44 -53.77 4.63
CA ALA C 730 -20.03 -53.55 4.99
C ALA C 730 -19.73 -52.06 5.20
N ASN C 731 -18.62 -51.79 5.90
CA ASN C 731 -18.19 -50.41 6.21
C ASN C 731 -17.28 -49.87 5.11
N VAL C 732 -17.46 -48.59 4.79
CA VAL C 732 -16.71 -47.95 3.71
C VAL C 732 -16.30 -46.51 4.02
N LEU C 733 -15.04 -46.18 3.74
CA LEU C 733 -14.55 -44.81 3.76
C LEU C 733 -15.10 -44.05 2.55
N ILE C 734 -16.21 -43.36 2.72
CA ILE C 734 -16.93 -42.81 1.57
C ILE C 734 -16.42 -41.42 1.15
N GLY C 735 -15.94 -40.63 2.10
CA GLY C 735 -15.41 -39.32 1.78
C GLY C 735 -15.37 -38.35 2.95
N GLN C 736 -14.50 -37.34 2.85
CA GLN C 736 -14.33 -36.33 3.89
C GLN C 736 -14.18 -36.97 5.27
N GLY C 737 -13.30 -37.97 5.35
CA GLY C 737 -13.05 -38.67 6.60
C GLY C 737 -14.29 -39.21 7.27
N ASP C 738 -15.18 -39.80 6.48
CA ASP C 738 -16.42 -40.39 7.01
C ASP C 738 -16.56 -41.86 6.64
N THR C 739 -16.78 -42.69 7.65
CA THR C 739 -17.09 -44.10 7.44
C THR C 739 -18.60 -44.30 7.51
N VAL C 740 -19.12 -45.18 6.67
CA VAL C 740 -20.57 -45.45 6.63
C VAL C 740 -20.86 -46.90 6.31
N LEU C 741 -22.03 -47.37 6.77
CA LEU C 741 -22.49 -48.72 6.48
C LEU C 741 -23.10 -48.75 5.08
N VAL C 742 -22.67 -49.71 4.26
CA VAL C 742 -23.10 -49.79 2.87
C VAL C 742 -23.59 -51.18 2.52
N MET C 743 -24.65 -51.25 1.72
CA MET C 743 -25.23 -52.53 1.29
C MET C 743 -25.32 -52.59 -0.24
N LYS C 744 -24.91 -53.74 -0.79
CA LYS C 744 -25.06 -53.99 -2.22
C LYS C 744 -26.47 -54.46 -2.52
N ARG C 745 -27.18 -53.71 -3.37
CA ARG C 745 -28.58 -54.01 -3.67
C ARG C 745 -28.67 -55.20 -4.62
N LYS C 746 -29.82 -55.88 -4.60
CA LYS C 746 -30.00 -57.11 -5.37
C LYS C 746 -30.22 -56.84 -6.86
N ARG C 747 -31.23 -56.04 -7.18
CA ARG C 747 -31.53 -55.72 -8.58
C ARG C 747 -30.44 -54.84 -9.18
N ASP C 748 -30.52 -54.62 -10.49
CA ASP C 748 -29.55 -53.82 -11.21
C ASP C 748 -30.28 -52.81 -12.10
N SER C 749 -30.12 -51.53 -11.77
CA SER C 749 -30.81 -50.46 -12.49
C SER C 749 -30.34 -50.35 -13.94
ZN ZN F . -22.68 23.77 2.28
P PO4 G . -40.70 3.24 12.96
O1 PO4 G . -41.55 4.25 12.24
O2 PO4 G . -39.24 3.56 12.75
O3 PO4 G . -40.99 1.85 12.44
O4 PO4 G . -41.01 3.30 14.44
P PO4 H . -39.14 15.06 16.96
O1 PO4 H . -39.46 15.83 15.69
O2 PO4 H . -37.74 14.51 16.90
O3 PO4 H . -40.13 13.92 17.09
O4 PO4 H . -39.26 15.98 18.15
P PO4 I . -44.79 13.27 35.69
O1 PO4 I . -44.45 14.73 35.50
O2 PO4 I . -43.90 12.43 34.79
O3 PO4 I . -46.23 13.03 35.31
O4 PO4 I . -44.56 12.88 37.13
P PO4 J . -21.72 6.18 33.44
O1 PO4 J . -21.40 5.62 32.08
O2 PO4 J . -20.44 6.41 34.22
O3 PO4 J . -22.43 7.50 33.28
O4 PO4 J . -22.59 5.20 34.18
P PO4 K . -2.07 -10.48 22.66
O1 PO4 K . -2.64 -9.56 21.61
O2 PO4 K . -0.64 -10.82 22.30
O3 PO4 K . -2.09 -9.78 24.00
O4 PO4 K . -2.91 -11.73 22.72
P PO4 L . -15.11 31.42 10.34
O1 PO4 L . -14.18 31.25 9.17
O2 PO4 L . -15.75 32.78 10.28
O3 PO4 L . -14.32 31.28 11.63
O4 PO4 L . -16.17 30.35 10.29
P PO4 M . -3.11 -3.82 -3.34
O1 PO4 M . -3.26 -3.37 -4.76
O2 PO4 M . -2.19 -2.86 -2.62
O3 PO4 M . -4.46 -3.85 -2.65
O4 PO4 M . -2.51 -5.21 -3.31
P PO4 N . -17.61 13.13 6.59
O1 PO4 N . -16.82 13.46 5.34
O2 PO4 N . -16.98 13.79 7.80
O3 PO4 N . -19.03 13.64 6.42
O4 PO4 N . -17.63 11.64 6.77
P PO4 O . -23.16 -15.89 1.11
O1 PO4 O . -22.13 -15.20 0.24
O2 PO4 O . -23.02 -17.38 0.98
O3 PO4 O . -24.55 -15.49 0.69
O4 PO4 O . -22.94 -15.49 2.56
P PO4 P . 7.15 -7.61 14.08
O1 PO4 P . 7.31 -7.60 12.58
O2 PO4 P . 8.22 -8.48 14.70
O3 PO4 P . 7.28 -6.20 14.61
O4 PO4 P . 5.80 -8.18 14.43
P PO4 Q . -18.14 13.84 -18.15
O1 PO4 Q . -17.15 14.35 -19.15
O2 PO4 Q . -18.09 12.32 -18.11
O3 PO4 Q . -19.54 14.27 -18.54
O4 PO4 Q . -17.80 14.39 -16.78
P PO4 R . -2.37 -6.88 16.61
O1 PO4 R . -1.39 -6.93 15.46
O2 PO4 R . -2.90 -5.48 16.76
O3 PO4 R . -1.68 -7.29 17.89
O4 PO4 R . -3.51 -7.84 16.33
P PO4 S . -3.29 -1.90 0.72
O1 PO4 S . -2.14 -1.31 -0.06
O2 PO4 S . -4.53 -1.05 0.51
O3 PO4 S . -2.94 -1.91 2.20
O4 PO4 S . -3.55 -3.30 0.25
P PO4 T . -3.76 -23.24 -30.13
O1 PO4 T . -3.43 -22.61 -31.46
O2 PO4 T . -3.28 -22.32 -29.02
O3 PO4 T . -5.24 -23.45 -29.99
O4 PO4 T . -3.08 -24.58 -30.02
P PO4 U . -4.54 33.71 15.14
O1 PO4 U . -4.35 33.30 13.70
O2 PO4 U . -3.99 35.11 15.35
O3 PO4 U . -6.02 33.70 15.49
O4 PO4 U . -3.82 32.74 16.04
P PO4 V . 0.64 -4.71 -4.83
O1 PO4 V . 1.87 -5.09 -5.63
O2 PO4 V . 0.79 -3.30 -4.30
O3 PO4 V . 0.46 -5.67 -3.69
O4 PO4 V . -0.57 -4.77 -5.74
#